data_4NKZ
#
_entry.id   4NKZ
#
_cell.length_a   85.820
_cell.length_b   151.093
_cell.length_c   170.342
_cell.angle_alpha   90.00
_cell.angle_beta   90.00
_cell.angle_gamma   90.00
#
_symmetry.space_group_name_H-M   'P 21 21 21'
#
loop_
_entity.id
_entity.type
_entity.pdbx_description
1 polymer 'Steroid 17-alpha-hydroxylase/17,20 lyase'
2 non-polymer 'PROTOPORPHYRIN IX CONTAINING FE'
3 non-polymer (3alpha,8alpha)-3,17-dihydroxypregn-5-en-20-one
4 water water
#
_entity_poly.entity_id   1
_entity_poly.type   'polypeptide(L)'
_entity_poly.pdbx_seq_one_letter_code
;MAKKTGAKYPKSLLSLPLVGSLPFLPRHGHMHNNFFKLQKKYGPIYSVRMGTKTTVIVGHHQLAKEVLIKKGKDFSGRPQ
MATLDILSNNRKGIAFADSGAHWQLHRRLAMATFALFKDGDQKLEKIICQEISTLCDMLATHNGQSIDISFPVFVAVTNV
ISLICFNTSYKNGDPELNVIQNYNEGIIDNLSKDSLVDLVPWLKIFPNKTLEKLKSHVKIRNDLLNKILENYKEKFRSDS
ITNMLDTLMQAKMNSDNGNAGPDQDSELLSDNHILTTIGDIFGAGVETTTSVVKWTLAFLLHNPQVKKKLYEEIDQNVGF
SRTPTISDRNRLLLLEATIREVLRLRPVAPMLIPHKANVDSSIGEFAVDKGTEVIINLWALHHNEKEWHQPDQFMPERFL
NPAGTQLISPSVSYLPFGAGPRSCIGEILARQELFLIMAWLLQRFDLEVPDDGQLPSLEGIPKVVFLIDSFKVKIKVRQA
WREAQAEGSTHHHH
;
_entity_poly.pdbx_strand_id   A,B,C,D
#
# COMPACT_ATOMS: atom_id res chain seq x y z
N LEU A 13 18.33 -21.59 39.21
CA LEU A 13 17.56 -20.60 38.47
C LEU A 13 16.25 -21.20 37.98
N LEU A 14 15.15 -20.50 38.29
CA LEU A 14 13.80 -21.03 38.13
C LEU A 14 13.13 -20.56 36.84
N SER A 15 12.04 -21.24 36.49
CA SER A 15 11.25 -20.96 35.30
C SER A 15 10.20 -19.89 35.60
N LEU A 16 9.92 -19.00 34.67
CA LEU A 16 8.91 -17.96 34.91
C LEU A 16 7.50 -18.55 35.02
N PRO A 17 6.67 -18.04 35.94
CA PRO A 17 5.25 -18.41 35.93
C PRO A 17 4.63 -18.14 34.56
N LEU A 18 3.70 -18.97 34.13
CA LEU A 18 3.12 -18.86 32.82
C LEU A 18 1.60 -18.69 32.92
N VAL A 19 1.14 -17.52 32.53
CA VAL A 19 -0.28 -17.19 32.59
C VAL A 19 -1.08 -17.62 31.37
N GLY A 20 -0.39 -17.75 30.24
CA GLY A 20 -1.05 -18.10 29.00
C GLY A 20 -0.06 -18.66 27.99
N SER A 21 -0.55 -19.47 27.07
CA SER A 21 0.30 -20.05 26.05
C SER A 21 -0.56 -20.32 24.84
N LEU A 22 -0.11 -19.85 23.70
CA LEU A 22 -0.74 -20.18 22.44
C LEU A 22 0.36 -20.77 21.56
N PRO A 23 0.02 -21.76 20.75
CA PRO A 23 1.05 -22.49 20.02
C PRO A 23 1.64 -21.68 18.87
N PHE A 24 0.93 -20.64 18.45
CA PHE A 24 1.45 -19.74 17.42
C PHE A 24 0.97 -18.31 17.62
N LEU A 25 1.55 -17.37 16.84
CA LEU A 25 1.25 -15.94 17.00
C LEU A 25 -0.11 -15.58 16.40
N PRO A 26 -0.93 -14.83 17.16
CA PRO A 26 -2.18 -14.37 16.58
C PRO A 26 -2.01 -13.33 15.44
N ARG A 27 -2.89 -13.45 14.45
CA ARG A 27 -2.97 -12.57 13.30
C ARG A 27 -1.67 -12.52 12.52
N HIS A 28 -0.95 -13.63 12.53
CA HIS A 28 0.24 -13.77 11.72
C HIS A 28 0.09 -15.07 10.92
N GLY A 29 -0.09 -14.94 9.61
CA GLY A 29 -0.37 -16.05 8.73
C GLY A 29 -1.82 -16.45 8.86
N HIS A 30 -2.31 -17.30 7.94
CA HIS A 30 -3.70 -17.75 7.97
C HIS A 30 -3.96 -18.79 9.05
N MET A 31 -5.06 -18.63 9.77
CA MET A 31 -5.40 -19.51 10.88
C MET A 31 -5.47 -20.96 10.44
N HIS A 32 -6.18 -21.20 9.34
CA HIS A 32 -6.43 -22.56 8.89
C HIS A 32 -5.12 -23.24 8.51
N ASN A 33 -4.11 -22.45 8.16
CA ASN A 33 -2.83 -23.01 7.78
C ASN A 33 -1.91 -23.13 8.99
N ASN A 34 -2.06 -22.24 9.97
CA ASN A 34 -1.28 -22.35 11.20
C ASN A 34 -1.68 -23.56 12.00
N PHE A 35 -2.98 -23.87 11.96
CA PHE A 35 -3.53 -25.03 12.63
C PHE A 35 -3.01 -26.29 11.95
N PHE A 36 -3.09 -26.30 10.62
CA PHE A 36 -2.57 -27.39 9.82
C PHE A 36 -1.10 -27.71 10.16
N LYS A 37 -0.29 -26.67 10.26
CA LYS A 37 1.14 -26.83 10.54
C LYS A 37 1.36 -27.50 11.90
N LEU A 38 0.52 -27.22 12.87
CA LEU A 38 0.70 -27.83 14.18
C LEU A 38 0.61 -29.36 14.15
N GLN A 39 -0.05 -29.91 13.13
CA GLN A 39 -0.28 -31.36 13.08
C GLN A 39 1.04 -32.15 13.01
N LYS A 40 2.08 -31.53 12.50
CA LYS A 40 3.38 -32.16 12.43
C LYS A 40 3.84 -32.51 13.86
N LYS A 41 3.29 -31.82 14.87
CA LYS A 41 3.81 -31.89 16.24
C LYS A 41 2.88 -32.67 17.20
N TYR A 42 1.59 -32.49 17.00
CA TYR A 42 0.59 -32.93 17.95
C TYR A 42 -0.35 -33.98 17.37
N GLY A 43 -0.25 -34.23 16.07
CA GLY A 43 -1.12 -35.19 15.44
C GLY A 43 -2.35 -34.50 14.86
N PRO A 44 -3.25 -35.29 14.25
CA PRO A 44 -4.39 -34.73 13.51
C PRO A 44 -5.52 -34.15 14.36
N ILE A 45 -5.48 -34.30 15.70
CA ILE A 45 -6.55 -33.75 16.54
C ILE A 45 -6.00 -33.23 17.86
N TYR A 46 -6.44 -32.03 18.26
CA TYR A 46 -5.94 -31.41 19.49
C TYR A 46 -6.86 -30.27 19.90
N SER A 47 -6.62 -29.76 21.11
CA SER A 47 -7.52 -28.80 21.72
C SER A 47 -6.86 -27.57 22.29
N VAL A 48 -7.61 -26.47 22.36
CA VAL A 48 -7.14 -25.22 22.96
C VAL A 48 -8.25 -24.69 23.90
N ARG A 49 -7.85 -24.08 25.01
CA ARG A 49 -8.82 -23.61 26.01
C ARG A 49 -8.72 -22.10 26.25
N MET A 50 -9.85 -21.39 26.08
CA MET A 50 -9.92 -19.94 26.32
C MET A 50 -10.88 -19.73 27.50
N GLY A 51 -10.35 -19.55 28.70
CA GLY A 51 -11.15 -19.52 29.93
C GLY A 51 -11.83 -20.84 30.26
N THR A 52 -13.10 -21.00 29.87
CA THR A 52 -13.85 -22.25 30.14
C THR A 52 -14.10 -22.98 28.84
N LYS A 53 -14.31 -22.21 27.77
CA LYS A 53 -14.54 -22.80 26.46
C LYS A 53 -13.32 -23.57 26.01
N THR A 54 -13.58 -24.79 25.56
CA THR A 54 -12.57 -25.63 24.97
C THR A 54 -12.92 -25.82 23.50
N THR A 55 -11.91 -25.74 22.64
CA THR A 55 -12.13 -25.85 21.21
C THR A 55 -11.24 -26.96 20.75
N VAL A 56 -11.82 -27.87 19.98
CA VAL A 56 -11.11 -28.99 19.41
C VAL A 56 -11.00 -28.82 17.90
N ILE A 57 -9.79 -28.97 17.36
CA ILE A 57 -9.58 -28.87 15.92
C ILE A 57 -9.25 -30.25 15.38
N VAL A 58 -9.96 -30.66 14.32
CA VAL A 58 -9.74 -31.97 13.69
C VAL A 58 -9.24 -31.75 12.31
N GLY A 59 -8.14 -32.39 11.96
CA GLY A 59 -7.50 -32.16 10.67
C GLY A 59 -7.16 -33.35 9.81
N HIS A 60 -7.84 -34.47 10.07
CA HIS A 60 -7.71 -35.71 9.29
C HIS A 60 -9.11 -36.17 8.91
N HIS A 61 -9.25 -36.69 7.71
CA HIS A 61 -10.56 -36.96 7.12
C HIS A 61 -11.30 -38.07 7.84
N GLN A 62 -10.58 -39.07 8.36
CA GLN A 62 -11.26 -40.12 9.10
C GLN A 62 -11.97 -39.59 10.36
N LEU A 63 -11.29 -38.78 11.15
CA LEU A 63 -11.89 -38.19 12.34
C LEU A 63 -12.99 -37.21 11.93
N ALA A 64 -12.76 -36.49 10.84
CA ALA A 64 -13.73 -35.53 10.35
C ALA A 64 -15.02 -36.24 9.94
N LYS A 65 -14.94 -37.37 9.24
CA LYS A 65 -16.16 -38.06 8.84
C LYS A 65 -16.84 -38.76 10.01
N GLU A 66 -16.10 -39.00 11.07
CA GLU A 66 -16.74 -39.45 12.31
C GLU A 66 -17.58 -38.30 12.89
N VAL A 67 -16.99 -37.11 12.97
CA VAL A 67 -17.66 -35.93 13.53
C VAL A 67 -18.88 -35.43 12.70
N LEU A 68 -18.79 -35.53 11.38
CA LEU A 68 -19.79 -34.98 10.49
C LEU A 68 -20.87 -35.99 10.03
N ILE A 69 -20.52 -37.28 10.03
CA ILE A 69 -21.41 -38.30 9.48
C ILE A 69 -21.72 -39.38 10.52
N LYS A 70 -20.74 -40.20 10.81
CA LYS A 70 -20.87 -41.30 11.76
C LYS A 70 -21.49 -40.89 13.10
N LYS A 71 -21.27 -39.64 13.50
CA LYS A 71 -21.86 -39.09 14.72
C LYS A 71 -22.44 -37.70 14.45
N GLY A 72 -22.92 -37.51 13.22
CA GLY A 72 -23.52 -36.25 12.82
C GLY A 72 -24.46 -35.58 13.81
N LYS A 73 -25.44 -36.32 14.31
CA LYS A 73 -26.41 -35.74 15.23
C LYS A 73 -25.77 -35.27 16.55
N ASP A 74 -24.68 -35.89 16.97
CA ASP A 74 -24.04 -35.54 18.23
C ASP A 74 -23.37 -34.16 18.16
N PHE A 75 -22.79 -33.86 17.01
CA PHE A 75 -22.00 -32.64 16.81
C PHE A 75 -22.70 -31.61 15.90
N SER A 76 -24.02 -31.61 15.91
CA SER A 76 -24.79 -30.84 14.95
C SER A 76 -25.10 -29.42 15.46
N GLY A 77 -24.53 -29.07 16.60
CA GLY A 77 -24.74 -27.77 17.20
C GLY A 77 -23.88 -26.67 16.59
N ARG A 78 -24.19 -25.43 16.91
CA ARG A 78 -23.37 -24.26 16.54
C ARG A 78 -22.93 -23.55 17.82
N PRO A 79 -21.66 -23.13 17.88
CA PRO A 79 -21.31 -22.28 19.02
C PRO A 79 -21.99 -20.94 18.90
N GLN A 80 -22.07 -20.24 20.01
CA GLN A 80 -22.65 -18.92 20.05
C GLN A 80 -21.55 -17.90 19.94
N MET A 81 -21.72 -16.94 19.02
CA MET A 81 -20.75 -15.88 18.89
C MET A 81 -21.54 -14.57 18.83
N ALA A 82 -20.94 -13.55 19.43
CA ALA A 82 -21.53 -12.22 19.56
C ALA A 82 -21.88 -11.62 18.23
N THR A 83 -20.95 -11.79 17.29
CA THR A 83 -21.12 -11.25 15.96
C THR A 83 -22.21 -12.01 15.18
N LEU A 84 -22.21 -13.34 15.28
CA LEU A 84 -23.19 -14.18 14.59
C LEU A 84 -24.62 -13.94 15.12
N ASP A 85 -24.69 -13.62 16.41
CA ASP A 85 -25.98 -13.30 17.06
C ASP A 85 -26.68 -12.13 16.38
N ILE A 86 -25.92 -11.11 16.02
CA ILE A 86 -26.50 -9.95 15.39
C ILE A 86 -27.01 -10.31 14.01
N LEU A 87 -26.21 -11.05 13.27
CA LEU A 87 -26.55 -11.44 11.91
C LEU A 87 -27.72 -12.42 11.85
N SER A 88 -27.78 -13.33 12.80
CA SER A 88 -28.78 -14.39 12.77
C SER A 88 -30.04 -13.98 13.56
N ASN A 89 -30.06 -12.74 14.03
CA ASN A 89 -31.15 -12.18 14.83
C ASN A 89 -31.39 -13.13 16.01
N ASN A 90 -30.32 -13.29 16.78
CA ASN A 90 -30.23 -14.15 17.96
C ASN A 90 -30.47 -15.64 17.66
N ARG A 91 -29.68 -16.17 16.72
CA ARG A 91 -29.57 -17.61 16.43
C ARG A 91 -30.81 -18.20 15.77
N LYS A 92 -31.47 -17.39 14.94
CA LYS A 92 -32.58 -17.87 14.12
C LYS A 92 -32.05 -18.19 12.75
N GLY A 93 -32.94 -18.53 11.84
CA GLY A 93 -32.52 -19.00 10.53
C GLY A 93 -32.00 -20.43 10.46
N ILE A 94 -30.96 -20.63 9.64
CA ILE A 94 -30.45 -21.97 9.36
C ILE A 94 -28.98 -22.09 9.72
N ALA A 95 -28.13 -21.34 9.01
CA ALA A 95 -26.70 -21.60 9.01
C ALA A 95 -26.08 -21.42 10.41
N PHE A 96 -26.58 -20.44 11.17
CA PHE A 96 -26.00 -20.06 12.48
C PHE A 96 -26.92 -20.36 13.67
N ALA A 97 -28.04 -21.02 13.38
CA ALA A 97 -28.97 -21.51 14.39
C ALA A 97 -28.43 -22.78 15.07
N ASP A 98 -28.73 -22.95 16.36
CA ASP A 98 -28.34 -24.18 17.04
C ASP A 98 -29.27 -25.33 16.61
N SER A 99 -28.85 -26.57 16.83
CA SER A 99 -29.70 -27.71 16.48
C SER A 99 -30.94 -27.68 17.37
N GLY A 100 -32.10 -27.78 16.75
CA GLY A 100 -33.35 -27.66 17.48
C GLY A 100 -34.50 -27.75 16.52
N ALA A 101 -35.71 -27.50 17.03
CA ALA A 101 -36.89 -27.68 16.22
C ALA A 101 -36.93 -26.65 15.11
N HIS A 102 -36.48 -25.44 15.43
CA HIS A 102 -36.46 -24.31 14.50
C HIS A 102 -35.47 -24.54 13.38
N TRP A 103 -34.25 -24.94 13.72
CA TRP A 103 -33.24 -25.20 12.70
C TRP A 103 -33.69 -26.29 11.72
N GLN A 104 -34.06 -27.44 12.28
CA GLN A 104 -34.48 -28.62 11.51
C GLN A 104 -35.65 -28.33 10.59
N LEU A 105 -36.63 -27.59 11.11
CA LEU A 105 -37.84 -27.23 10.35
C LEU A 105 -37.47 -26.43 9.12
N HIS A 106 -36.76 -25.32 9.33
CA HIS A 106 -36.41 -24.42 8.24
C HIS A 106 -35.45 -25.04 7.21
N ARG A 107 -34.53 -25.87 7.67
CA ARG A 107 -33.63 -26.54 6.74
C ARG A 107 -34.39 -27.41 5.78
N ARG A 108 -35.34 -28.15 6.33
CA ARG A 108 -36.17 -29.07 5.57
C ARG A 108 -36.98 -28.30 4.53
N LEU A 109 -37.69 -27.28 4.98
CA LEU A 109 -38.54 -26.50 4.11
C LEU A 109 -37.72 -25.89 3.00
N ALA A 110 -36.55 -25.36 3.34
CA ALA A 110 -35.68 -24.74 2.36
C ALA A 110 -35.29 -25.79 1.30
N MET A 111 -34.90 -26.97 1.74
CA MET A 111 -34.52 -28.06 0.84
C MET A 111 -35.72 -28.44 -0.02
N ALA A 112 -36.91 -28.34 0.58
CA ALA A 112 -38.14 -28.74 -0.09
C ALA A 112 -38.46 -27.82 -1.25
N THR A 113 -38.18 -26.53 -1.06
CA THR A 113 -38.45 -25.51 -2.08
C THR A 113 -37.73 -25.80 -3.38
N PHE A 114 -36.49 -26.28 -3.29
CA PHE A 114 -35.68 -26.56 -4.48
C PHE A 114 -36.36 -27.60 -5.39
N ALA A 115 -37.28 -28.36 -4.80
CA ALA A 115 -38.04 -29.39 -5.51
C ALA A 115 -38.97 -28.70 -6.49
N LEU A 116 -39.43 -27.49 -6.11
CA LEU A 116 -40.37 -26.73 -6.92
C LEU A 116 -39.78 -26.16 -8.20
N PHE A 117 -38.55 -26.53 -8.57
CA PHE A 117 -37.94 -25.98 -9.79
C PHE A 117 -37.26 -27.12 -10.53
N LYS A 118 -37.79 -28.31 -10.26
CA LYS A 118 -37.22 -29.55 -10.73
C LYS A 118 -38.02 -29.69 -12.03
N ASP A 119 -37.37 -29.93 -13.17
CA ASP A 119 -38.05 -30.13 -14.47
C ASP A 119 -39.51 -29.65 -14.53
N GLN A 122 -40.51 -23.03 -15.35
CA GLN A 122 -39.66 -22.48 -14.31
C GLN A 122 -38.70 -23.55 -13.78
N LYS A 123 -38.11 -24.29 -14.73
CA LYS A 123 -37.04 -25.25 -14.45
C LYS A 123 -35.74 -24.55 -14.10
N LEU A 124 -35.08 -24.99 -13.03
CA LEU A 124 -33.92 -24.27 -12.51
C LEU A 124 -32.86 -23.95 -13.54
N GLU A 125 -32.54 -24.93 -14.38
CA GLU A 125 -31.56 -24.77 -15.47
C GLU A 125 -31.94 -23.62 -16.41
N LYS A 126 -33.24 -23.43 -16.59
CA LYS A 126 -33.78 -22.44 -17.53
C LYS A 126 -33.77 -21.04 -16.93
N ILE A 127 -33.95 -20.99 -15.61
CA ILE A 127 -33.85 -19.76 -14.83
C ILE A 127 -32.42 -19.22 -14.88
N ILE A 128 -31.48 -20.11 -14.61
CA ILE A 128 -30.05 -19.76 -14.58
C ILE A 128 -29.60 -19.22 -15.94
N CYS A 129 -29.86 -19.96 -17.00
CA CYS A 129 -29.34 -19.58 -18.31
C CYS A 129 -29.98 -18.28 -18.76
N GLN A 130 -31.18 -17.99 -18.23
CA GLN A 130 -31.86 -16.74 -18.54
C GLN A 130 -30.98 -15.56 -18.10
N GLU A 131 -30.55 -15.57 -16.83
CA GLU A 131 -29.79 -14.46 -16.24
C GLU A 131 -28.35 -14.44 -16.75
N ILE A 132 -27.83 -15.59 -17.19
CA ILE A 132 -26.49 -15.64 -17.72
C ILE A 132 -26.48 -14.98 -19.10
N SER A 133 -27.58 -15.15 -19.85
CA SER A 133 -27.66 -14.55 -21.17
C SER A 133 -27.58 -13.03 -21.04
N THR A 134 -28.28 -12.48 -20.06
CA THR A 134 -28.26 -11.06 -19.79
C THR A 134 -26.87 -10.63 -19.32
N LEU A 135 -26.25 -11.45 -18.47
CA LEU A 135 -24.88 -11.21 -18.02
C LEU A 135 -23.86 -11.08 -19.16
N CYS A 136 -23.98 -11.96 -20.15
CA CYS A 136 -23.04 -12.00 -21.27
C CYS A 136 -23.24 -10.85 -22.25
N ASP A 137 -24.48 -10.38 -22.39
CA ASP A 137 -24.75 -9.24 -23.25
C ASP A 137 -24.16 -7.96 -22.63
N MET A 138 -24.27 -7.80 -21.31
CA MET A 138 -23.65 -6.67 -20.61
C MET A 138 -22.15 -6.66 -20.90
N LEU A 139 -21.49 -7.79 -20.65
CA LEU A 139 -20.05 -7.88 -20.75
C LEU A 139 -19.56 -7.72 -22.20
N ALA A 140 -20.42 -8.04 -23.17
CA ALA A 140 -20.05 -7.87 -24.57
C ALA A 140 -19.80 -6.40 -24.92
N THR A 141 -20.58 -5.50 -24.31
CA THR A 141 -20.42 -4.06 -24.54
C THR A 141 -19.04 -3.62 -24.09
N HIS A 142 -18.43 -4.37 -23.15
CA HIS A 142 -17.13 -3.99 -22.60
C HIS A 142 -16.00 -4.61 -23.42
N ASN A 143 -16.34 -5.02 -24.64
CA ASN A 143 -15.40 -5.61 -25.59
C ASN A 143 -14.12 -4.80 -25.75
N GLY A 144 -12.98 -5.35 -25.39
CA GLY A 144 -11.70 -4.69 -25.61
C GLY A 144 -11.23 -3.92 -24.38
N GLN A 145 -12.04 -3.93 -23.33
CA GLN A 145 -11.73 -3.19 -22.11
C GLN A 145 -11.33 -4.17 -21.01
N SER A 146 -10.59 -3.68 -20.03
CA SER A 146 -10.27 -4.47 -18.85
C SER A 146 -11.20 -4.07 -17.72
N ILE A 147 -11.96 -5.01 -17.19
CA ILE A 147 -12.91 -4.69 -16.13
C ILE A 147 -12.82 -5.65 -14.96
N ASP A 148 -13.35 -5.22 -13.82
CA ASP A 148 -13.66 -6.15 -12.73
C ASP A 148 -15.06 -6.67 -13.03
N ILE A 149 -15.19 -7.99 -13.01
CA ILE A 149 -16.45 -8.64 -13.35
C ILE A 149 -17.26 -9.01 -12.10
N SER A 150 -16.81 -8.56 -10.93
CA SER A 150 -17.46 -8.88 -9.66
C SER A 150 -18.95 -8.58 -9.68
N PHE A 151 -19.29 -7.32 -9.98
CA PHE A 151 -20.65 -6.81 -9.86
C PHE A 151 -21.62 -7.45 -10.90
N PRO A 152 -21.24 -7.46 -12.19
CA PRO A 152 -22.13 -8.12 -13.16
C PRO A 152 -22.55 -9.57 -12.79
N VAL A 153 -21.61 -10.35 -12.25
CA VAL A 153 -21.88 -11.70 -11.76
C VAL A 153 -22.74 -11.65 -10.49
N PHE A 154 -22.44 -10.71 -9.61
CA PHE A 154 -23.25 -10.50 -8.40
C PHE A 154 -24.71 -10.33 -8.80
N VAL A 155 -24.95 -9.51 -9.83
CA VAL A 155 -26.30 -9.21 -10.30
C VAL A 155 -26.96 -10.48 -10.84
N ALA A 156 -26.18 -11.28 -11.58
CA ALA A 156 -26.70 -12.49 -12.22
C ALA A 156 -27.24 -13.47 -11.19
N VAL A 157 -26.39 -13.82 -10.21
CA VAL A 157 -26.77 -14.82 -9.22
C VAL A 157 -27.82 -14.29 -8.23
N THR A 158 -27.83 -12.98 -8.01
CA THR A 158 -28.79 -12.34 -7.11
C THR A 158 -30.19 -12.53 -7.64
N ASN A 159 -30.33 -12.41 -8.95
CA ASN A 159 -31.62 -12.56 -9.59
C ASN A 159 -32.10 -14.01 -9.53
N VAL A 160 -31.18 -14.94 -9.75
CA VAL A 160 -31.50 -16.37 -9.64
C VAL A 160 -32.08 -16.71 -8.27
N ILE A 161 -31.41 -16.23 -7.23
CA ILE A 161 -31.80 -16.56 -5.87
C ILE A 161 -33.10 -15.82 -5.52
N SER A 162 -33.30 -14.68 -6.17
CA SER A 162 -34.46 -13.85 -5.93
C SER A 162 -35.70 -14.50 -6.54
N LEU A 163 -35.55 -15.02 -7.75
CA LEU A 163 -36.60 -15.79 -8.43
C LEU A 163 -37.04 -17.02 -7.63
N ILE A 164 -36.08 -17.69 -6.99
CA ILE A 164 -36.35 -18.88 -6.19
C ILE A 164 -37.08 -18.48 -4.91
N CYS A 165 -36.77 -17.29 -4.39
CA CYS A 165 -37.30 -16.81 -3.12
C CYS A 165 -38.65 -16.09 -3.31
N PHE A 166 -38.77 -15.28 -4.36
CA PHE A 166 -39.93 -14.41 -4.56
C PHE A 166 -40.55 -14.50 -5.95
N ASN A 167 -39.96 -15.26 -6.86
CA ASN A 167 -40.34 -15.17 -8.28
C ASN A 167 -40.25 -13.70 -8.78
N THR A 168 -39.29 -12.93 -8.24
CA THR A 168 -38.98 -11.58 -8.71
C THR A 168 -37.49 -11.45 -9.11
N SER A 169 -37.21 -10.51 -10.02
CA SER A 169 -35.82 -10.20 -10.40
C SER A 169 -35.67 -8.71 -10.62
N TYR A 170 -34.50 -8.20 -10.26
CA TYR A 170 -34.17 -6.78 -10.37
C TYR A 170 -33.70 -6.46 -11.77
N LYS A 171 -34.09 -5.32 -12.33
CA LYS A 171 -33.56 -4.94 -13.66
C LYS A 171 -32.25 -4.21 -13.53
N ASN A 172 -31.50 -4.13 -14.63
CA ASN A 172 -30.21 -3.45 -14.65
C ASN A 172 -30.32 -2.03 -14.16
N GLY A 173 -29.44 -1.66 -13.25
CA GLY A 173 -29.36 -0.29 -12.78
C GLY A 173 -30.28 -0.04 -11.61
N ASP A 174 -30.95 -1.08 -11.12
CA ASP A 174 -31.75 -0.95 -9.92
C ASP A 174 -30.80 -0.65 -8.78
N PRO A 175 -30.94 0.51 -8.14
CA PRO A 175 -29.93 0.81 -7.13
C PRO A 175 -30.08 -0.05 -5.88
N GLU A 176 -31.22 -0.74 -5.75
CA GLU A 176 -31.37 -1.70 -4.65
C GLU A 176 -30.27 -2.78 -4.75
N LEU A 177 -29.79 -3.05 -5.97
CA LEU A 177 -28.68 -3.97 -6.17
C LEU A 177 -27.39 -3.48 -5.52
N ASN A 178 -27.16 -2.18 -5.64
CA ASN A 178 -25.95 -1.55 -5.09
C ASN A 178 -26.03 -1.43 -3.58
N VAL A 179 -27.26 -1.27 -3.08
CA VAL A 179 -27.51 -1.26 -1.64
C VAL A 179 -27.22 -2.61 -1.00
N ILE A 180 -27.61 -3.68 -1.71
CA ILE A 180 -27.34 -5.07 -1.29
C ILE A 180 -25.86 -5.40 -1.31
N GLN A 181 -25.18 -4.99 -2.39
CA GLN A 181 -23.74 -5.16 -2.51
C GLN A 181 -23.05 -4.49 -1.31
N ASN A 182 -23.57 -3.31 -0.94
CA ASN A 182 -22.95 -2.47 0.10
C ASN A 182 -23.04 -3.10 1.49
N TYR A 183 -24.22 -3.61 1.86
CA TYR A 183 -24.37 -4.20 3.19
C TYR A 183 -23.83 -5.62 3.28
N ASN A 184 -23.73 -6.32 2.14
CA ASN A 184 -23.04 -7.61 2.14
C ASN A 184 -21.55 -7.48 2.37
N GLU A 185 -20.91 -6.52 1.72
CA GLU A 185 -19.50 -6.31 1.93
C GLU A 185 -19.25 -5.88 3.38
N GLY A 186 -20.16 -5.07 3.92
CA GLY A 186 -20.03 -4.57 5.27
C GLY A 186 -20.25 -5.62 6.35
N ILE A 187 -21.25 -6.48 6.13
CA ILE A 187 -21.46 -7.66 6.98
C ILE A 187 -20.23 -8.58 6.99
N ILE A 188 -19.70 -8.91 5.82
CA ILE A 188 -18.58 -9.84 5.74
C ILE A 188 -17.34 -9.23 6.40
N ASP A 189 -17.11 -7.96 6.15
CA ASP A 189 -15.93 -7.26 6.70
C ASP A 189 -15.88 -7.27 8.23
N ASN A 190 -17.05 -7.11 8.87
CA ASN A 190 -17.11 -6.98 10.33
C ASN A 190 -17.52 -8.25 11.06
N LEU A 191 -18.02 -9.23 10.32
CA LEU A 191 -18.42 -10.49 10.94
C LEU A 191 -17.19 -11.11 11.62
N SER A 192 -16.03 -11.00 10.97
CA SER A 192 -14.79 -11.56 11.52
C SER A 192 -13.53 -10.95 10.88
N LYS A 193 -12.47 -10.78 11.65
CA LYS A 193 -11.25 -10.24 11.07
C LYS A 193 -10.72 -11.26 10.06
N ASP A 194 -10.40 -12.46 10.55
CA ASP A 194 -10.08 -13.55 9.66
C ASP A 194 -11.23 -14.57 9.54
N SER A 195 -10.99 -15.83 9.90
CA SER A 195 -12.03 -16.84 9.88
C SER A 195 -12.96 -16.52 11.05
N LEU A 196 -14.07 -17.25 11.13
CA LEU A 196 -14.98 -17.18 12.26
C LEU A 196 -14.29 -17.74 13.50
N VAL A 197 -13.17 -18.41 13.26
CA VAL A 197 -12.41 -19.05 14.31
C VAL A 197 -11.28 -18.15 14.77
N ASP A 198 -11.60 -17.43 15.84
CA ASP A 198 -10.65 -16.60 16.54
C ASP A 198 -10.14 -17.32 17.76
N LEU A 199 -8.82 -17.37 17.91
CA LEU A 199 -8.25 -17.90 19.12
C LEU A 199 -8.61 -17.01 20.30
N VAL A 200 -8.19 -15.75 20.21
CA VAL A 200 -8.39 -14.74 21.25
C VAL A 200 -9.64 -13.89 21.01
N PRO A 201 -10.56 -13.78 22.00
CA PRO A 201 -11.77 -12.96 21.83
C PRO A 201 -11.46 -11.46 21.94
N TRP A 202 -10.87 -10.92 20.88
CA TRP A 202 -10.34 -9.58 20.90
C TRP A 202 -11.46 -8.61 21.13
N LEU A 203 -12.64 -8.98 20.63
CA LEU A 203 -13.74 -8.03 20.60
C LEU A 203 -14.33 -7.72 21.99
N LYS A 204 -14.17 -8.62 22.94
CA LYS A 204 -14.60 -8.42 24.33
C LYS A 204 -13.51 -7.78 25.22
N ILE A 205 -12.35 -7.51 24.64
CA ILE A 205 -11.17 -7.04 25.38
C ILE A 205 -10.90 -5.56 25.23
N PHE A 206 -10.82 -5.12 23.98
CA PHE A 206 -10.56 -3.71 23.70
C PHE A 206 -11.84 -3.03 23.22
N PRO A 207 -11.93 -1.71 23.39
CA PRO A 207 -13.04 -0.86 22.89
C PRO A 207 -13.12 -0.87 21.36
N ASN A 208 -14.28 -1.10 20.78
CA ASN A 208 -14.40 -1.19 19.33
C ASN A 208 -15.80 -0.92 18.81
N LYS A 209 -15.88 -0.48 17.57
CA LYS A 209 -17.17 -0.13 16.96
C LYS A 209 -17.62 -1.29 16.09
N THR A 210 -16.99 -2.44 16.28
CA THR A 210 -17.20 -3.60 15.42
C THR A 210 -18.68 -3.96 15.39
N LEU A 211 -19.24 -4.10 16.59
CA LEU A 211 -20.61 -4.57 16.73
C LEU A 211 -21.59 -3.49 16.29
N GLU A 212 -21.23 -2.23 16.55
CA GLU A 212 -22.02 -1.08 16.10
C GLU A 212 -22.17 -1.07 14.59
N LYS A 213 -21.04 -1.22 13.90
CA LYS A 213 -21.01 -1.16 12.46
C LYS A 213 -21.84 -2.29 11.85
N LEU A 214 -21.63 -3.48 12.40
CA LEU A 214 -22.36 -4.66 11.94
C LEU A 214 -23.87 -4.48 12.10
N LYS A 215 -24.31 -3.99 13.26
CA LYS A 215 -25.75 -3.78 13.47
C LYS A 215 -26.33 -2.84 12.42
N SER A 216 -25.56 -1.84 12.02
CA SER A 216 -26.03 -0.87 11.03
C SER A 216 -26.19 -1.48 9.63
N HIS A 217 -25.25 -2.32 9.22
CA HIS A 217 -25.38 -2.99 7.92
C HIS A 217 -26.53 -3.99 7.98
N VAL A 218 -26.62 -4.72 9.09
CA VAL A 218 -27.64 -5.75 9.24
C VAL A 218 -29.04 -5.15 9.35
N LYS A 219 -29.13 -4.01 10.03
CA LYS A 219 -30.39 -3.28 10.20
C LYS A 219 -30.95 -2.92 8.84
N ILE A 220 -30.08 -2.40 7.98
CA ILE A 220 -30.47 -2.00 6.64
C ILE A 220 -30.95 -3.22 5.88
N ARG A 221 -30.19 -4.32 5.97
CA ARG A 221 -30.57 -5.55 5.28
C ARG A 221 -31.95 -6.08 5.73
N ASN A 222 -32.17 -6.05 7.04
CA ASN A 222 -33.40 -6.54 7.68
C ASN A 222 -34.57 -5.66 7.31
N ASP A 223 -34.36 -4.34 7.39
CA ASP A 223 -35.40 -3.40 7.00
C ASP A 223 -35.83 -3.68 5.55
N LEU A 224 -34.86 -4.05 4.72
CA LEU A 224 -35.14 -4.35 3.31
C LEU A 224 -35.90 -5.67 3.13
N LEU A 225 -35.68 -6.61 4.03
CA LEU A 225 -36.36 -7.90 3.90
C LEU A 225 -37.78 -7.80 4.49
N ASN A 226 -38.00 -6.96 5.52
CA ASN A 226 -39.35 -6.70 6.04
C ASN A 226 -40.27 -6.07 5.01
N LYS A 227 -39.72 -5.17 4.20
CA LYS A 227 -40.54 -4.43 3.26
C LYS A 227 -40.99 -5.34 2.11
N ILE A 228 -40.23 -6.41 1.86
CA ILE A 228 -40.62 -7.41 0.86
C ILE A 228 -41.69 -8.36 1.41
N LEU A 229 -41.62 -8.61 2.72
CA LEU A 229 -42.56 -9.48 3.39
C LEU A 229 -43.92 -8.80 3.46
N GLU A 230 -43.93 -7.54 3.91
CA GLU A 230 -45.19 -6.81 4.08
C GLU A 230 -45.91 -6.69 2.73
N ASN A 231 -45.16 -6.42 1.67
CA ASN A 231 -45.75 -6.36 0.34
C ASN A 231 -46.21 -7.72 -0.16
N TYR A 232 -45.59 -8.79 0.31
CA TYR A 232 -45.89 -10.12 -0.23
C TYR A 232 -47.09 -10.80 0.47
N LYS A 233 -47.42 -10.39 1.70
CA LYS A 233 -48.60 -10.92 2.37
C LYS A 233 -49.87 -10.63 1.59
N GLU A 234 -49.85 -9.57 0.80
CA GLU A 234 -50.97 -9.22 -0.06
C GLU A 234 -51.01 -10.16 -1.27
N LYS A 235 -49.83 -10.57 -1.70
CA LYS A 235 -49.65 -11.34 -2.92
C LYS A 235 -49.83 -12.85 -2.65
N PHE A 236 -49.63 -13.27 -1.40
CA PHE A 236 -49.63 -14.70 -1.05
C PHE A 236 -51.00 -15.29 -1.31
N ARG A 237 -51.00 -16.38 -2.06
CA ARG A 237 -52.19 -17.12 -2.36
C ARG A 237 -51.91 -18.64 -2.26
N SER A 238 -52.66 -19.33 -1.39
CA SER A 238 -52.47 -20.77 -1.14
C SER A 238 -52.64 -21.74 -2.33
N ASP A 239 -53.30 -21.29 -3.39
CA ASP A 239 -53.46 -22.07 -4.63
C ASP A 239 -52.15 -22.09 -5.43
N SER A 240 -51.18 -21.26 -5.04
CA SER A 240 -49.91 -21.18 -5.72
C SER A 240 -48.74 -21.24 -4.75
N ILE A 241 -47.97 -22.32 -4.86
CA ILE A 241 -46.72 -22.47 -4.13
C ILE A 241 -45.61 -22.71 -5.16
N THR A 242 -44.87 -21.63 -5.43
CA THR A 242 -43.92 -21.58 -6.54
C THR A 242 -42.53 -21.14 -6.10
N ASN A 243 -42.41 -20.76 -4.83
CA ASN A 243 -41.15 -20.26 -4.33
C ASN A 243 -40.92 -20.51 -2.84
N MET A 244 -39.77 -20.10 -2.35
CA MET A 244 -39.37 -20.37 -0.99
C MET A 244 -40.28 -19.67 -0.01
N LEU A 245 -40.67 -18.44 -0.35
CA LEU A 245 -41.48 -17.67 0.57
C LEU A 245 -42.90 -18.21 0.67
N ASP A 246 -43.40 -18.76 -0.44
CA ASP A 246 -44.69 -19.46 -0.43
C ASP A 246 -44.62 -20.69 0.49
N THR A 247 -43.60 -21.52 0.27
CA THR A 247 -43.35 -22.73 1.05
C THR A 247 -43.34 -22.49 2.55
N LEU A 248 -42.84 -21.32 2.96
CA LEU A 248 -42.71 -20.98 4.37
C LEU A 248 -43.98 -20.41 4.99
N MET A 249 -44.71 -19.64 4.21
CA MET A 249 -45.96 -19.08 4.69
C MET A 249 -47.06 -20.10 4.75
N GLN A 250 -47.04 -21.03 3.80
CA GLN A 250 -47.94 -22.19 3.81
C GLN A 250 -47.82 -22.96 5.12
N ALA A 251 -46.60 -23.35 5.48
CA ALA A 251 -46.35 -24.07 6.72
C ALA A 251 -46.84 -23.33 7.95
N LYS A 252 -46.73 -22.00 7.93
CA LYS A 252 -47.17 -21.20 9.08
C LYS A 252 -48.68 -21.37 9.23
N MET A 253 -49.38 -21.28 8.11
CA MET A 253 -50.83 -21.36 8.11
C MET A 253 -51.35 -22.76 8.41
N ASN A 254 -50.50 -23.79 8.27
CA ASN A 254 -50.89 -25.15 8.68
C ASN A 254 -50.55 -25.42 10.14
N SER A 255 -50.76 -24.41 10.98
CA SER A 255 -50.54 -24.53 12.42
C SER A 255 -51.88 -24.73 13.15
N ASP A 256 -52.69 -25.65 12.58
CA ASP A 256 -53.92 -26.14 13.19
C ASP A 256 -54.60 -27.13 12.25
N SER A 266 -45.73 -23.33 15.27
CA SER A 266 -46.21 -21.99 14.91
C SER A 266 -45.29 -20.90 15.47
N GLU A 267 -44.72 -21.16 16.65
CA GLU A 267 -43.79 -20.23 17.30
C GLU A 267 -42.55 -20.05 16.45
N LEU A 268 -42.24 -21.10 15.69
CA LEU A 268 -41.02 -21.22 14.92
C LEU A 268 -41.13 -20.60 13.53
N LEU A 269 -42.33 -20.19 13.14
CA LEU A 269 -42.54 -19.62 11.82
C LEU A 269 -42.97 -18.16 11.95
N SER A 270 -42.50 -17.52 13.03
CA SER A 270 -42.78 -16.11 13.24
C SER A 270 -42.15 -15.28 12.13
N ASP A 271 -42.48 -13.99 12.06
CA ASP A 271 -41.99 -13.13 10.98
C ASP A 271 -40.46 -13.09 10.97
N ASN A 272 -39.84 -12.96 12.14
CA ASN A 272 -38.37 -12.97 12.21
C ASN A 272 -37.71 -14.29 11.90
N HIS A 273 -38.38 -15.38 12.20
CA HIS A 273 -37.83 -16.69 11.91
C HIS A 273 -37.77 -16.88 10.40
N ILE A 274 -38.82 -16.44 9.71
CA ILE A 274 -38.91 -16.59 8.25
C ILE A 274 -37.89 -15.65 7.57
N LEU A 275 -37.82 -14.41 8.07
CA LEU A 275 -36.98 -13.35 7.50
C LEU A 275 -35.53 -13.79 7.51
N THR A 276 -35.06 -14.23 8.68
CA THR A 276 -33.68 -14.63 8.88
C THR A 276 -33.31 -15.78 7.94
N THR A 277 -34.22 -16.73 7.79
CA THR A 277 -34.00 -17.88 6.92
C THR A 277 -33.80 -17.44 5.47
N ILE A 278 -34.63 -16.51 4.98
CA ILE A 278 -34.45 -15.98 3.63
C ILE A 278 -33.12 -15.26 3.58
N GLY A 279 -32.79 -14.56 4.64
CA GLY A 279 -31.51 -13.87 4.76
C GLY A 279 -30.33 -14.79 4.46
N ASP A 280 -30.24 -15.89 5.19
CA ASP A 280 -29.18 -16.87 4.97
C ASP A 280 -29.15 -17.37 3.52
N ILE A 281 -30.30 -17.76 2.98
CA ILE A 281 -30.36 -18.29 1.62
C ILE A 281 -29.89 -17.25 0.60
N PHE A 282 -30.36 -16.03 0.72
CA PHE A 282 -29.96 -14.92 -0.18
C PHE A 282 -28.47 -14.64 -0.09
N GLY A 283 -27.97 -14.62 1.13
CA GLY A 283 -26.57 -14.41 1.43
C GLY A 283 -25.68 -15.48 0.87
N ALA A 284 -25.98 -16.72 1.22
CA ALA A 284 -25.18 -17.85 0.79
C ALA A 284 -25.18 -18.08 -0.71
N GLY A 285 -26.33 -17.85 -1.34
CA GLY A 285 -26.47 -18.13 -2.76
C GLY A 285 -25.73 -17.19 -3.68
N VAL A 286 -25.33 -16.04 -3.15
CA VAL A 286 -24.66 -15.01 -3.93
C VAL A 286 -23.18 -14.94 -3.64
N GLU A 287 -22.83 -14.73 -2.38
CA GLU A 287 -21.44 -14.50 -1.99
C GLU A 287 -20.57 -15.70 -2.21
N THR A 288 -21.15 -16.88 -2.16
CA THR A 288 -20.37 -18.09 -2.32
C THR A 288 -20.02 -18.30 -3.78
N THR A 289 -21.02 -18.20 -4.66
CA THR A 289 -20.82 -18.54 -6.07
C THR A 289 -19.99 -17.47 -6.78
N THR A 290 -20.22 -16.22 -6.40
CA THR A 290 -19.46 -15.11 -6.94
C THR A 290 -17.98 -15.25 -6.61
N SER A 291 -17.70 -15.65 -5.38
CA SER A 291 -16.32 -15.76 -4.96
C SER A 291 -15.63 -16.90 -5.73
N VAL A 292 -16.35 -18.02 -5.94
CA VAL A 292 -15.78 -19.18 -6.63
C VAL A 292 -15.59 -18.91 -8.12
N VAL A 293 -16.44 -18.07 -8.70
CA VAL A 293 -16.29 -17.68 -10.11
C VAL A 293 -15.02 -16.85 -10.26
N LYS A 294 -14.82 -15.93 -9.33
CA LYS A 294 -13.66 -15.06 -9.34
C LYS A 294 -12.37 -15.89 -9.15
N TRP A 295 -12.44 -16.90 -8.31
CA TRP A 295 -11.29 -17.80 -8.10
C TRP A 295 -10.90 -18.63 -9.34
N THR A 296 -11.86 -19.14 -10.11
CA THR A 296 -11.45 -19.96 -11.25
C THR A 296 -10.77 -19.10 -12.30
N LEU A 297 -11.36 -17.94 -12.62
CA LEU A 297 -10.71 -17.01 -13.54
C LEU A 297 -9.33 -16.64 -13.07
N ALA A 298 -9.18 -16.36 -11.77
CA ALA A 298 -7.86 -16.01 -11.28
C ALA A 298 -6.91 -17.14 -11.61
N PHE A 299 -7.34 -18.36 -11.32
CA PHE A 299 -6.48 -19.51 -11.62
C PHE A 299 -6.21 -19.68 -13.11
N LEU A 300 -7.19 -19.36 -13.95
CA LEU A 300 -7.01 -19.53 -15.39
C LEU A 300 -6.04 -18.49 -15.99
N LEU A 301 -6.00 -17.27 -15.48
CA LEU A 301 -5.01 -16.30 -15.95
C LEU A 301 -3.62 -16.79 -15.60
N HIS A 302 -3.47 -17.45 -14.46
CA HIS A 302 -2.15 -17.96 -14.07
C HIS A 302 -1.76 -19.25 -14.79
N ASN A 303 -2.76 -19.94 -15.34
CA ASN A 303 -2.54 -21.24 -15.98
C ASN A 303 -3.14 -21.26 -17.41
N PRO A 304 -2.49 -20.57 -18.34
CA PRO A 304 -2.98 -20.41 -19.72
C PRO A 304 -3.12 -21.75 -20.44
N GLN A 305 -2.25 -22.71 -20.10
CA GLN A 305 -2.34 -24.00 -20.75
C GLN A 305 -3.70 -24.65 -20.50
N VAL A 306 -4.18 -24.55 -19.27
CA VAL A 306 -5.47 -25.15 -18.92
C VAL A 306 -6.61 -24.45 -19.66
N LYS A 307 -6.51 -23.12 -19.71
CA LYS A 307 -7.52 -22.29 -20.35
C LYS A 307 -7.63 -22.59 -21.85
N LYS A 308 -6.48 -22.69 -22.50
CA LYS A 308 -6.40 -23.05 -23.91
C LYS A 308 -7.11 -24.39 -24.22
N LYS A 309 -6.89 -25.38 -23.35
CA LYS A 309 -7.52 -26.69 -23.50
C LYS A 309 -9.02 -26.66 -23.20
N LEU A 310 -9.46 -25.67 -22.42
CA LEU A 310 -10.87 -25.46 -22.13
C LEU A 310 -11.61 -24.92 -23.34
N TYR A 311 -10.98 -23.99 -24.05
CA TYR A 311 -11.51 -23.45 -25.29
C TYR A 311 -11.66 -24.54 -26.34
N GLU A 312 -10.60 -25.33 -26.50
CA GLU A 312 -10.56 -26.46 -27.44
C GLU A 312 -11.74 -27.40 -27.17
N GLU A 313 -11.84 -27.81 -25.92
CA GLU A 313 -12.88 -28.73 -25.43
C GLU A 313 -14.27 -28.24 -25.80
N ILE A 314 -14.59 -27.02 -25.42
CA ILE A 314 -15.93 -26.49 -25.60
C ILE A 314 -16.23 -26.23 -27.08
N ASP A 315 -15.18 -25.93 -27.83
CA ASP A 315 -15.34 -25.77 -29.26
C ASP A 315 -15.74 -27.07 -29.93
N GLN A 316 -15.12 -28.16 -29.49
CA GLN A 316 -15.37 -29.49 -30.04
C GLN A 316 -16.74 -30.06 -29.70
N ASN A 317 -17.11 -30.05 -28.42
CA ASN A 317 -18.28 -30.78 -27.94
C ASN A 317 -19.57 -29.97 -27.83
N VAL A 318 -19.51 -28.67 -28.10
CA VAL A 318 -20.69 -27.81 -28.02
C VAL A 318 -20.80 -26.94 -29.26
N GLY A 319 -19.65 -26.44 -29.72
CA GLY A 319 -19.60 -25.51 -30.83
C GLY A 319 -20.34 -24.20 -30.61
N PHE A 320 -20.79 -23.59 -31.69
CA PHE A 320 -21.45 -22.29 -31.62
C PHE A 320 -22.87 -22.33 -32.17
N SER A 321 -23.41 -23.54 -32.27
CA SER A 321 -24.72 -23.78 -32.84
C SER A 321 -25.76 -23.47 -31.79
N ARG A 322 -25.34 -23.62 -30.54
CA ARG A 322 -26.21 -23.42 -29.40
C ARG A 322 -25.41 -22.94 -28.22
N THR A 323 -26.12 -22.60 -27.15
CA THR A 323 -25.53 -22.25 -25.86
C THR A 323 -25.47 -23.46 -24.91
N PRO A 324 -24.45 -23.50 -24.04
CA PRO A 324 -24.27 -24.66 -23.15
C PRO A 324 -25.49 -24.97 -22.31
N THR A 325 -25.57 -26.21 -21.84
CA THR A 325 -26.68 -26.66 -21.02
C THR A 325 -26.19 -27.66 -19.97
N ILE A 326 -27.02 -27.99 -18.99
CA ILE A 326 -26.60 -28.90 -17.93
C ILE A 326 -26.18 -30.26 -18.49
N SER A 327 -26.72 -30.64 -19.64
CA SER A 327 -26.41 -31.95 -20.20
C SER A 327 -24.95 -32.03 -20.66
N ASP A 328 -24.33 -30.87 -20.82
CA ASP A 328 -22.99 -30.80 -21.35
C ASP A 328 -21.90 -31.16 -20.33
N ARG A 329 -22.27 -31.33 -19.05
CA ARG A 329 -21.31 -31.79 -18.03
C ARG A 329 -20.75 -33.16 -18.36
N ASN A 330 -21.54 -33.93 -19.10
CA ASN A 330 -21.12 -35.24 -19.59
C ASN A 330 -19.95 -35.21 -20.59
N ARG A 331 -19.87 -34.11 -21.35
CA ARG A 331 -18.88 -33.98 -22.43
C ARG A 331 -17.73 -33.06 -22.05
N LEU A 332 -18.05 -32.01 -21.29
CA LEU A 332 -17.06 -30.99 -20.89
C LEU A 332 -16.43 -31.36 -19.54
N LEU A 333 -15.64 -32.41 -19.54
CA LEU A 333 -15.11 -32.98 -18.31
C LEU A 333 -13.98 -32.16 -17.73
N LEU A 334 -13.17 -31.55 -18.59
CA LEU A 334 -12.04 -30.76 -18.12
C LEU A 334 -12.58 -29.56 -17.35
N LEU A 335 -13.72 -29.01 -17.78
CA LEU A 335 -14.26 -27.86 -17.06
C LEU A 335 -14.79 -28.29 -15.69
N GLU A 336 -15.65 -29.30 -15.65
CA GLU A 336 -16.20 -29.81 -14.40
C GLU A 336 -15.04 -30.16 -13.45
N ALA A 337 -13.94 -30.60 -14.02
CA ALA A 337 -12.78 -30.98 -13.22
C ALA A 337 -12.07 -29.73 -12.68
N THR A 338 -11.99 -28.67 -13.49
CA THR A 338 -11.37 -27.38 -13.09
C THR A 338 -12.04 -26.81 -11.83
N ILE A 339 -13.36 -26.81 -11.83
CA ILE A 339 -14.17 -26.33 -10.73
C ILE A 339 -13.87 -27.15 -9.46
N ARG A 340 -13.73 -28.46 -9.60
CA ARG A 340 -13.43 -29.30 -8.44
C ARG A 340 -12.09 -28.88 -7.84
N GLU A 341 -11.12 -28.58 -8.70
CA GLU A 341 -9.75 -28.29 -8.27
C GLU A 341 -9.69 -26.93 -7.57
N VAL A 342 -10.55 -26.02 -7.98
CA VAL A 342 -10.59 -24.70 -7.33
C VAL A 342 -11.20 -24.80 -5.93
N LEU A 343 -12.25 -25.63 -5.81
CA LEU A 343 -12.87 -25.91 -4.52
C LEU A 343 -11.98 -26.73 -3.61
N ARG A 344 -10.98 -27.37 -4.17
CA ARG A 344 -10.04 -28.08 -3.33
C ARG A 344 -9.00 -27.13 -2.81
N LEU A 345 -8.44 -26.34 -3.70
CA LEU A 345 -7.37 -25.42 -3.36
C LEU A 345 -7.80 -24.20 -2.53
N ARG A 346 -8.95 -23.65 -2.88
CA ARG A 346 -9.49 -22.50 -2.19
C ARG A 346 -10.95 -22.74 -1.83
N PRO A 347 -11.16 -23.54 -0.78
CA PRO A 347 -12.55 -23.74 -0.33
C PRO A 347 -13.19 -22.47 0.20
N VAL A 348 -14.46 -22.28 -0.13
CA VAL A 348 -15.26 -21.18 0.38
C VAL A 348 -15.12 -21.04 1.89
N ALA A 349 -15.12 -22.15 2.59
CA ALA A 349 -15.03 -22.22 4.03
C ALA A 349 -13.92 -23.19 4.40
N PRO A 350 -12.67 -22.72 4.43
CA PRO A 350 -11.56 -23.63 4.71
C PRO A 350 -11.59 -24.22 6.12
N MET A 351 -12.52 -23.79 6.97
CA MET A 351 -12.71 -24.45 8.26
C MET A 351 -14.19 -24.58 8.49
N LEU A 352 -14.92 -24.75 7.39
CA LEU A 352 -16.36 -24.83 7.43
C LEU A 352 -16.90 -23.74 8.31
N ILE A 353 -18.04 -24.03 8.94
CA ILE A 353 -18.51 -23.28 10.09
C ILE A 353 -18.31 -24.16 11.33
N PRO A 354 -18.01 -23.53 12.48
CA PRO A 354 -17.71 -24.35 13.66
C PRO A 354 -18.89 -25.22 14.05
N HIS A 355 -18.59 -26.38 14.65
CA HIS A 355 -19.60 -27.31 15.15
C HIS A 355 -19.56 -27.32 16.67
N LYS A 356 -20.62 -27.83 17.28
CA LYS A 356 -20.72 -27.93 18.72
C LYS A 356 -21.28 -29.30 19.12
N ALA A 357 -20.68 -29.88 20.15
CA ALA A 357 -21.16 -31.13 20.74
C ALA A 357 -22.44 -30.88 21.53
N ASN A 358 -23.54 -31.46 21.06
CA ASN A 358 -24.81 -31.37 21.78
C ASN A 358 -24.86 -32.26 23.03
N VAL A 359 -24.11 -33.35 22.99
CA VAL A 359 -24.00 -34.25 24.11
C VAL A 359 -22.56 -34.64 24.42
N ASP A 360 -22.37 -35.27 25.57
CA ASP A 360 -21.10 -35.92 25.86
C ASP A 360 -20.89 -36.96 24.78
N SER A 361 -19.76 -36.86 24.07
CA SER A 361 -19.47 -37.80 23.00
C SER A 361 -17.96 -38.13 22.98
N SER A 362 -17.48 -38.63 21.83
CA SER A 362 -16.06 -38.92 21.65
C SER A 362 -15.57 -38.64 20.22
N ILE A 363 -14.26 -38.54 20.04
CA ILE A 363 -13.66 -38.50 18.69
C ILE A 363 -12.36 -39.29 18.68
N GLY A 364 -12.30 -40.31 17.82
CA GLY A 364 -11.16 -41.21 17.79
C GLY A 364 -10.91 -41.75 19.18
N GLU A 365 -12.00 -42.04 19.91
CA GLU A 365 -11.93 -42.61 21.26
C GLU A 365 -11.32 -41.66 22.28
N PHE A 366 -11.23 -40.39 21.90
CA PHE A 366 -10.93 -39.34 22.86
C PHE A 366 -12.25 -38.78 23.33
N ALA A 367 -12.31 -38.45 24.62
CA ALA A 367 -13.52 -37.90 25.20
C ALA A 367 -13.72 -36.45 24.73
N VAL A 368 -14.95 -36.11 24.38
CA VAL A 368 -15.30 -34.71 24.08
C VAL A 368 -16.56 -34.39 24.88
N ASP A 369 -16.42 -33.47 25.82
CA ASP A 369 -17.52 -33.09 26.70
C ASP A 369 -18.58 -32.28 25.94
N LYS A 370 -19.81 -32.30 26.45
CA LYS A 370 -20.92 -31.54 25.86
C LYS A 370 -20.55 -30.08 25.87
N GLY A 371 -20.98 -29.38 24.82
CA GLY A 371 -20.74 -27.95 24.69
C GLY A 371 -19.39 -27.58 24.10
N THR A 372 -18.54 -28.56 23.83
CA THR A 372 -17.24 -28.28 23.24
C THR A 372 -17.40 -27.83 21.79
N GLU A 373 -16.50 -26.94 21.37
CA GLU A 373 -16.50 -26.43 20.01
C GLU A 373 -15.61 -27.33 19.18
N VAL A 374 -16.08 -27.68 17.99
CA VAL A 374 -15.36 -28.60 17.13
C VAL A 374 -15.24 -28.02 15.77
N ILE A 375 -14.00 -27.85 15.34
CA ILE A 375 -13.68 -27.21 14.07
C ILE A 375 -12.99 -28.21 13.16
N ILE A 376 -13.52 -28.37 11.96
CA ILE A 376 -12.93 -29.26 10.96
C ILE A 376 -11.97 -28.44 10.12
N ASN A 377 -10.68 -28.76 10.16
CA ASN A 377 -9.75 -28.06 9.29
C ASN A 377 -9.77 -28.68 7.88
N LEU A 378 -10.74 -28.24 7.07
CA LEU A 378 -10.86 -28.68 5.67
C LEU A 378 -9.64 -28.36 4.81
N TRP A 379 -8.94 -27.28 5.16
CA TRP A 379 -7.71 -26.92 4.46
C TRP A 379 -6.70 -28.06 4.62
N ALA A 380 -6.64 -28.61 5.82
CA ALA A 380 -5.71 -29.68 6.10
C ALA A 380 -6.08 -30.96 5.34
N LEU A 381 -7.37 -31.16 5.11
CA LEU A 381 -7.82 -32.36 4.42
C LEU A 381 -7.46 -32.28 2.95
N HIS A 382 -7.53 -31.06 2.41
CA HIS A 382 -7.39 -30.79 0.98
C HIS A 382 -5.93 -30.63 0.54
N HIS A 383 -5.03 -30.54 1.50
CA HIS A 383 -3.62 -30.31 1.27
C HIS A 383 -2.73 -31.41 1.88
N ASN A 384 -3.36 -32.46 2.42
CA ASN A 384 -2.69 -33.65 2.94
C ASN A 384 -1.78 -34.27 1.88
N GLU A 385 -0.49 -34.26 2.16
CA GLU A 385 0.49 -34.78 1.23
C GLU A 385 0.26 -36.25 0.87
N LYS A 386 -0.12 -37.04 1.86
CA LYS A 386 -0.40 -38.47 1.65
C LYS A 386 -1.71 -38.76 0.91
N GLU A 387 -2.54 -37.76 0.66
CA GLU A 387 -3.84 -37.95 0.01
C GLU A 387 -3.95 -37.30 -1.36
N TRP A 388 -3.01 -36.40 -1.68
CA TRP A 388 -3.08 -35.63 -2.92
C TRP A 388 -1.65 -35.55 -3.44
N HIS A 389 -1.50 -35.62 -4.76
CA HIS A 389 -0.19 -35.45 -5.36
C HIS A 389 0.08 -33.97 -5.56
N GLN A 390 1.20 -33.48 -4.99
CA GLN A 390 1.59 -32.07 -5.11
C GLN A 390 0.38 -31.17 -4.88
N PRO A 391 -0.13 -31.17 -3.65
CA PRO A 391 -1.42 -30.54 -3.32
C PRO A 391 -1.39 -29.04 -3.38
N ASP A 392 -0.20 -28.45 -3.40
CA ASP A 392 -0.11 -27.00 -3.50
C ASP A 392 -0.26 -26.52 -4.94
N GLN A 393 -0.36 -27.45 -5.89
CA GLN A 393 -0.38 -27.11 -7.32
C GLN A 393 -1.79 -27.20 -7.90
N PHE A 394 -2.13 -26.24 -8.75
CA PHE A 394 -3.37 -26.27 -9.52
C PHE A 394 -3.28 -27.29 -10.66
N MET A 395 -3.96 -28.44 -10.49
CA MET A 395 -3.93 -29.51 -11.47
C MET A 395 -5.31 -30.14 -11.65
N PRO A 396 -6.21 -29.52 -12.43
CA PRO A 396 -7.54 -30.11 -12.68
C PRO A 396 -7.52 -31.55 -13.24
N GLU A 397 -6.40 -31.89 -13.90
CA GLU A 397 -6.13 -33.22 -14.48
C GLU A 397 -6.24 -34.33 -13.42
N ARG A 398 -5.91 -33.97 -12.18
CA ARG A 398 -5.90 -34.92 -11.06
C ARG A 398 -7.28 -35.56 -10.87
N PHE A 399 -8.33 -34.83 -11.28
CA PHE A 399 -9.71 -35.32 -11.24
C PHE A 399 -10.16 -35.98 -12.54
N LEU A 400 -9.19 -36.35 -13.38
CA LEU A 400 -9.45 -37.10 -14.61
C LEU A 400 -8.56 -38.30 -14.65
N ASN A 401 -9.01 -39.34 -15.35
CA ASN A 401 -8.16 -40.48 -15.70
C ASN A 401 -7.14 -40.00 -16.72
N PRO A 402 -6.07 -40.78 -16.93
CA PRO A 402 -5.02 -40.34 -17.85
C PRO A 402 -5.52 -40.04 -19.27
N ALA A 403 -6.49 -40.82 -19.75
CA ALA A 403 -7.04 -40.61 -21.10
C ALA A 403 -7.83 -39.30 -21.16
N GLY A 404 -8.40 -38.92 -20.03
CA GLY A 404 -9.18 -37.69 -19.95
C GLY A 404 -10.61 -37.90 -20.44
N THR A 405 -11.09 -39.14 -20.28
CA THR A 405 -12.35 -39.60 -20.84
C THR A 405 -13.48 -39.73 -19.81
N GLN A 406 -13.12 -39.66 -18.53
CA GLN A 406 -14.12 -39.57 -17.45
C GLN A 406 -13.54 -39.03 -16.15
N LEU A 407 -14.40 -38.40 -15.37
CA LEU A 407 -14.09 -37.89 -14.03
C LEU A 407 -13.73 -38.95 -13.01
N ILE A 408 -12.86 -38.60 -12.08
CA ILE A 408 -12.53 -39.51 -10.99
C ILE A 408 -12.55 -38.78 -9.64
N SER A 409 -12.39 -39.54 -8.58
CA SER A 409 -12.37 -39.03 -7.24
C SER A 409 -11.09 -39.53 -6.57
N PRO A 410 -9.98 -38.83 -6.76
CA PRO A 410 -8.67 -39.39 -6.40
C PRO A 410 -8.44 -39.48 -4.91
N SER A 411 -9.21 -38.73 -4.13
CA SER A 411 -9.15 -38.78 -2.68
C SER A 411 -10.53 -38.67 -2.03
N VAL A 412 -10.68 -39.37 -0.89
CA VAL A 412 -11.88 -39.30 -0.05
C VAL A 412 -11.82 -38.08 0.86
N SER A 413 -10.63 -37.52 0.99
CA SER A 413 -10.32 -36.36 1.83
C SER A 413 -10.73 -35.06 1.14
N TYR A 414 -12.02 -34.91 0.86
CA TYR A 414 -12.50 -33.85 -0.01
C TYR A 414 -13.95 -33.49 0.33
N LEU A 415 -14.15 -32.42 1.09
CA LEU A 415 -15.49 -32.02 1.53
C LEU A 415 -15.78 -30.53 1.39
N PRO A 416 -15.74 -30.02 0.15
CA PRO A 416 -15.96 -28.59 -0.08
C PRO A 416 -17.35 -28.16 0.38
N PHE A 417 -18.32 -29.08 0.31
CA PHE A 417 -19.70 -28.79 0.68
C PHE A 417 -20.10 -29.36 2.05
N GLY A 418 -19.12 -29.86 2.79
CA GLY A 418 -19.40 -30.45 4.09
C GLY A 418 -19.98 -31.86 3.99
N ALA A 419 -20.67 -32.27 5.04
CA ALA A 419 -21.25 -33.61 5.08
C ALA A 419 -22.14 -33.81 6.31
N GLY A 420 -23.20 -34.56 6.14
CA GLY A 420 -24.05 -34.90 7.27
C GLY A 420 -25.15 -33.89 7.52
N PRO A 421 -25.66 -33.84 8.75
CA PRO A 421 -26.78 -33.00 9.18
C PRO A 421 -26.62 -31.53 8.76
N ARG A 422 -25.38 -31.05 8.78
CA ARG A 422 -25.09 -29.63 8.56
C ARG A 422 -24.50 -29.33 7.18
N SER A 423 -24.54 -30.32 6.29
CA SER A 423 -23.95 -30.18 4.97
C SER A 423 -24.68 -29.08 4.23
N CYS A 424 -24.01 -28.48 3.25
CA CYS A 424 -24.63 -27.49 2.40
C CYS A 424 -25.97 -28.00 1.86
N ILE A 425 -26.89 -27.07 1.62
CA ILE A 425 -28.18 -27.39 1.03
C ILE A 425 -28.42 -26.75 -0.31
N GLY A 426 -27.41 -26.07 -0.85
CA GLY A 426 -27.48 -25.48 -2.17
C GLY A 426 -26.43 -26.05 -3.11
N GLU A 427 -25.92 -27.23 -2.82
CA GLU A 427 -24.82 -27.80 -3.61
C GLU A 427 -25.23 -28.01 -5.07
N ILE A 428 -26.43 -28.51 -5.31
CA ILE A 428 -26.87 -28.75 -6.68
C ILE A 428 -26.96 -27.42 -7.39
N LEU A 429 -27.66 -26.46 -6.79
CA LEU A 429 -27.76 -25.13 -7.37
C LEU A 429 -26.37 -24.56 -7.61
N ALA A 430 -25.52 -24.69 -6.60
CA ALA A 430 -24.18 -24.13 -6.64
C ALA A 430 -23.45 -24.70 -7.84
N ARG A 431 -23.41 -26.02 -7.93
CA ARG A 431 -22.66 -26.70 -8.98
C ARG A 431 -23.17 -26.33 -10.37
N GLN A 432 -24.48 -26.16 -10.51
CA GLN A 432 -25.04 -25.86 -11.82
C GLN A 432 -24.74 -24.45 -12.31
N GLU A 433 -24.85 -23.47 -11.40
CA GLU A 433 -24.54 -22.08 -11.71
C GLU A 433 -23.10 -21.89 -12.18
N LEU A 434 -22.16 -22.50 -11.46
CA LEU A 434 -20.75 -22.31 -11.75
C LEU A 434 -20.46 -22.90 -13.12
N PHE A 435 -20.98 -24.10 -13.39
CA PHE A 435 -20.71 -24.77 -14.65
C PHE A 435 -21.25 -23.95 -15.82
N LEU A 436 -22.48 -23.48 -15.72
CA LEU A 436 -23.10 -22.75 -16.82
C LEU A 436 -22.42 -21.40 -17.04
N ILE A 437 -22.14 -20.67 -15.96
CA ILE A 437 -21.47 -19.37 -16.10
C ILE A 437 -20.13 -19.55 -16.82
N MET A 438 -19.32 -20.50 -16.38
CA MET A 438 -17.99 -20.69 -16.96
C MET A 438 -18.09 -21.16 -18.40
N ALA A 439 -19.15 -21.89 -18.71
CA ALA A 439 -19.29 -22.44 -20.05
C ALA A 439 -19.69 -21.35 -21.02
N TRP A 440 -20.69 -20.54 -20.64
CA TRP A 440 -21.12 -19.44 -21.49
C TRP A 440 -20.01 -18.45 -21.73
N LEU A 441 -19.23 -18.14 -20.70
CA LEU A 441 -18.15 -17.18 -20.86
C LEU A 441 -17.05 -17.69 -21.77
N LEU A 442 -16.66 -18.95 -21.64
CA LEU A 442 -15.57 -19.43 -22.44
C LEU A 442 -16.01 -19.57 -23.90
N GLN A 443 -17.28 -19.87 -24.10
CA GLN A 443 -17.79 -19.98 -25.46
C GLN A 443 -17.64 -18.66 -26.20
N ARG A 444 -17.79 -17.55 -25.48
CA ARG A 444 -18.04 -16.23 -26.08
C ARG A 444 -16.92 -15.21 -25.91
N PHE A 445 -16.16 -15.37 -24.85
CA PHE A 445 -15.17 -14.39 -24.46
C PHE A 445 -13.75 -14.94 -24.41
N ASP A 446 -12.81 -14.24 -25.03
CA ASP A 446 -11.40 -14.37 -24.64
C ASP A 446 -11.22 -13.62 -23.33
N LEU A 447 -10.61 -14.26 -22.33
CA LEU A 447 -10.41 -13.63 -21.04
C LEU A 447 -8.93 -13.57 -20.73
N GLU A 448 -8.35 -12.39 -20.92
CA GLU A 448 -6.91 -12.22 -20.87
C GLU A 448 -6.47 -11.30 -19.72
N VAL A 449 -5.16 -11.28 -19.50
CA VAL A 449 -4.52 -10.37 -18.57
C VAL A 449 -4.67 -8.96 -19.13
N PRO A 450 -4.97 -7.95 -18.28
CA PRO A 450 -5.10 -6.57 -18.77
C PRO A 450 -3.81 -6.00 -19.32
N ASP A 451 -3.86 -4.88 -20.06
CA ASP A 451 -2.70 -4.40 -20.81
C ASP A 451 -1.49 -4.21 -19.87
N ASP A 452 -1.75 -3.82 -18.62
CA ASP A 452 -0.72 -3.70 -17.59
C ASP A 452 -0.35 -5.17 -17.27
N GLY A 453 0.87 -5.48 -16.85
CA GLY A 453 1.15 -6.89 -16.55
C GLY A 453 0.77 -7.59 -15.25
N GLN A 454 -0.18 -7.07 -14.48
CA GLN A 454 -0.57 -7.76 -13.24
C GLN A 454 -1.56 -8.94 -13.30
N LEU A 455 -1.20 -9.94 -12.53
CA LEU A 455 -2.02 -11.11 -12.26
C LEU A 455 -2.59 -11.02 -10.84
N PRO A 456 -3.77 -11.60 -10.63
CA PRO A 456 -4.36 -11.51 -9.29
C PRO A 456 -3.63 -12.40 -8.30
N SER A 457 -3.33 -11.88 -7.11
CA SER A 457 -2.74 -12.68 -6.02
C SER A 457 -3.67 -13.81 -5.58
N LEU A 458 -3.10 -15.02 -5.50
CA LEU A 458 -3.85 -16.20 -5.10
C LEU A 458 -3.74 -16.44 -3.60
N GLU A 459 -3.10 -15.52 -2.87
CA GLU A 459 -2.89 -15.71 -1.44
C GLU A 459 -4.23 -15.79 -0.72
N GLY A 460 -5.15 -14.93 -1.11
CA GLY A 460 -6.51 -14.97 -0.59
C GLY A 460 -6.68 -14.15 0.67
N ILE A 461 -7.93 -13.94 1.03
CA ILE A 461 -8.31 -13.18 2.22
C ILE A 461 -9.26 -14.00 3.07
N PRO A 462 -8.80 -14.52 4.21
CA PRO A 462 -9.73 -15.33 5.00
C PRO A 462 -10.80 -14.55 5.76
N LYS A 463 -12.01 -14.47 5.24
CA LYS A 463 -13.16 -14.02 6.04
C LYS A 463 -14.05 -15.23 6.34
N VAL A 464 -15.31 -14.97 6.68
CA VAL A 464 -16.29 -16.05 6.81
C VAL A 464 -16.32 -16.81 5.48
N VAL A 465 -15.92 -16.12 4.43
CA VAL A 465 -15.70 -16.69 3.11
C VAL A 465 -14.26 -16.43 2.71
N PHE A 466 -13.66 -17.38 2.00
CA PHE A 466 -12.29 -17.24 1.60
C PHE A 466 -12.27 -16.40 0.31
N LEU A 467 -12.07 -15.08 0.45
CA LEU A 467 -12.17 -14.15 -0.67
C LEU A 467 -10.87 -13.96 -1.43
N ILE A 468 -10.99 -13.48 -2.67
CA ILE A 468 -9.81 -13.09 -3.42
C ILE A 468 -9.77 -11.59 -3.63
N ASP A 469 -8.58 -11.01 -3.53
CA ASP A 469 -8.40 -9.58 -3.83
C ASP A 469 -8.98 -9.24 -5.20
N SER A 470 -9.69 -8.11 -5.30
CA SER A 470 -10.29 -7.72 -6.57
C SER A 470 -9.22 -7.51 -7.63
N PHE A 471 -9.58 -7.82 -8.86
CA PHE A 471 -8.63 -7.76 -9.96
C PHE A 471 -9.35 -7.53 -11.28
N LYS A 472 -8.60 -7.18 -12.33
CA LYS A 472 -9.21 -6.91 -13.62
C LYS A 472 -8.82 -7.98 -14.63
N VAL A 473 -9.70 -8.16 -15.60
CA VAL A 473 -9.49 -9.11 -16.67
C VAL A 473 -9.87 -8.47 -18.00
N LYS A 474 -9.01 -8.59 -19.00
CA LYS A 474 -9.36 -8.06 -20.30
C LYS A 474 -10.31 -8.98 -21.01
N ILE A 475 -11.49 -8.46 -21.32
CA ILE A 475 -12.50 -9.27 -21.99
C ILE A 475 -12.67 -8.77 -23.41
N LYS A 476 -12.65 -9.68 -24.37
CA LYS A 476 -12.90 -9.35 -25.77
C LYS A 476 -13.70 -10.48 -26.37
N VAL A 477 -14.74 -10.15 -27.15
CA VAL A 477 -15.54 -11.20 -27.77
C VAL A 477 -14.72 -12.03 -28.74
N ARG A 478 -14.97 -13.34 -28.74
CA ARG A 478 -14.21 -14.27 -29.56
C ARG A 478 -14.50 -14.16 -31.05
N GLN A 479 -13.44 -14.19 -31.85
CA GLN A 479 -13.58 -14.13 -33.31
C GLN A 479 -14.46 -15.28 -33.81
N ALA A 480 -14.31 -16.42 -33.17
CA ALA A 480 -15.06 -17.57 -33.58
C ALA A 480 -16.54 -17.34 -33.27
N TRP A 481 -16.87 -16.51 -32.28
CA TRP A 481 -18.29 -16.23 -32.00
C TRP A 481 -18.93 -15.30 -33.01
N ARG A 482 -18.21 -14.27 -33.41
CA ARG A 482 -18.68 -13.34 -34.43
C ARG A 482 -19.00 -14.06 -35.75
N GLU A 483 -17.97 -14.70 -36.32
CA GLU A 483 -18.08 -15.44 -37.59
C GLU A 483 -19.30 -16.34 -37.63
N ALA A 484 -19.57 -17.05 -36.53
CA ALA A 484 -20.65 -18.04 -36.48
C ALA A 484 -22.03 -17.34 -36.52
N GLN A 485 -22.04 -16.01 -36.68
CA GLN A 485 -23.27 -15.22 -36.81
C GLN A 485 -23.53 -14.87 -38.28
N ALA A 486 -22.47 -14.95 -39.09
CA ALA A 486 -22.55 -14.70 -40.54
C ALA A 486 -23.34 -15.79 -41.26
N LEU B 13 43.22 20.25 -9.52
CA LEU B 13 42.02 19.48 -9.87
C LEU B 13 40.93 20.27 -10.59
N LEU B 14 40.46 19.72 -11.71
CA LEU B 14 39.43 20.34 -12.55
C LEU B 14 38.01 19.93 -12.18
N SER B 15 37.05 20.61 -12.77
CA SER B 15 35.64 20.34 -12.53
C SER B 15 35.16 19.38 -13.62
N LEU B 16 34.21 18.52 -13.29
CA LEU B 16 33.78 17.49 -14.23
C LEU B 16 33.09 18.12 -15.43
N PRO B 17 33.39 17.64 -16.65
CA PRO B 17 32.52 17.97 -17.78
C PRO B 17 31.04 17.73 -17.42
N LEU B 18 30.17 18.68 -17.78
CA LEU B 18 28.75 18.59 -17.47
C LEU B 18 27.89 18.49 -18.75
N VAL B 19 27.23 17.36 -18.87
CA VAL B 19 26.39 17.01 -20.02
C VAL B 19 24.93 17.46 -19.90
N GLY B 20 24.50 17.71 -18.66
CA GLY B 20 23.11 18.06 -18.44
C GLY B 20 22.90 18.58 -17.03
N SER B 21 21.86 19.38 -16.86
CA SER B 21 21.54 19.90 -15.54
C SER B 21 20.04 20.12 -15.40
N LEU B 22 19.47 19.62 -14.31
CA LEU B 22 18.10 19.92 -13.96
C LEU B 22 18.07 20.52 -12.54
N PRO B 23 17.22 21.52 -12.29
CA PRO B 23 17.24 22.25 -11.01
C PRO B 23 16.65 21.48 -9.83
N PHE B 24 15.81 20.48 -10.12
CA PHE B 24 15.29 19.61 -9.08
C PHE B 24 15.20 18.16 -9.60
N LEU B 25 14.90 17.22 -8.70
CA LEU B 25 14.84 15.80 -9.07
C LEU B 25 13.49 15.55 -9.76
N PRO B 26 13.48 14.91 -10.94
CA PRO B 26 12.20 14.51 -11.53
C PRO B 26 11.42 13.47 -10.72
N ARG B 27 10.10 13.55 -10.82
CA ARG B 27 9.21 12.59 -10.18
C ARG B 27 9.32 12.58 -8.66
N HIS B 28 9.85 13.65 -8.10
CA HIS B 28 9.93 13.83 -6.66
C HIS B 28 9.14 15.10 -6.32
N GLY B 29 8.05 14.93 -5.57
CA GLY B 29 7.11 16.01 -5.32
C GLY B 29 6.26 16.30 -6.54
N HIS B 30 5.22 17.11 -6.39
CA HIS B 30 4.44 17.57 -7.53
C HIS B 30 5.18 18.62 -8.34
N MET B 31 5.14 18.44 -9.66
CA MET B 31 5.84 19.32 -10.60
C MET B 31 5.47 20.81 -10.35
N HIS B 32 4.18 21.09 -10.34
CA HIS B 32 3.72 22.47 -10.27
C HIS B 32 4.24 23.13 -9.00
N ASN B 33 4.35 22.36 -7.92
CA ASN B 33 4.88 22.93 -6.70
C ASN B 33 6.42 23.07 -6.75
N ASN B 34 7.10 22.17 -7.45
CA ASN B 34 8.55 22.23 -7.58
C ASN B 34 8.98 23.50 -8.30
N PHE B 35 8.19 23.85 -9.31
CA PHE B 35 8.45 25.04 -10.09
C PHE B 35 8.23 26.28 -9.26
N PHE B 36 7.22 26.24 -8.41
CA PHE B 36 6.88 27.35 -7.56
C PHE B 36 8.02 27.62 -6.59
N LYS B 37 8.57 26.54 -6.05
CA LYS B 37 9.66 26.60 -5.07
C LYS B 37 10.90 27.28 -5.70
N LEU B 38 11.12 27.10 -7.00
CA LEU B 38 12.28 27.70 -7.64
C LEU B 38 12.17 29.20 -7.79
N GLN B 39 10.97 29.74 -7.66
CA GLN B 39 10.81 31.16 -7.84
C GLN B 39 11.57 31.91 -6.75
N LYS B 40 11.74 31.26 -5.59
CA LYS B 40 12.49 31.87 -4.49
C LYS B 40 13.95 32.11 -4.88
N LYS B 41 14.41 31.38 -5.88
CA LYS B 41 15.81 31.37 -6.26
C LYS B 41 16.04 32.23 -7.53
N TYR B 42 15.11 32.16 -8.48
CA TYR B 42 15.34 32.63 -9.85
C TYR B 42 14.34 33.71 -10.30
N GLY B 43 13.32 33.97 -9.50
CA GLY B 43 12.30 34.91 -9.91
C GLY B 43 11.09 34.24 -10.52
N PRO B 44 10.08 35.03 -10.87
CA PRO B 44 8.77 34.52 -11.29
C PRO B 44 8.73 34.03 -12.74
N ILE B 45 9.84 34.17 -13.48
CA ILE B 45 9.90 33.69 -14.84
C ILE B 45 11.31 33.20 -15.17
N TYR B 46 11.39 31.96 -15.64
CA TYR B 46 12.68 31.36 -15.98
C TYR B 46 12.47 30.28 -17.04
N SER B 47 13.58 29.80 -17.61
CA SER B 47 13.52 28.84 -18.70
C SER B 47 14.28 27.56 -18.39
N VAL B 48 13.92 26.52 -19.13
CA VAL B 48 14.60 25.24 -19.09
C VAL B 48 14.80 24.79 -20.55
N ARG B 49 15.90 24.13 -20.88
CA ARG B 49 16.13 23.68 -22.26
C ARG B 49 16.25 22.15 -22.34
N MET B 50 15.31 21.54 -23.06
CA MET B 50 15.28 20.09 -23.27
C MET B 50 15.61 19.78 -24.73
N GLY B 51 16.86 19.42 -25.02
CA GLY B 51 17.32 19.29 -26.39
C GLY B 51 17.31 20.63 -27.11
N THR B 52 16.39 20.75 -28.06
CA THR B 52 16.23 21.94 -28.87
C THR B 52 14.95 22.67 -28.49
N LYS B 53 14.12 22.05 -27.64
CA LYS B 53 12.92 22.72 -27.16
C LYS B 53 13.29 23.53 -25.94
N THR B 54 12.82 24.78 -25.95
CA THR B 54 12.92 25.66 -24.82
C THR B 54 11.52 25.82 -24.23
N THR B 55 11.46 25.70 -22.90
CA THR B 55 10.21 25.90 -22.19
C THR B 55 10.36 27.04 -21.23
N VAL B 56 9.35 27.91 -21.20
CA VAL B 56 9.35 29.04 -20.29
C VAL B 56 8.23 28.86 -19.27
N ILE B 57 8.57 29.06 -18.00
CA ILE B 57 7.61 28.92 -16.91
C ILE B 57 7.36 30.29 -16.30
N VAL B 58 6.09 30.57 -16.04
CA VAL B 58 5.66 31.89 -15.61
C VAL B 58 4.83 31.75 -14.37
N GLY B 59 5.24 32.42 -13.29
CA GLY B 59 4.62 32.25 -11.99
C GLY B 59 4.21 33.54 -11.28
N HIS B 60 3.85 34.59 -12.02
CA HIS B 60 3.34 35.84 -11.44
C HIS B 60 2.18 36.34 -12.31
N HIS B 61 1.13 36.82 -11.66
CA HIS B 61 -0.11 37.15 -12.35
C HIS B 61 0.12 38.23 -13.41
N GLN B 62 0.95 39.20 -13.08
CA GLN B 62 1.26 40.27 -14.01
C GLN B 62 1.83 39.72 -15.33
N LEU B 63 2.84 38.86 -15.25
CA LEU B 63 3.45 38.23 -16.44
C LEU B 63 2.48 37.24 -17.10
N ALA B 64 1.63 36.62 -16.29
CA ALA B 64 0.69 35.64 -16.79
C ALA B 64 -0.40 36.29 -17.63
N LYS B 65 -0.97 37.37 -17.11
CA LYS B 65 -2.06 38.08 -17.76
C LYS B 65 -1.54 38.76 -19.02
N GLU B 66 -0.24 38.97 -19.08
CA GLU B 66 0.41 39.49 -20.27
C GLU B 66 0.45 38.42 -21.37
N VAL B 67 0.79 37.21 -20.98
CA VAL B 67 0.84 36.07 -21.91
C VAL B 67 -0.55 35.66 -22.40
N LEU B 68 -1.50 35.65 -21.47
CA LEU B 68 -2.84 35.14 -21.71
C LEU B 68 -3.75 36.19 -22.39
N ILE B 69 -3.65 37.47 -22.01
CA ILE B 69 -4.61 38.50 -22.45
C ILE B 69 -3.98 39.52 -23.40
N LYS B 70 -3.06 40.33 -22.88
CA LYS B 70 -2.52 41.48 -23.60
C LYS B 70 -1.80 41.04 -24.87
N LYS B 71 -1.08 39.92 -24.80
CA LYS B 71 -0.45 39.33 -25.97
C LYS B 71 -1.00 37.93 -26.22
N GLY B 72 -2.25 37.72 -25.83
CA GLY B 72 -2.93 36.46 -26.00
C GLY B 72 -2.67 35.74 -27.30
N LYS B 73 -2.88 36.50 -28.37
CA LYS B 73 -2.81 36.03 -29.75
C LYS B 73 -1.43 35.49 -30.08
N ASP B 74 -0.40 36.11 -29.51
CA ASP B 74 0.99 35.71 -29.75
C ASP B 74 1.32 34.34 -29.18
N PHE B 75 0.68 33.98 -28.06
CA PHE B 75 0.94 32.73 -27.35
C PHE B 75 -0.26 31.78 -27.35
N SER B 76 -1.02 31.75 -28.43
CA SER B 76 -2.26 30.98 -28.46
C SER B 76 -2.07 29.57 -29.12
N GLY B 77 -0.84 29.23 -29.45
CA GLY B 77 -0.54 27.93 -30.04
C GLY B 77 -0.47 26.80 -29.00
N ARG B 78 -0.52 25.56 -29.45
CA ARG B 78 -0.36 24.38 -28.58
C ARG B 78 0.82 23.59 -29.09
N PRO B 79 1.74 23.22 -28.20
CA PRO B 79 2.86 22.42 -28.66
C PRO B 79 2.40 21.04 -29.09
N GLN B 80 3.29 20.32 -29.74
CA GLN B 80 3.03 18.97 -30.18
C GLN B 80 3.53 18.03 -29.12
N MET B 81 2.69 17.07 -28.75
CA MET B 81 3.11 16.02 -27.85
C MET B 81 2.61 14.71 -28.42
N ALA B 82 3.46 13.69 -28.34
CA ALA B 82 3.12 12.38 -28.87
C ALA B 82 1.79 11.85 -28.37
N THR B 83 1.57 11.99 -27.07
CA THR B 83 0.35 11.51 -26.45
C THR B 83 -0.93 12.28 -26.89
N LEU B 84 -0.85 13.60 -26.91
CA LEU B 84 -1.98 14.45 -27.30
C LEU B 84 -2.37 14.25 -28.77
N ASP B 85 -1.36 14.02 -29.60
CA ASP B 85 -1.54 13.74 -31.02
C ASP B 85 -2.53 12.60 -31.22
N ILE B 86 -2.43 11.59 -30.36
CA ILE B 86 -3.28 10.41 -30.48
C ILE B 86 -4.70 10.70 -30.05
N LEU B 87 -4.85 11.42 -28.95
CA LEU B 87 -6.18 11.74 -28.47
C LEU B 87 -6.90 12.67 -29.42
N SER B 88 -6.19 13.72 -29.83
CA SER B 88 -6.78 14.75 -30.67
C SER B 88 -6.85 14.35 -32.14
N ASN B 89 -6.52 13.09 -32.41
CA ASN B 89 -6.56 12.53 -33.75
C ASN B 89 -5.72 13.39 -34.70
N ASN B 90 -4.53 13.76 -34.21
CA ASN B 90 -3.54 14.67 -34.83
C ASN B 90 -3.99 16.14 -34.86
N ARG B 91 -4.03 16.74 -33.67
CA ARG B 91 -4.24 18.16 -33.48
C ARG B 91 -5.50 18.72 -34.14
N LYS B 92 -6.52 17.88 -34.27
CA LYS B 92 -7.84 18.38 -34.65
C LYS B 92 -8.56 18.74 -33.36
N GLY B 93 -9.88 18.94 -33.40
CA GLY B 93 -10.56 19.31 -32.17
C GLY B 93 -10.29 20.76 -31.77
N ILE B 94 -10.46 21.05 -30.48
CA ILE B 94 -10.25 22.39 -29.91
C ILE B 94 -9.05 22.46 -28.94
N ALA B 95 -9.13 21.69 -27.85
CA ALA B 95 -8.19 21.83 -26.72
C ALA B 95 -6.71 21.69 -27.05
N PHE B 96 -6.37 20.76 -27.92
CA PHE B 96 -4.95 20.49 -28.22
C PHE B 96 -4.57 20.83 -29.65
N ALA B 97 -5.53 21.39 -30.39
CA ALA B 97 -5.27 21.94 -31.73
C ALA B 97 -4.50 23.25 -31.66
N ASP B 98 -3.59 23.39 -32.63
CA ASP B 98 -2.79 24.59 -32.74
C ASP B 98 -3.69 25.70 -33.25
N SER B 99 -3.18 26.92 -33.15
CA SER B 99 -3.89 28.09 -33.61
C SER B 99 -3.98 28.06 -35.13
N GLY B 100 -5.19 28.27 -35.64
CA GLY B 100 -5.45 28.14 -37.06
C GLY B 100 -6.94 28.20 -37.36
N ALA B 101 -7.30 27.99 -38.62
CA ALA B 101 -8.68 28.15 -39.04
C ALA B 101 -9.52 27.13 -38.31
N HIS B 102 -9.07 25.90 -38.41
CA HIS B 102 -9.76 24.77 -37.83
C HIS B 102 -9.98 24.97 -36.32
N TRP B 103 -8.93 25.31 -35.57
CA TRP B 103 -9.13 25.57 -34.16
C TRP B 103 -10.20 26.62 -33.90
N GLN B 104 -10.05 27.76 -34.57
CA GLN B 104 -10.91 28.94 -34.38
C GLN B 104 -12.36 28.71 -34.77
N LEU B 105 -12.56 27.94 -35.83
CA LEU B 105 -13.90 27.66 -36.33
C LEU B 105 -14.69 26.85 -35.33
N HIS B 106 -14.07 25.78 -34.84
CA HIS B 106 -14.74 24.86 -33.94
C HIS B 106 -14.95 25.47 -32.58
N ARG B 107 -14.00 26.28 -32.13
CA ARG B 107 -14.18 26.96 -30.85
C ARG B 107 -15.37 27.90 -30.89
N ARG B 108 -15.55 28.61 -32.01
CA ARG B 108 -16.68 29.54 -32.15
C ARG B 108 -18.04 28.84 -32.17
N LEU B 109 -18.12 27.80 -32.98
CA LEU B 109 -19.36 27.03 -33.19
C LEU B 109 -19.82 26.34 -31.90
N ALA B 110 -18.87 25.80 -31.14
CA ALA B 110 -19.19 25.18 -29.88
C ALA B 110 -19.74 26.22 -28.92
N MET B 111 -19.15 27.42 -28.97
CA MET B 111 -19.60 28.54 -28.15
C MET B 111 -20.99 28.98 -28.59
N ALA B 112 -21.22 28.94 -29.90
CA ALA B 112 -22.50 29.32 -30.47
C ALA B 112 -23.62 28.43 -29.97
N THR B 113 -23.35 27.14 -29.89
CA THR B 113 -24.35 26.17 -29.44
C THR B 113 -24.93 26.48 -28.06
N PHE B 114 -24.12 27.05 -27.18
CA PHE B 114 -24.58 27.30 -25.81
C PHE B 114 -25.70 28.32 -25.82
N ALA B 115 -25.74 29.14 -26.86
CA ALA B 115 -26.75 30.19 -27.03
C ALA B 115 -28.12 29.57 -27.27
N LEU B 116 -28.11 28.35 -27.79
CA LEU B 116 -29.33 27.55 -28.02
C LEU B 116 -29.95 27.04 -26.72
N PHE B 117 -29.36 27.47 -25.59
CA PHE B 117 -29.82 27.01 -24.29
C PHE B 117 -30.09 28.14 -23.27
N LYS B 118 -30.58 29.30 -23.72
CA LYS B 118 -30.75 30.43 -22.79
C LYS B 118 -32.21 30.47 -22.30
N ASP B 119 -33.06 29.66 -22.94
CA ASP B 119 -34.49 29.70 -22.67
C ASP B 119 -35.21 28.57 -23.41
N LYS B 123 -33.76 24.89 -22.15
CA LYS B 123 -33.08 25.80 -21.24
C LYS B 123 -32.06 25.09 -20.38
N LEU B 124 -30.87 25.67 -20.20
CA LEU B 124 -29.79 24.93 -19.54
C LEU B 124 -30.04 24.54 -18.09
N GLU B 125 -30.65 25.44 -17.32
CA GLU B 125 -30.93 25.18 -15.90
C GLU B 125 -31.84 23.98 -15.72
N LYS B 126 -32.83 23.93 -16.57
CA LYS B 126 -33.89 22.93 -16.55
C LYS B 126 -33.30 21.55 -16.85
N ILE B 127 -32.33 21.51 -17.77
CA ILE B 127 -31.68 20.26 -18.14
C ILE B 127 -30.86 19.75 -16.97
N ILE B 128 -30.16 20.66 -16.31
CA ILE B 128 -29.31 20.34 -15.17
C ILE B 128 -30.14 19.86 -13.95
N CYS B 129 -31.29 20.46 -13.72
CA CYS B 129 -32.09 20.09 -12.56
C CYS B 129 -32.73 18.75 -12.82
N GLN B 130 -33.11 18.51 -14.08
CA GLN B 130 -33.73 17.25 -14.48
C GLN B 130 -32.86 16.03 -14.18
N GLU B 131 -31.56 16.16 -14.45
CA GLU B 131 -30.64 15.06 -14.17
C GLU B 131 -30.25 14.95 -12.68
N ILE B 132 -30.14 16.09 -12.02
CA ILE B 132 -29.80 16.13 -10.62
C ILE B 132 -30.92 15.51 -9.77
N SER B 133 -32.17 15.70 -10.19
CA SER B 133 -33.28 15.14 -9.43
C SER B 133 -33.15 13.62 -9.46
N THR B 134 -32.79 13.09 -10.63
CA THR B 134 -32.53 11.67 -10.76
C THR B 134 -31.38 11.27 -9.81
N LEU B 135 -30.25 11.97 -9.92
CA LEU B 135 -29.06 11.72 -9.09
C LEU B 135 -29.39 11.64 -7.59
N CYS B 136 -30.10 12.63 -7.10
CA CYS B 136 -30.45 12.68 -5.70
C CYS B 136 -31.32 11.48 -5.33
N ASP B 137 -32.27 11.14 -6.21
CA ASP B 137 -33.19 10.01 -5.96
C ASP B 137 -32.39 8.71 -5.85
N MET B 138 -31.38 8.53 -6.70
CA MET B 138 -30.58 7.31 -6.66
C MET B 138 -29.78 7.29 -5.35
N LEU B 139 -29.10 8.38 -5.04
CA LEU B 139 -28.29 8.51 -3.82
C LEU B 139 -29.11 8.30 -2.55
N ALA B 140 -30.37 8.70 -2.60
CA ALA B 140 -31.27 8.61 -1.46
C ALA B 140 -31.46 7.14 -1.02
N THR B 141 -31.33 6.21 -1.97
CA THR B 141 -31.56 4.79 -1.70
C THR B 141 -30.45 4.21 -0.84
N HIS B 142 -29.29 4.84 -0.88
CA HIS B 142 -28.15 4.40 -0.12
C HIS B 142 -28.19 5.02 1.28
N ASN B 143 -29.39 5.41 1.71
CA ASN B 143 -29.51 6.08 3.00
C ASN B 143 -29.01 5.22 4.14
N GLY B 144 -28.07 5.75 4.90
CA GLY B 144 -27.48 5.00 6.01
C GLY B 144 -26.17 4.31 5.63
N GLN B 145 -25.76 4.43 4.37
CA GLN B 145 -24.60 3.69 3.85
C GLN B 145 -23.46 4.61 3.45
N SER B 146 -22.26 4.06 3.43
CA SER B 146 -21.09 4.78 2.96
C SER B 146 -20.77 4.35 1.55
N ILE B 147 -20.62 5.31 0.65
CA ILE B 147 -20.40 5.00 -0.75
C ILE B 147 -19.36 5.91 -1.37
N ASP B 148 -18.86 5.52 -2.55
CA ASP B 148 -18.09 6.41 -3.43
C ASP B 148 -19.07 6.97 -4.47
N ILE B 149 -19.27 8.28 -4.45
CA ILE B 149 -20.24 8.92 -5.33
C ILE B 149 -19.69 9.33 -6.71
N SER B 150 -18.50 8.87 -7.09
CA SER B 150 -17.90 9.28 -8.36
C SER B 150 -18.77 8.92 -9.55
N PHE B 151 -19.26 7.67 -9.58
CA PHE B 151 -19.98 7.14 -10.74
C PHE B 151 -21.38 7.78 -10.93
N PRO B 152 -22.17 7.89 -9.84
CA PRO B 152 -23.46 8.59 -9.92
C PRO B 152 -23.40 10.00 -10.50
N VAL B 153 -22.38 10.75 -10.05
CA VAL B 153 -22.18 12.11 -10.49
C VAL B 153 -21.73 12.12 -11.94
N PHE B 154 -20.87 11.17 -12.29
CA PHE B 154 -20.39 10.99 -13.65
C PHE B 154 -21.55 10.82 -14.61
N VAL B 155 -22.51 9.99 -14.21
CA VAL B 155 -23.71 9.73 -14.99
C VAL B 155 -24.56 10.99 -15.16
N ALA B 156 -24.69 11.75 -14.08
CA ALA B 156 -25.50 12.95 -14.05
C ALA B 156 -25.00 13.95 -15.09
N VAL B 157 -23.73 14.33 -14.95
CA VAL B 157 -23.09 15.29 -15.83
C VAL B 157 -22.89 14.76 -17.28
N THR B 158 -22.85 13.44 -17.46
CA THR B 158 -22.69 12.83 -18.79
C THR B 158 -23.99 13.00 -19.57
N ASN B 159 -25.12 12.97 -18.89
CA ASN B 159 -26.38 13.17 -19.57
C ASN B 159 -26.55 14.61 -19.97
N VAL B 160 -26.13 15.53 -19.10
CA VAL B 160 -26.21 16.95 -19.39
C VAL B 160 -25.40 17.32 -20.64
N ILE B 161 -24.15 16.87 -20.69
CA ILE B 161 -23.31 17.17 -21.84
C ILE B 161 -23.77 16.42 -23.10
N SER B 162 -24.55 15.36 -22.90
CA SER B 162 -25.06 14.53 -23.99
C SER B 162 -26.29 15.19 -24.58
N LEU B 163 -27.14 15.75 -23.72
CA LEU B 163 -28.32 16.48 -24.16
C LEU B 163 -27.90 17.72 -24.96
N ILE B 164 -26.78 18.35 -24.61
CA ILE B 164 -26.33 19.54 -25.33
C ILE B 164 -25.73 19.15 -26.70
N CYS B 165 -25.09 17.98 -26.76
CA CYS B 165 -24.44 17.51 -27.98
C CYS B 165 -25.41 16.82 -28.96
N PHE B 166 -26.38 16.04 -28.47
CA PHE B 166 -27.23 15.27 -29.37
C PHE B 166 -28.68 15.28 -28.92
N ASN B 167 -29.03 16.09 -27.92
CA ASN B 167 -30.39 16.06 -27.37
C ASN B 167 -30.81 14.64 -26.90
N THR B 168 -29.83 13.83 -26.50
CA THR B 168 -30.10 12.48 -25.96
C THR B 168 -29.59 12.36 -24.52
N SER B 169 -30.01 11.31 -23.82
CA SER B 169 -29.56 11.03 -22.46
C SER B 169 -29.56 9.52 -22.27
N TYR B 170 -28.76 9.04 -21.31
CA TYR B 170 -28.68 7.62 -21.03
C TYR B 170 -29.65 7.22 -19.93
N LYS B 171 -30.38 6.13 -20.19
CA LYS B 171 -31.26 5.52 -19.19
C LYS B 171 -30.39 4.81 -18.17
N ASN B 172 -30.87 4.75 -16.94
CA ASN B 172 -30.12 4.12 -15.87
C ASN B 172 -29.76 2.67 -16.14
N GLY B 173 -28.50 2.32 -15.93
CA GLY B 173 -28.07 0.96 -16.22
C GLY B 173 -27.54 0.68 -17.60
N ASP B 174 -27.55 1.70 -18.46
CA ASP B 174 -27.03 1.55 -19.81
C ASP B 174 -25.54 1.36 -19.65
N PRO B 175 -25.01 0.20 -20.09
CA PRO B 175 -23.59 -0.13 -19.87
C PRO B 175 -22.68 0.78 -20.67
N GLU B 176 -23.23 1.52 -21.63
CA GLU B 176 -22.40 2.42 -22.41
C GLU B 176 -21.77 3.43 -21.47
N LEU B 177 -22.47 3.74 -20.38
CA LEU B 177 -21.94 4.59 -19.33
C LEU B 177 -20.68 4.04 -18.68
N ASN B 178 -20.68 2.73 -18.40
CA ASN B 178 -19.51 2.05 -17.84
C ASN B 178 -18.39 2.01 -18.84
N VAL B 179 -18.73 1.91 -20.11
CA VAL B 179 -17.74 1.85 -21.18
C VAL B 179 -17.00 3.19 -21.29
N ILE B 180 -17.74 4.28 -21.16
CA ILE B 180 -17.16 5.63 -21.23
C ILE B 180 -16.29 5.90 -20.02
N GLN B 181 -16.81 5.56 -18.85
CA GLN B 181 -16.08 5.73 -17.60
C GLN B 181 -14.74 5.04 -17.75
N ASN B 182 -14.80 3.85 -18.33
CA ASN B 182 -13.63 2.98 -18.48
C ASN B 182 -12.57 3.58 -19.40
N TYR B 183 -12.97 4.12 -20.56
CA TYR B 183 -11.96 4.63 -21.48
C TYR B 183 -11.49 6.01 -21.05
N ASN B 184 -12.37 6.77 -20.38
CA ASN B 184 -11.94 8.02 -19.78
C ASN B 184 -10.85 7.77 -18.74
N GLU B 185 -11.08 6.80 -17.84
CA GLU B 185 -10.06 6.48 -16.85
C GLU B 185 -8.75 6.08 -17.49
N GLY B 186 -8.84 5.29 -18.55
CA GLY B 186 -7.65 4.78 -19.22
C GLY B 186 -6.91 5.85 -20.00
N ILE B 187 -7.66 6.80 -20.57
CA ILE B 187 -7.06 7.93 -21.29
C ILE B 187 -6.31 8.86 -20.36
N ILE B 188 -6.94 9.19 -19.24
CA ILE B 188 -6.32 10.04 -18.25
C ILE B 188 -5.11 9.37 -17.62
N ASP B 189 -5.19 8.07 -17.38
CA ASP B 189 -4.07 7.34 -16.79
C ASP B 189 -2.82 7.43 -17.67
N ASN B 190 -2.98 7.25 -18.98
CA ASN B 190 -1.83 7.15 -19.85
C ASN B 190 -1.46 8.44 -20.59
N LEU B 191 -2.31 9.45 -20.51
CA LEU B 191 -2.03 10.69 -21.21
C LEU B 191 -0.74 11.32 -20.67
N SER B 192 -0.47 11.07 -19.38
CA SER B 192 0.72 11.59 -18.73
C SER B 192 0.95 11.01 -17.34
N LYS B 193 2.21 10.85 -16.94
CA LYS B 193 2.51 10.40 -15.58
C LYS B 193 1.96 11.44 -14.58
N ASP B 194 2.51 12.66 -14.62
CA ASP B 194 2.03 13.78 -13.79
C ASP B 194 1.26 14.74 -14.69
N SER B 195 1.65 16.02 -14.67
CA SER B 195 1.03 17.02 -15.53
C SER B 195 1.53 16.75 -16.92
N LEU B 196 1.04 17.51 -17.88
CA LEU B 196 1.44 17.39 -19.27
C LEU B 196 2.87 17.89 -19.34
N VAL B 197 3.24 18.73 -18.38
CA VAL B 197 4.59 19.24 -18.32
C VAL B 197 5.53 18.16 -17.72
N ASP B 198 6.25 17.53 -18.63
CA ASP B 198 7.40 16.66 -18.37
C ASP B 198 8.74 17.30 -18.77
N LEU B 199 9.59 17.63 -17.81
CA LEU B 199 10.96 18.01 -18.13
C LEU B 199 11.62 17.01 -19.07
N VAL B 200 11.95 15.83 -18.56
CA VAL B 200 12.49 14.74 -19.38
C VAL B 200 11.43 13.98 -20.19
N PRO B 201 11.69 13.74 -21.48
CA PRO B 201 10.70 13.05 -22.33
C PRO B 201 10.88 11.53 -22.28
N TRP B 202 10.52 10.95 -21.12
CA TRP B 202 10.76 9.53 -20.81
C TRP B 202 10.19 8.60 -21.85
N LEU B 203 9.08 9.00 -22.45
CA LEU B 203 8.38 8.18 -23.42
C LEU B 203 9.29 7.65 -24.53
N LYS B 204 10.23 8.49 -24.95
CA LYS B 204 11.06 8.20 -26.12
C LYS B 204 12.42 7.60 -25.75
N ILE B 205 12.67 7.44 -24.45
CA ILE B 205 13.98 7.06 -23.96
C ILE B 205 14.03 5.57 -23.59
N PHE B 206 12.93 5.06 -23.03
CA PHE B 206 12.84 3.65 -22.65
C PHE B 206 11.65 2.97 -23.31
N PRO B 207 11.78 1.67 -23.61
CA PRO B 207 10.66 0.90 -24.17
C PRO B 207 9.48 0.87 -23.21
N ASN B 208 8.28 1.04 -23.76
CA ASN B 208 7.07 1.08 -22.96
C ASN B 208 5.84 1.01 -23.83
N LYS B 209 4.70 0.69 -23.23
CA LYS B 209 3.48 0.43 -23.98
C LYS B 209 2.48 1.57 -23.80
N THR B 210 2.98 2.72 -23.32
CA THR B 210 2.12 3.87 -23.03
C THR B 210 1.28 4.23 -24.25
N LEU B 211 1.92 4.54 -25.37
CA LEU B 211 1.19 4.89 -26.59
C LEU B 211 0.33 3.74 -27.10
N GLU B 212 0.87 2.53 -27.03
CA GLU B 212 0.09 1.34 -27.35
C GLU B 212 -1.23 1.28 -26.59
N LYS B 213 -1.19 1.41 -25.27
CA LYS B 213 -2.41 1.35 -24.45
C LYS B 213 -3.37 2.50 -24.71
N LEU B 214 -2.82 3.69 -24.87
CA LEU B 214 -3.62 4.89 -25.10
C LEU B 214 -4.40 4.78 -26.41
N LYS B 215 -3.73 4.34 -27.48
CA LYS B 215 -4.39 4.07 -28.75
C LYS B 215 -5.56 3.12 -28.57
N SER B 216 -5.38 2.12 -27.72
CA SER B 216 -6.42 1.12 -27.52
C SER B 216 -7.67 1.75 -26.87
N HIS B 217 -7.49 2.68 -25.92
CA HIS B 217 -8.62 3.35 -25.27
C HIS B 217 -9.22 4.37 -26.23
N VAL B 218 -8.35 5.09 -26.91
CA VAL B 218 -8.79 6.09 -27.87
C VAL B 218 -9.58 5.45 -29.00
N LYS B 219 -9.12 4.29 -29.46
CA LYS B 219 -9.79 3.53 -30.52
C LYS B 219 -11.22 3.21 -30.12
N ILE B 220 -11.42 2.69 -28.90
CA ILE B 220 -12.75 2.39 -28.41
C ILE B 220 -13.67 3.60 -28.37
N ARG B 221 -13.14 4.72 -27.86
CA ARG B 221 -13.89 5.96 -27.79
C ARG B 221 -14.35 6.45 -29.15
N ASN B 222 -13.42 6.47 -30.11
CA ASN B 222 -13.70 6.95 -31.46
C ASN B 222 -14.72 6.07 -32.19
N ASP B 223 -14.63 4.75 -32.00
CA ASP B 223 -15.60 3.82 -32.61
C ASP B 223 -16.98 4.11 -32.02
N LEU B 224 -17.02 4.47 -30.75
CA LEU B 224 -18.30 4.76 -30.11
C LEU B 224 -18.86 6.09 -30.61
N LEU B 225 -17.97 6.98 -31.04
CA LEU B 225 -18.40 8.26 -31.58
C LEU B 225 -18.79 8.12 -33.05
N ASN B 226 -18.02 7.34 -33.81
CA ASN B 226 -18.33 7.10 -35.22
C ASN B 226 -19.69 6.45 -35.41
N LYS B 227 -20.04 5.52 -34.54
CA LYS B 227 -21.37 4.92 -34.62
C LYS B 227 -22.48 5.94 -34.36
N ILE B 228 -22.25 6.89 -33.46
CA ILE B 228 -23.20 7.99 -33.14
C ILE B 228 -23.39 8.91 -34.34
N LEU B 229 -22.28 9.32 -34.94
CA LEU B 229 -22.28 10.22 -36.08
C LEU B 229 -23.06 9.60 -37.22
N GLU B 230 -22.80 8.32 -37.48
CA GLU B 230 -23.43 7.62 -38.58
C GLU B 230 -24.94 7.53 -38.33
N ASN B 231 -25.30 7.26 -37.08
CA ASN B 231 -26.71 7.13 -36.70
C ASN B 231 -27.43 8.47 -36.64
N TYR B 232 -26.69 9.58 -36.72
CA TYR B 232 -27.31 10.89 -36.57
C TYR B 232 -27.54 11.51 -37.95
N LYS B 233 -26.76 11.10 -38.94
CA LYS B 233 -26.98 11.60 -40.29
C LYS B 233 -28.38 11.27 -40.75
N GLU B 234 -28.90 10.14 -40.31
CA GLU B 234 -30.25 9.80 -40.72
C GLU B 234 -31.27 10.56 -39.89
N LYS B 235 -30.80 11.25 -38.86
CA LYS B 235 -31.70 11.97 -37.96
C LYS B 235 -31.69 13.48 -38.21
N PHE B 236 -30.63 13.96 -38.84
CA PHE B 236 -30.42 15.40 -39.00
C PHE B 236 -31.49 16.05 -39.88
N ARG B 237 -31.80 17.31 -39.55
CA ARG B 237 -32.77 18.09 -40.33
C ARG B 237 -32.44 19.57 -40.27
N SER B 238 -32.41 20.20 -41.44
CA SER B 238 -31.93 21.57 -41.61
C SER B 238 -32.78 22.62 -40.84
N ASP B 239 -34.04 22.27 -40.57
CA ASP B 239 -34.98 23.20 -39.91
C ASP B 239 -34.87 23.18 -38.39
N SER B 240 -34.29 22.12 -37.84
CA SER B 240 -34.12 21.96 -36.39
C SER B 240 -32.66 22.02 -35.98
N ILE B 241 -32.26 23.10 -35.31
CA ILE B 241 -30.90 23.28 -34.82
C ILE B 241 -31.02 23.52 -33.32
N THR B 242 -30.86 22.41 -32.59
CA THR B 242 -31.11 22.34 -31.16
C THR B 242 -29.91 21.87 -30.32
N ASN B 243 -28.88 21.35 -30.98
CA ASN B 243 -27.72 20.81 -30.28
C ASN B 243 -26.42 21.08 -31.03
N MET B 244 -25.31 20.83 -30.34
CA MET B 244 -24.00 21.16 -30.87
C MET B 244 -23.69 20.44 -32.16
N LEU B 245 -24.27 19.26 -32.33
CA LEU B 245 -23.99 18.46 -33.51
C LEU B 245 -24.73 19.01 -34.72
N ASP B 246 -25.91 19.59 -34.49
CA ASP B 246 -26.67 20.27 -35.55
C ASP B 246 -25.89 21.50 -36.01
N THR B 247 -25.39 22.26 -35.04
CA THR B 247 -24.63 23.48 -35.30
C THR B 247 -23.40 23.19 -36.17
N LEU B 248 -22.84 22.01 -36.05
CA LEU B 248 -21.63 21.65 -36.79
C LEU B 248 -21.94 21.17 -38.21
N MET B 249 -22.91 20.28 -38.34
CA MET B 249 -23.27 19.75 -39.64
C MET B 249 -23.85 20.85 -40.52
N GLN B 250 -24.59 21.77 -39.89
CA GLN B 250 -25.16 22.92 -40.58
C GLN B 250 -24.06 23.71 -41.28
N ALA B 251 -22.93 23.86 -40.61
CA ALA B 251 -21.84 24.67 -41.12
C ALA B 251 -21.11 23.97 -42.26
N LYS B 252 -21.12 22.63 -42.25
CA LYS B 252 -20.54 21.83 -43.32
C LYS B 252 -21.44 21.98 -44.55
N MET B 253 -22.74 21.96 -44.30
CA MET B 253 -23.75 22.12 -45.34
C MET B 253 -23.60 23.49 -46.04
N ASN B 254 -23.42 24.54 -45.22
CA ASN B 254 -23.22 25.94 -45.66
C ASN B 254 -21.84 26.24 -46.25
N SER B 255 -21.26 25.28 -46.97
CA SER B 255 -19.94 25.42 -47.56
C SER B 255 -19.88 24.60 -48.86
N ASP B 256 -20.93 23.83 -49.09
CA ASP B 256 -21.15 23.05 -50.31
C ASP B 256 -22.14 23.80 -51.21
N SER B 266 -15.20 23.94 -44.88
CA SER B 266 -15.57 22.81 -45.71
C SER B 266 -14.66 21.59 -45.47
N GLU B 267 -13.39 21.72 -45.86
CA GLU B 267 -12.34 20.76 -45.53
C GLU B 267 -12.10 20.68 -44.01
N LEU B 268 -12.44 21.75 -43.31
CA LEU B 268 -12.25 21.87 -41.87
C LEU B 268 -13.41 21.36 -41.03
N LEU B 269 -14.38 20.73 -41.69
CA LEU B 269 -15.56 20.18 -41.02
C LEU B 269 -15.74 18.75 -41.52
N SER B 270 -14.62 18.09 -41.78
CA SER B 270 -14.62 16.69 -42.13
C SER B 270 -15.23 15.89 -41.01
N ASP B 271 -15.55 14.63 -41.30
CA ASP B 271 -16.10 13.74 -40.29
C ASP B 271 -15.18 13.70 -39.06
N ASN B 272 -13.86 13.63 -39.27
CA ASN B 272 -12.95 13.51 -38.13
C ASN B 272 -12.77 14.79 -37.33
N HIS B 273 -12.85 15.93 -38.00
CA HIS B 273 -12.78 17.22 -37.32
C HIS B 273 -13.98 17.39 -36.39
N ILE B 274 -15.14 17.05 -36.89
CA ILE B 274 -16.35 17.18 -36.11
C ILE B 274 -16.33 16.21 -34.94
N LEU B 275 -15.99 14.96 -35.23
CA LEU B 275 -15.92 13.90 -34.22
C LEU B 275 -15.03 14.30 -33.03
N THR B 276 -13.78 14.65 -33.34
CA THR B 276 -12.77 14.99 -32.33
C THR B 276 -13.19 16.15 -31.41
N THR B 277 -13.90 17.12 -32.00
CA THR B 277 -14.39 18.31 -31.29
C THR B 277 -15.44 17.89 -30.28
N ILE B 278 -16.29 16.93 -30.64
CA ILE B 278 -17.32 16.41 -29.74
C ILE B 278 -16.67 15.58 -28.64
N GLY B 279 -15.62 14.86 -28.99
CA GLY B 279 -14.80 14.18 -27.99
C GLY B 279 -14.29 15.10 -26.88
N ASP B 280 -13.66 16.21 -27.25
CA ASP B 280 -13.11 17.16 -26.28
C ASP B 280 -14.17 17.80 -25.40
N ILE B 281 -15.33 18.07 -25.98
CA ILE B 281 -16.42 18.65 -25.21
C ILE B 281 -16.95 17.66 -24.20
N PHE B 282 -17.23 16.45 -24.68
CA PHE B 282 -17.69 15.34 -23.86
C PHE B 282 -16.71 15.06 -22.73
N GLY B 283 -15.43 14.94 -23.07
CA GLY B 283 -14.40 14.66 -22.09
C GLY B 283 -14.25 15.73 -21.03
N ALA B 284 -14.32 16.98 -21.49
CA ALA B 284 -14.12 18.10 -20.60
C ALA B 284 -15.30 18.30 -19.67
N GLY B 285 -16.51 18.13 -20.20
CA GLY B 285 -17.71 18.42 -19.45
C GLY B 285 -17.99 17.42 -18.34
N VAL B 286 -17.28 16.31 -18.36
CA VAL B 286 -17.54 15.20 -17.44
C VAL B 286 -16.46 15.08 -16.40
N GLU B 287 -15.22 14.96 -16.85
CA GLU B 287 -14.14 14.73 -15.91
C GLU B 287 -13.83 15.96 -15.05
N THR B 288 -13.88 17.15 -15.62
CA THR B 288 -13.54 18.35 -14.85
C THR B 288 -14.55 18.65 -13.74
N THR B 289 -15.83 18.70 -14.11
CA THR B 289 -16.90 18.96 -13.16
C THR B 289 -16.88 17.95 -12.02
N THR B 290 -16.91 16.67 -12.40
CA THR B 290 -16.88 15.55 -11.47
C THR B 290 -15.70 15.59 -10.50
N SER B 291 -14.53 15.97 -11.01
CA SER B 291 -13.34 16.08 -10.17
C SER B 291 -13.57 17.14 -9.10
N VAL B 292 -14.10 18.31 -9.48
CA VAL B 292 -14.30 19.43 -8.54
C VAL B 292 -15.34 19.10 -7.46
N VAL B 293 -16.42 18.42 -7.85
CA VAL B 293 -17.45 17.99 -6.89
C VAL B 293 -16.81 17.14 -5.81
N LYS B 294 -15.99 16.18 -6.21
CA LYS B 294 -15.32 15.30 -5.26
C LYS B 294 -14.41 16.12 -4.32
N TRP B 295 -13.64 17.04 -4.92
CA TRP B 295 -12.82 17.97 -4.15
C TRP B 295 -13.64 18.77 -3.16
N THR B 296 -14.82 19.22 -3.57
CA THR B 296 -15.58 20.07 -2.68
C THR B 296 -16.09 19.31 -1.47
N LEU B 297 -16.62 18.10 -1.68
CA LEU B 297 -17.02 17.23 -0.57
C LEU B 297 -15.89 16.93 0.37
N ALA B 298 -14.70 16.74 -0.21
CA ALA B 298 -13.56 16.31 0.58
C ALA B 298 -13.18 17.42 1.54
N PHE B 299 -13.10 18.64 1.02
CA PHE B 299 -12.81 19.79 1.86
C PHE B 299 -13.84 20.00 2.99
N LEU B 300 -15.12 19.74 2.71
CA LEU B 300 -16.14 19.88 3.74
C LEU B 300 -16.05 18.80 4.85
N LEU B 301 -15.63 17.59 4.52
CA LEU B 301 -15.42 16.58 5.57
C LEU B 301 -14.25 16.92 6.48
N HIS B 302 -13.30 17.69 5.97
CA HIS B 302 -12.19 18.15 6.81
C HIS B 302 -12.56 19.42 7.58
N ASN B 303 -13.64 20.08 7.16
CA ASN B 303 -14.03 21.39 7.71
C ASN B 303 -15.51 21.44 8.01
N PRO B 304 -15.95 20.72 9.05
CA PRO B 304 -17.37 20.53 9.38
C PRO B 304 -18.02 21.82 9.83
N GLN B 305 -17.23 22.73 10.37
CA GLN B 305 -17.75 24.00 10.78
C GLN B 305 -18.25 24.82 9.59
N VAL B 306 -17.57 24.67 8.47
CA VAL B 306 -18.00 25.30 7.23
C VAL B 306 -19.21 24.62 6.65
N LYS B 307 -19.20 23.30 6.70
CA LYS B 307 -20.33 22.51 6.24
C LYS B 307 -21.59 22.84 7.03
N LYS B 308 -21.42 23.05 8.34
CA LYS B 308 -22.53 23.40 9.23
C LYS B 308 -23.14 24.73 8.77
N LYS B 309 -22.30 25.73 8.50
CA LYS B 309 -22.81 27.04 8.08
C LYS B 309 -23.52 26.97 6.73
N LEU B 310 -23.13 26.03 5.87
CA LEU B 310 -23.79 25.92 4.57
C LEU B 310 -25.18 25.37 4.75
N TYR B 311 -25.28 24.30 5.52
CA TYR B 311 -26.57 23.79 5.95
C TYR B 311 -27.42 24.91 6.54
N GLU B 312 -26.89 25.65 7.51
CA GLU B 312 -27.63 26.76 8.07
C GLU B 312 -28.06 27.77 7.00
N GLU B 313 -27.12 28.13 6.14
CA GLU B 313 -27.36 29.12 5.10
C GLU B 313 -28.47 28.70 4.15
N ILE B 314 -28.42 27.48 3.66
CA ILE B 314 -29.36 27.07 2.64
C ILE B 314 -30.75 26.84 3.21
N ASP B 315 -30.82 26.45 4.48
CA ASP B 315 -32.10 26.32 5.18
C ASP B 315 -32.81 27.66 5.32
N GLN B 316 -32.05 28.71 5.62
CA GLN B 316 -32.67 30.01 5.86
C GLN B 316 -33.11 30.76 4.59
N ASN B 317 -32.38 30.64 3.48
CA ASN B 317 -32.69 31.45 2.30
C ASN B 317 -33.38 30.62 1.21
N VAL B 318 -33.44 29.31 1.44
CA VAL B 318 -34.15 28.37 0.56
C VAL B 318 -34.95 27.50 1.50
N GLY B 319 -36.19 27.20 1.16
CA GLY B 319 -37.02 26.41 2.05
C GLY B 319 -37.26 25.05 1.44
N PHE B 320 -37.71 24.09 2.24
CA PHE B 320 -37.82 22.71 1.75
C PHE B 320 -39.12 22.57 0.93
N SER B 321 -39.68 23.73 0.60
CA SER B 321 -40.91 23.85 -0.13
C SER B 321 -40.62 23.67 -1.61
N ARG B 322 -39.36 23.86 -1.98
CA ARG B 322 -38.94 23.84 -3.39
C ARG B 322 -37.48 23.49 -3.45
N THR B 323 -37.05 23.10 -4.64
CA THR B 323 -35.65 22.89 -4.89
C THR B 323 -34.92 24.18 -5.22
N PRO B 324 -33.59 24.18 -5.06
CA PRO B 324 -32.82 25.37 -5.40
C PRO B 324 -32.78 25.57 -6.92
N THR B 325 -32.72 26.85 -7.29
CA THR B 325 -32.65 27.30 -8.68
C THR B 325 -31.43 28.17 -8.84
N ILE B 326 -31.12 28.55 -10.08
CA ILE B 326 -29.95 29.40 -10.33
C ILE B 326 -30.07 30.76 -9.68
N SER B 327 -31.29 31.25 -9.52
CA SER B 327 -31.49 32.51 -8.84
C SER B 327 -31.02 32.50 -7.39
N ASP B 328 -30.95 31.32 -6.77
CA ASP B 328 -30.56 31.25 -5.36
C ASP B 328 -29.08 31.49 -5.11
N ARG B 329 -28.32 31.62 -6.19
CA ARG B 329 -26.89 31.95 -6.14
C ARG B 329 -26.69 33.37 -5.54
N ASN B 330 -27.65 34.26 -5.82
CA ASN B 330 -27.64 35.64 -5.29
C ASN B 330 -27.80 35.68 -3.76
N ARG B 331 -28.14 34.53 -3.17
CA ARG B 331 -28.48 34.42 -1.74
C ARG B 331 -27.59 33.43 -0.97
N LEU B 332 -27.23 32.33 -1.62
CA LEU B 332 -26.37 31.32 -0.99
C LEU B 332 -24.88 31.64 -1.24
N LEU B 333 -24.39 32.69 -0.58
CA LEU B 333 -23.09 33.28 -0.91
C LEU B 333 -21.94 32.44 -0.38
N LEU B 334 -22.11 31.88 0.81
CA LEU B 334 -21.10 31.01 1.38
C LEU B 334 -20.86 29.79 0.50
N LEU B 335 -21.87 29.39 -0.26
CA LEU B 335 -21.73 28.24 -1.13
C LEU B 335 -20.91 28.55 -2.38
N GLU B 336 -21.18 29.71 -2.99
CA GLU B 336 -20.45 30.12 -4.18
C GLU B 336 -19.01 30.42 -3.77
N ALA B 337 -18.85 30.93 -2.56
CA ALA B 337 -17.55 31.24 -2.01
C ALA B 337 -16.72 29.99 -1.81
N THR B 338 -17.40 28.90 -1.45
CA THR B 338 -16.76 27.61 -1.21
C THR B 338 -16.22 27.06 -2.52
N ILE B 339 -17.01 27.16 -3.57
CA ILE B 339 -16.60 26.67 -4.86
C ILE B 339 -15.38 27.44 -5.34
N ARG B 340 -15.40 28.76 -5.17
CA ARG B 340 -14.24 29.57 -5.53
C ARG B 340 -12.97 29.16 -4.79
N GLU B 341 -13.11 28.88 -3.49
CA GLU B 341 -11.96 28.54 -2.68
C GLU B 341 -11.39 27.17 -3.04
N VAL B 342 -12.25 26.26 -3.50
CA VAL B 342 -11.77 24.97 -3.97
C VAL B 342 -10.97 25.13 -5.26
N LEU B 343 -11.49 25.93 -6.19
CA LEU B 343 -10.84 26.15 -7.48
C LEU B 343 -9.54 26.92 -7.31
N ARG B 344 -9.37 27.54 -6.16
CA ARG B 344 -8.15 28.26 -5.88
C ARG B 344 -7.15 27.25 -5.36
N LEU B 345 -7.52 26.56 -4.29
CA LEU B 345 -6.64 25.61 -3.62
C LEU B 345 -6.27 24.39 -4.49
N ARG B 346 -7.28 23.86 -5.17
CA ARG B 346 -7.13 22.70 -6.04
C ARG B 346 -7.70 22.92 -7.42
N PRO B 347 -7.02 23.71 -8.24
CA PRO B 347 -7.50 23.93 -9.62
C PRO B 347 -7.43 22.66 -10.47
N VAL B 348 -8.41 22.55 -11.36
CA VAL B 348 -8.51 21.46 -12.32
C VAL B 348 -7.23 21.34 -13.14
N ALA B 349 -6.64 22.48 -13.49
CA ALA B 349 -5.40 22.50 -14.24
C ALA B 349 -4.40 23.43 -13.57
N PRO B 350 -3.62 22.90 -12.61
CA PRO B 350 -2.71 23.78 -11.89
C PRO B 350 -1.62 24.37 -12.79
N MET B 351 -1.49 23.91 -14.02
CA MET B 351 -0.60 24.57 -14.96
C MET B 351 -1.31 24.78 -16.30
N LEU B 352 -2.63 24.90 -16.23
CA LEU B 352 -3.45 25.04 -17.42
C LEU B 352 -3.00 23.96 -18.41
N ILE B 353 -3.06 24.28 -19.69
CA ILE B 353 -2.48 23.50 -20.77
C ILE B 353 -1.38 24.33 -21.37
N PRO B 354 -0.25 23.71 -21.70
CA PRO B 354 0.86 24.48 -22.30
C PRO B 354 0.47 25.39 -23.46
N HIS B 355 1.08 26.58 -23.50
CA HIS B 355 0.93 27.48 -24.62
C HIS B 355 2.20 27.48 -25.47
N LYS B 356 2.08 27.99 -26.70
CA LYS B 356 3.21 28.12 -27.60
C LYS B 356 3.18 29.50 -28.25
N ALA B 357 4.37 30.06 -28.47
CA ALA B 357 4.51 31.32 -29.19
C ALA B 357 4.45 31.10 -30.69
N ASN B 358 3.46 31.75 -31.30
CA ASN B 358 3.33 31.71 -32.75
C ASN B 358 4.35 32.58 -33.47
N VAL B 359 4.79 33.62 -32.78
CA VAL B 359 5.73 34.60 -33.33
C VAL B 359 6.81 34.99 -32.35
N ASP B 360 7.87 35.61 -32.84
CA ASP B 360 8.83 36.23 -31.94
C ASP B 360 8.06 37.23 -31.12
N SER B 361 8.28 37.22 -29.81
CA SER B 361 7.56 38.10 -28.93
C SER B 361 8.34 38.25 -27.63
N SER B 362 7.65 38.70 -26.58
CA SER B 362 8.31 38.93 -25.30
C SER B 362 7.36 38.75 -24.13
N ILE B 363 7.95 38.65 -22.94
CA ILE B 363 7.23 38.56 -21.66
C ILE B 363 8.00 39.30 -20.57
N GLY B 364 7.43 40.35 -19.99
CA GLY B 364 8.19 41.10 -18.99
C GLY B 364 9.46 41.65 -19.58
N GLU B 365 9.39 42.05 -20.84
CA GLU B 365 10.51 42.63 -21.58
C GLU B 365 11.65 41.66 -21.87
N PHE B 366 11.49 40.39 -21.49
CA PHE B 366 12.39 39.32 -21.95
C PHE B 366 12.01 38.83 -23.35
N ALA B 367 13.00 38.57 -24.18
CA ALA B 367 12.75 38.11 -25.54
C ALA B 367 12.28 36.69 -25.48
N VAL B 368 11.31 36.34 -26.32
CA VAL B 368 10.81 34.96 -26.40
C VAL B 368 10.64 34.60 -27.87
N ASP B 369 11.52 33.73 -28.34
CA ASP B 369 11.52 33.32 -29.74
C ASP B 369 10.28 32.49 -30.06
N LYS B 370 9.83 32.62 -31.31
CA LYS B 370 8.74 31.82 -31.85
C LYS B 370 9.00 30.34 -31.61
N GLY B 371 7.93 29.62 -31.31
CA GLY B 371 8.01 28.18 -31.13
C GLY B 371 8.24 27.77 -29.68
N THR B 372 8.60 28.72 -28.83
CA THR B 372 8.88 28.45 -27.42
C THR B 372 7.62 28.00 -26.70
N GLU B 373 7.77 26.97 -25.86
CA GLU B 373 6.67 26.52 -25.03
C GLU B 373 6.58 27.43 -23.81
N VAL B 374 5.37 27.81 -23.45
CA VAL B 374 5.15 28.69 -22.30
C VAL B 374 4.08 28.12 -21.40
N ILE B 375 4.39 28.08 -20.11
CA ILE B 375 3.55 27.43 -19.12
C ILE B 375 3.25 28.40 -18.00
N ILE B 376 1.98 28.48 -17.69
CA ILE B 376 1.48 29.37 -16.65
C ILE B 376 1.29 28.53 -15.38
N ASN B 377 2.10 28.83 -14.37
CA ASN B 377 2.00 28.12 -13.10
C ASN B 377 0.91 28.76 -12.26
N LEU B 378 -0.31 28.37 -12.56
CA LEU B 378 -1.50 28.81 -11.84
C LEU B 378 -1.45 28.47 -10.34
N TRP B 379 -0.80 27.36 -10.02
CA TRP B 379 -0.61 26.99 -8.63
C TRP B 379 0.16 28.08 -7.90
N ALA B 380 1.21 28.60 -8.55
CA ALA B 380 1.97 29.74 -8.00
C ALA B 380 1.05 30.94 -7.77
N LEU B 381 0.21 31.26 -8.76
CA LEU B 381 -0.65 32.43 -8.67
C LEU B 381 -1.64 32.28 -7.52
N HIS B 382 -2.12 31.06 -7.31
CA HIS B 382 -3.11 30.80 -6.28
C HIS B 382 -2.55 30.59 -4.87
N HIS B 383 -1.22 30.61 -4.71
CA HIS B 383 -0.63 30.33 -3.42
C HIS B 383 0.40 31.39 -3.07
N ASN B 384 0.47 32.41 -3.91
CA ASN B 384 1.30 33.56 -3.63
C ASN B 384 1.01 34.12 -2.25
N GLU B 385 2.07 34.27 -1.45
CA GLU B 385 1.94 34.69 -0.06
C GLU B 385 1.53 36.14 0.06
N LYS B 386 1.91 36.94 -0.95
CA LYS B 386 1.66 38.37 -0.97
C LYS B 386 0.26 38.73 -1.48
N GLU B 387 -0.37 37.82 -2.22
CA GLU B 387 -1.69 38.02 -2.81
C GLU B 387 -2.82 37.38 -2.01
N TRP B 388 -2.47 36.45 -1.12
CA TRP B 388 -3.48 35.66 -0.40
C TRP B 388 -3.09 35.52 1.06
N HIS B 389 -4.08 35.54 1.94
CA HIS B 389 -3.80 35.37 3.35
C HIS B 389 -3.88 33.91 3.74
N GLN B 390 -2.78 33.41 4.30
CA GLN B 390 -2.70 32.01 4.72
C GLN B 390 -3.15 31.05 3.60
N PRO B 391 -2.48 31.11 2.45
CA PRO B 391 -2.88 30.45 1.19
C PRO B 391 -2.95 28.94 1.24
N ASP B 392 -2.28 28.32 2.22
CA ASP B 392 -2.31 26.86 2.34
C ASP B 392 -3.60 26.39 2.99
N GLN B 393 -4.37 27.34 3.53
CA GLN B 393 -5.58 27.03 4.29
C GLN B 393 -6.87 27.14 3.49
N PHE B 394 -7.83 26.31 3.87
CA PHE B 394 -9.19 26.36 3.32
C PHE B 394 -10.04 27.39 4.05
N MET B 395 -10.22 28.55 3.41
CA MET B 395 -10.94 29.67 3.98
C MET B 395 -11.90 30.30 2.99
N PRO B 396 -13.09 29.72 2.83
CA PRO B 396 -14.11 30.27 1.93
C PRO B 396 -14.47 31.72 2.27
N GLU B 397 -14.29 32.06 3.54
CA GLU B 397 -14.54 33.41 4.06
C GLU B 397 -13.68 34.53 3.43
N ARG B 398 -12.65 34.16 2.68
CA ARG B 398 -11.78 35.12 1.99
C ARG B 398 -12.48 35.78 0.79
N PHE B 399 -13.49 35.09 0.26
CA PHE B 399 -14.32 35.60 -0.83
C PHE B 399 -15.58 36.30 -0.34
N LEU B 400 -15.65 36.57 0.95
CA LEU B 400 -16.78 37.34 1.49
C LEU B 400 -16.28 38.56 2.25
N ASN B 401 -17.06 39.64 2.17
CA ASN B 401 -16.82 40.82 3.00
C ASN B 401 -17.06 40.45 4.46
N PRO B 402 -16.43 41.19 5.40
CA PRO B 402 -16.51 40.87 6.82
C PRO B 402 -17.92 40.49 7.30
N ALA B 403 -18.93 41.17 6.76
CA ALA B 403 -20.31 40.93 7.15
C ALA B 403 -20.87 39.67 6.50
N GLY B 404 -20.20 39.18 5.46
CA GLY B 404 -20.65 37.99 4.77
C GLY B 404 -21.97 38.22 4.04
N THR B 405 -22.10 39.41 3.43
CA THR B 405 -23.34 39.81 2.75
C THR B 405 -23.20 39.90 1.23
N GLN B 406 -21.96 40.00 0.76
CA GLN B 406 -21.68 39.95 -0.67
C GLN B 406 -20.33 39.27 -0.98
N LEU B 407 -20.17 38.81 -2.22
CA LEU B 407 -18.90 38.26 -2.71
C LEU B 407 -17.86 39.31 -3.08
N ILE B 408 -16.59 38.94 -2.91
CA ILE B 408 -15.48 39.83 -3.26
C ILE B 408 -14.37 39.08 -3.98
N SER B 409 -13.58 39.81 -4.74
CA SER B 409 -12.40 39.26 -5.39
C SER B 409 -11.17 39.71 -4.63
N PRO B 410 -10.73 38.94 -3.62
CA PRO B 410 -9.68 39.47 -2.75
C PRO B 410 -8.33 39.55 -3.45
N SER B 411 -8.24 39.03 -4.66
CA SER B 411 -6.97 38.96 -5.36
C SER B 411 -7.18 38.77 -6.85
N VAL B 412 -6.42 39.52 -7.65
CA VAL B 412 -6.44 39.40 -9.11
C VAL B 412 -5.59 38.21 -9.62
N SER B 413 -4.87 37.57 -8.70
CA SER B 413 -3.98 36.47 -9.00
C SER B 413 -4.77 35.16 -8.94
N TYR B 414 -5.77 35.03 -9.82
CA TYR B 414 -6.79 34.00 -9.70
C TYR B 414 -7.45 33.66 -11.06
N LEU B 415 -7.05 32.56 -11.69
CA LEU B 415 -7.49 32.23 -13.05
C LEU B 415 -7.80 30.76 -13.25
N PRO B 416 -8.74 30.26 -12.44
CA PRO B 416 -9.06 28.83 -12.53
C PRO B 416 -9.54 28.46 -13.93
N PHE B 417 -10.26 29.33 -14.60
CA PHE B 417 -10.76 29.01 -15.94
C PHE B 417 -9.87 29.57 -17.05
N GLY B 418 -8.72 30.10 -16.67
CA GLY B 418 -7.82 30.71 -17.64
C GLY B 418 -8.35 32.04 -18.14
N ALA B 419 -7.75 32.55 -19.20
CA ALA B 419 -8.14 33.83 -19.79
C ALA B 419 -7.61 34.02 -21.20
N GLY B 420 -8.29 34.84 -21.99
CA GLY B 420 -7.82 35.12 -23.34
C GLY B 420 -8.24 34.10 -24.37
N PRO B 421 -7.59 34.11 -25.55
CA PRO B 421 -7.93 33.26 -26.71
C PRO B 421 -8.18 31.79 -26.36
N ARG B 422 -7.37 31.21 -25.48
CA ARG B 422 -7.47 29.77 -25.20
C ARG B 422 -8.27 29.48 -23.92
N SER B 423 -9.07 30.44 -23.46
CA SER B 423 -9.77 30.29 -22.19
C SER B 423 -10.93 29.30 -22.26
N CYS B 424 -11.39 28.86 -21.08
CA CYS B 424 -12.49 27.91 -21.01
C CYS B 424 -13.77 28.43 -21.62
N ILE B 425 -14.38 27.56 -22.40
CA ILE B 425 -15.63 27.84 -23.10
C ILE B 425 -16.85 27.20 -22.45
N GLY B 426 -16.65 26.54 -21.32
CA GLY B 426 -17.74 25.87 -20.62
C GLY B 426 -17.92 26.41 -19.22
N GLU B 427 -17.34 27.59 -18.93
CA GLU B 427 -17.33 28.13 -17.57
C GLU B 427 -18.75 28.40 -17.02
N ILE B 428 -19.71 28.80 -17.85
CA ILE B 428 -21.04 29.05 -17.31
C ILE B 428 -21.71 27.71 -17.06
N LEU B 429 -21.51 26.77 -17.97
CA LEU B 429 -22.00 25.44 -17.77
C LEU B 429 -21.36 24.88 -16.50
N ALA B 430 -20.07 25.13 -16.36
CA ALA B 430 -19.34 24.61 -15.21
C ALA B 430 -19.82 25.21 -13.89
N ARG B 431 -19.86 26.52 -13.83
CA ARG B 431 -20.25 27.23 -12.62
C ARG B 431 -21.67 26.91 -12.16
N GLN B 432 -22.55 26.67 -13.11
CA GLN B 432 -23.93 26.35 -12.79
C GLN B 432 -24.12 24.94 -12.28
N GLU B 433 -23.61 23.97 -13.03
CA GLU B 433 -23.63 22.59 -12.57
C GLU B 433 -23.10 22.43 -11.16
N LEU B 434 -21.97 23.05 -10.88
CA LEU B 434 -21.35 22.87 -9.57
C LEU B 434 -22.26 23.44 -8.50
N PHE B 435 -22.79 24.63 -8.75
CA PHE B 435 -23.58 25.30 -7.75
C PHE B 435 -24.84 24.49 -7.44
N LEU B 436 -25.53 23.98 -8.47
CA LEU B 436 -26.79 23.29 -8.22
C LEU B 436 -26.62 21.92 -7.58
N ILE B 437 -25.63 21.14 -8.01
CA ILE B 437 -25.39 19.83 -7.42
C ILE B 437 -25.19 20.00 -5.92
N MET B 438 -24.27 20.88 -5.53
CA MET B 438 -23.99 21.10 -4.11
C MET B 438 -25.24 21.58 -3.38
N ALA B 439 -26.02 22.46 -4.00
CA ALA B 439 -27.19 23.02 -3.34
C ALA B 439 -28.25 21.93 -3.06
N TRP B 440 -28.56 21.15 -4.09
CA TRP B 440 -29.53 20.07 -4.01
C TRP B 440 -29.09 19.00 -3.01
N LEU B 441 -27.80 18.67 -3.03
CA LEU B 441 -27.30 17.71 -2.06
C LEU B 441 -27.40 18.22 -0.65
N LEU B 442 -26.94 19.44 -0.39
CA LEU B 442 -26.89 19.92 0.98
C LEU B 442 -28.30 20.07 1.52
N GLN B 443 -29.23 20.35 0.62
CA GLN B 443 -30.62 20.51 1.01
C GLN B 443 -31.19 19.21 1.54
N ARG B 444 -30.67 18.10 1.05
CA ARG B 444 -31.33 16.78 1.16
C ARG B 444 -30.58 15.71 1.96
N PHE B 445 -29.26 15.83 2.02
CA PHE B 445 -28.40 14.79 2.60
C PHE B 445 -27.52 15.30 3.73
N ASP B 446 -27.45 14.57 4.83
CA ASP B 446 -26.32 14.72 5.74
C ASP B 446 -25.16 14.01 5.08
N LEU B 447 -23.98 14.61 5.03
CA LEU B 447 -22.85 13.98 4.37
C LEU B 447 -21.71 13.98 5.35
N GLU B 448 -21.40 12.79 5.87
CA GLU B 448 -20.46 12.67 6.98
C GLU B 448 -19.33 11.70 6.72
N VAL B 449 -18.35 11.69 7.63
CA VAL B 449 -17.24 10.74 7.55
C VAL B 449 -17.69 9.32 7.83
N PRO B 450 -17.13 8.33 7.08
CA PRO B 450 -17.69 7.00 7.34
C PRO B 450 -17.50 6.51 8.78
N ASP B 451 -18.06 5.35 9.07
CA ASP B 451 -17.94 4.67 10.37
C ASP B 451 -16.52 4.33 10.86
N ASP B 452 -15.68 3.78 9.98
CA ASP B 452 -14.25 3.59 10.27
C ASP B 452 -13.41 4.86 10.45
N GLY B 453 -14.08 6.01 10.39
CA GLY B 453 -13.46 7.31 10.50
C GLY B 453 -12.51 7.89 9.46
N GLN B 454 -12.42 7.33 8.26
CA GLN B 454 -11.38 7.75 7.31
C GLN B 454 -11.69 9.08 6.59
N LEU B 455 -10.76 10.03 6.60
CA LEU B 455 -10.95 11.21 5.77
C LEU B 455 -10.12 11.05 4.49
N PRO B 456 -10.54 11.69 3.40
CA PRO B 456 -9.82 11.69 2.12
C PRO B 456 -8.49 12.44 2.19
N SER B 457 -7.47 11.95 1.48
CA SER B 457 -6.24 12.71 1.30
C SER B 457 -6.42 13.88 0.37
N LEU B 458 -6.04 15.06 0.84
CA LEU B 458 -6.12 16.29 0.04
C LEU B 458 -4.83 16.58 -0.69
N GLU B 459 -3.97 15.58 -0.85
CA GLU B 459 -2.67 15.80 -1.50
C GLU B 459 -2.89 15.92 -2.98
N GLY B 460 -3.73 15.05 -3.50
CA GLY B 460 -4.11 15.06 -4.89
C GLY B 460 -3.18 14.25 -5.75
N ILE B 461 -3.66 13.97 -6.96
CA ILE B 461 -2.93 13.24 -7.96
C ILE B 461 -2.84 14.05 -9.22
N PRO B 462 -1.70 14.72 -9.45
CA PRO B 462 -1.59 15.47 -10.71
C PRO B 462 -1.62 14.62 -11.97
N LYS B 463 -2.67 14.80 -12.77
CA LYS B 463 -2.74 14.30 -14.14
C LYS B 463 -3.07 15.48 -15.04
N VAL B 464 -3.63 15.21 -16.22
CA VAL B 464 -4.12 16.27 -17.06
C VAL B 464 -5.22 17.03 -16.33
N VAL B 465 -5.81 16.35 -15.37
CA VAL B 465 -6.71 16.97 -14.41
C VAL B 465 -6.15 16.65 -13.04
N PHE B 466 -6.39 17.54 -12.10
CA PHE B 466 -5.86 17.40 -10.76
C PHE B 466 -6.88 16.63 -9.95
N LEU B 467 -6.64 15.32 -9.89
CA LEU B 467 -7.59 14.36 -9.32
C LEU B 467 -7.41 14.18 -7.82
N ILE B 468 -8.45 13.69 -7.17
CA ILE B 468 -8.34 13.30 -5.77
C ILE B 468 -8.51 11.81 -5.65
N ASP B 469 -7.79 11.22 -4.71
CA ASP B 469 -7.89 9.79 -4.43
C ASP B 469 -9.34 9.41 -4.17
N SER B 470 -9.78 8.24 -4.64
CA SER B 470 -11.12 7.79 -4.32
C SER B 470 -11.35 7.69 -2.83
N PHE B 471 -12.56 8.00 -2.38
CA PHE B 471 -12.89 7.94 -0.97
C PHE B 471 -14.39 7.82 -0.76
N LYS B 472 -14.80 7.58 0.49
CA LYS B 472 -16.21 7.35 0.78
C LYS B 472 -16.83 8.35 1.74
N VAL B 473 -18.15 8.49 1.62
CA VAL B 473 -18.95 9.37 2.46
C VAL B 473 -20.23 8.70 2.95
N LYS B 474 -20.52 8.83 4.24
CA LYS B 474 -21.77 8.31 4.73
C LYS B 474 -22.87 9.28 4.37
N ILE B 475 -23.82 8.81 3.58
CA ILE B 475 -24.94 9.64 3.16
C ILE B 475 -26.25 9.24 3.82
N LYS B 476 -26.90 10.17 4.51
CA LYS B 476 -28.18 9.87 5.16
C LYS B 476 -29.13 11.04 4.83
N VAL B 477 -30.31 10.74 4.31
CA VAL B 477 -31.34 11.75 4.05
C VAL B 477 -31.67 12.49 5.34
N ARG B 478 -31.67 13.82 5.22
CA ARG B 478 -31.90 14.74 6.32
C ARG B 478 -33.30 14.64 6.91
N GLN B 479 -33.36 14.67 8.24
CA GLN B 479 -34.62 14.60 8.95
C GLN B 479 -35.50 15.74 8.55
N ALA B 480 -34.90 16.90 8.45
CA ALA B 480 -35.65 18.08 8.13
C ALA B 480 -36.34 17.95 6.76
N TRP B 481 -35.68 17.32 5.80
CA TRP B 481 -36.23 17.17 4.46
C TRP B 481 -37.44 16.20 4.42
N ARG B 482 -37.38 15.11 5.16
CA ARG B 482 -38.49 14.13 5.18
C ARG B 482 -39.76 14.72 5.77
N GLU B 483 -39.59 15.39 6.90
CA GLU B 483 -40.68 16.02 7.63
C GLU B 483 -41.51 16.90 6.70
N ALA B 484 -40.81 17.60 5.83
CA ALA B 484 -41.40 18.52 4.86
C ALA B 484 -42.01 17.84 3.63
N GLN B 485 -42.80 16.79 3.84
CA GLN B 485 -43.52 16.13 2.75
C GLN B 485 -44.97 15.80 3.09
N LEU C 13 16.08 41.84 -26.38
CA LEU C 13 17.37 42.38 -25.93
C LEU C 13 17.92 41.65 -24.72
N LEU C 14 17.06 41.54 -23.73
CA LEU C 14 17.33 40.88 -22.46
C LEU C 14 17.04 39.39 -22.53
N SER C 15 17.81 38.60 -21.77
CA SER C 15 17.74 37.14 -21.79
C SER C 15 17.28 36.52 -20.47
N LEU C 16 16.29 35.64 -20.54
CA LEU C 16 15.82 34.86 -19.38
C LEU C 16 16.92 34.03 -18.76
N PRO C 17 16.80 33.76 -17.44
CA PRO C 17 17.70 32.76 -16.89
C PRO C 17 17.40 31.36 -17.43
N LEU C 18 18.47 30.68 -17.79
CA LEU C 18 18.42 29.29 -18.22
C LEU C 18 18.84 28.44 -17.03
N VAL C 19 17.86 27.78 -16.44
CA VAL C 19 18.00 27.19 -15.14
C VAL C 19 18.17 25.66 -15.28
N GLY C 20 17.82 25.13 -16.44
CA GLY C 20 18.03 23.72 -16.73
C GLY C 20 18.38 23.48 -18.17
N SER C 21 19.27 22.54 -18.44
CA SER C 21 19.63 22.21 -19.81
C SER C 21 20.03 20.73 -20.00
N LEU C 22 19.35 20.07 -20.95
CA LEU C 22 19.76 18.75 -21.48
C LEU C 22 19.93 18.91 -22.98
N PRO C 23 21.08 19.43 -23.42
CA PRO C 23 21.24 19.75 -24.85
C PRO C 23 21.02 18.55 -25.75
N PHE C 24 21.45 17.38 -25.28
CA PHE C 24 21.43 16.19 -26.11
C PHE C 24 20.47 15.18 -25.50
N LEU C 25 19.87 14.35 -26.35
CA LEU C 25 19.02 13.25 -25.87
C LEU C 25 19.01 12.12 -26.88
N PRO C 26 19.05 10.86 -26.39
CA PRO C 26 18.98 9.68 -27.28
C PRO C 26 17.54 9.39 -27.69
N ARG C 27 17.35 8.92 -28.92
CA ARG C 27 16.06 8.40 -29.39
C ARG C 27 15.85 6.87 -29.33
N HIS C 28 15.59 6.28 -28.16
CA HIS C 28 15.55 4.80 -28.03
C HIS C 28 16.87 4.11 -28.42
N GLY C 29 17.41 3.35 -27.49
CA GLY C 29 18.72 2.76 -27.67
C GLY C 29 19.19 2.39 -26.30
N HIS C 30 20.03 1.38 -26.19
CA HIS C 30 20.47 0.93 -24.89
C HIS C 30 21.30 2.06 -24.27
N MET C 31 21.06 2.35 -23.00
CA MET C 31 21.74 3.48 -22.40
C MET C 31 23.25 3.38 -22.39
N HIS C 32 23.78 2.18 -22.17
CA HIS C 32 25.23 2.04 -22.13
C HIS C 32 25.86 2.39 -23.46
N ASN C 33 25.09 2.25 -24.53
CA ASN C 33 25.64 2.55 -25.84
C ASN C 33 25.52 4.06 -26.09
N ASN C 34 24.40 4.65 -25.69
CA ASN C 34 24.25 6.10 -25.75
C ASN C 34 25.32 6.82 -24.93
N PHE C 35 25.61 6.30 -23.75
CA PHE C 35 26.66 6.89 -22.91
C PHE C 35 27.97 6.75 -23.61
N PHE C 36 28.14 5.67 -24.36
CA PHE C 36 29.36 5.43 -25.08
C PHE C 36 29.56 6.41 -26.22
N LYS C 37 28.50 6.59 -27.02
CA LYS C 37 28.50 7.51 -28.16
C LYS C 37 28.78 8.94 -27.74
N LEU C 38 28.47 9.24 -26.50
CA LEU C 38 28.63 10.57 -25.98
C LEU C 38 30.09 10.85 -25.69
N GLN C 39 30.92 9.82 -25.58
CA GLN C 39 32.32 10.06 -25.31
C GLN C 39 33.06 10.68 -26.48
N LYS C 40 32.51 10.59 -27.68
CA LYS C 40 33.15 11.23 -28.84
C LYS C 40 33.06 12.75 -28.74
N LYS C 41 32.09 13.27 -28.00
CA LYS C 41 31.99 14.71 -27.81
C LYS C 41 32.57 15.15 -26.47
N TYR C 42 32.41 14.34 -25.44
CA TYR C 42 32.65 14.81 -24.07
C TYR C 42 33.80 14.04 -23.43
N GLY C 43 34.27 12.98 -24.08
CA GLY C 43 35.36 12.21 -23.50
C GLY C 43 34.98 11.08 -22.56
N PRO C 44 35.98 10.50 -21.90
CA PRO C 44 35.82 9.25 -21.15
C PRO C 44 35.27 9.45 -19.74
N ILE C 45 35.09 10.70 -19.34
CA ILE C 45 34.50 10.95 -18.05
C ILE C 45 33.68 12.23 -18.06
N TYR C 46 32.43 12.13 -17.62
CA TYR C 46 31.58 13.30 -17.57
C TYR C 46 30.47 13.07 -16.54
N SER C 47 29.63 14.07 -16.30
CA SER C 47 28.66 14.02 -15.21
C SER C 47 27.34 14.58 -15.64
N VAL C 48 26.33 14.31 -14.82
CA VAL C 48 25.00 14.88 -14.98
C VAL C 48 24.58 15.29 -13.62
N ARG C 49 23.85 16.39 -13.53
CA ARG C 49 23.40 16.92 -12.24
C ARG C 49 21.86 17.02 -12.23
N MET C 50 21.23 16.51 -11.17
CA MET C 50 19.79 16.67 -10.98
C MET C 50 19.45 17.06 -9.55
N GLY C 51 19.04 18.31 -9.37
CA GLY C 51 18.89 18.90 -8.06
C GLY C 51 20.21 18.73 -7.33
N THR C 52 20.14 18.12 -6.16
CA THR C 52 21.31 17.98 -5.32
C THR C 52 22.15 16.79 -5.80
N LYS C 53 21.51 15.77 -6.40
CA LYS C 53 22.19 14.54 -6.83
C LYS C 53 23.10 14.76 -8.04
N THR C 54 24.22 14.06 -8.08
CA THR C 54 25.17 14.13 -9.20
C THR C 54 25.64 12.72 -9.59
N THR C 55 25.63 12.42 -10.88
CA THR C 55 26.11 11.13 -11.36
C THR C 55 27.28 11.32 -12.30
N VAL C 56 28.25 10.44 -12.14
CA VAL C 56 29.41 10.41 -13.00
C VAL C 56 29.49 9.12 -13.83
N ILE C 57 29.81 9.26 -15.10
CA ILE C 57 30.01 8.12 -15.98
C ILE C 57 31.47 8.02 -16.44
N VAL C 58 32.01 6.81 -16.36
CA VAL C 58 33.40 6.53 -16.66
C VAL C 58 33.47 5.49 -17.77
N GLY C 59 34.27 5.81 -18.77
CA GLY C 59 34.32 5.10 -20.03
C GLY C 59 35.72 4.81 -20.54
N HIS C 60 36.72 4.84 -19.68
CA HIS C 60 38.08 4.49 -20.08
C HIS C 60 38.72 3.65 -18.97
N HIS C 61 39.42 2.58 -19.35
CA HIS C 61 39.90 1.57 -18.40
C HIS C 61 40.85 2.14 -17.33
N GLN C 62 41.58 3.19 -17.67
CA GLN C 62 42.58 3.75 -16.75
C GLN C 62 41.87 4.46 -15.61
N LEU C 63 40.82 5.21 -15.94
CA LEU C 63 40.07 5.90 -14.90
C LEU C 63 39.25 4.92 -14.06
N ALA C 64 38.72 3.90 -14.72
CA ALA C 64 37.90 2.89 -14.06
C ALA C 64 38.71 2.12 -13.04
N LYS C 65 39.98 1.83 -13.36
CA LYS C 65 40.81 1.09 -12.44
C LYS C 65 41.19 1.94 -11.26
N GLU C 66 41.15 3.26 -11.43
CA GLU C 66 41.43 4.16 -10.32
C GLU C 66 40.28 4.11 -9.31
N VAL C 67 39.06 4.12 -9.86
CA VAL C 67 37.83 4.00 -9.07
C VAL C 67 37.72 2.66 -8.37
N LEU C 68 37.97 1.57 -9.07
CA LEU C 68 37.71 0.24 -8.54
C LEU C 68 38.86 -0.30 -7.68
N ILE C 69 40.10 -0.05 -8.09
CA ILE C 69 41.26 -0.61 -7.40
C ILE C 69 42.01 0.46 -6.63
N LYS C 70 42.70 1.34 -7.36
CA LYS C 70 43.63 2.29 -6.77
C LYS C 70 42.99 3.16 -5.67
N LYS C 71 41.73 3.52 -5.87
CA LYS C 71 40.97 4.21 -4.83
C LYS C 71 39.68 3.48 -4.46
N GLY C 72 39.71 2.15 -4.58
CA GLY C 72 38.53 1.32 -4.36
C GLY C 72 37.70 1.60 -3.12
N LYS C 73 38.33 1.99 -2.02
CA LYS C 73 37.61 2.25 -0.79
C LYS C 73 36.92 3.59 -0.80
N ASP C 74 37.52 4.57 -1.48
CA ASP C 74 36.88 5.87 -1.65
C ASP C 74 35.55 5.74 -2.39
N PHE C 75 35.43 4.72 -3.25
CA PHE C 75 34.26 4.54 -4.14
C PHE C 75 33.49 3.23 -3.92
N SER C 76 33.65 2.62 -2.76
CA SER C 76 33.06 1.32 -2.49
C SER C 76 31.60 1.43 -2.07
N GLY C 77 31.03 2.64 -2.10
CA GLY C 77 29.66 2.82 -1.64
C GLY C 77 28.60 2.51 -2.68
N ARG C 78 27.34 2.47 -2.25
CA ARG C 78 26.21 2.23 -3.16
C ARG C 78 25.25 3.39 -3.02
N PRO C 79 24.60 3.79 -4.13
CA PRO C 79 23.53 4.78 -4.09
C PRO C 79 22.22 4.22 -3.60
N GLN C 80 21.42 5.02 -2.91
CA GLN C 80 20.10 4.59 -2.50
C GLN C 80 19.15 4.74 -3.67
N MET C 81 18.49 3.65 -4.04
CA MET C 81 17.51 3.66 -5.11
C MET C 81 16.23 3.01 -4.58
N ALA C 82 15.07 3.63 -4.85
CA ALA C 82 13.81 3.08 -4.37
C ALA C 82 13.56 1.65 -4.82
N THR C 83 13.85 1.39 -6.09
CA THR C 83 13.57 0.08 -6.64
C THR C 83 14.44 -0.94 -5.89
N LEU C 84 15.66 -0.54 -5.51
CA LEU C 84 16.57 -1.44 -4.82
C LEU C 84 16.24 -1.52 -3.35
N ASP C 85 15.65 -0.47 -2.78
CA ASP C 85 15.24 -0.53 -1.38
C ASP C 85 14.28 -1.68 -1.16
N ILE C 86 13.41 -1.90 -2.14
CA ILE C 86 12.45 -2.99 -2.07
C ILE C 86 13.10 -4.36 -2.21
N LEU C 87 13.93 -4.53 -3.22
CA LEU C 87 14.58 -5.80 -3.47
C LEU C 87 15.51 -6.19 -2.33
N SER C 88 16.17 -5.19 -1.72
CA SER C 88 17.22 -5.45 -0.70
C SER C 88 16.72 -5.28 0.72
N ASN C 89 15.39 -5.17 0.86
CA ASN C 89 14.75 -4.98 2.16
C ASN C 89 15.42 -3.85 2.93
N ASN C 90 15.57 -2.69 2.26
CA ASN C 90 16.22 -1.47 2.78
C ASN C 90 17.75 -1.50 2.95
N ARG C 91 18.44 -1.90 1.88
CA ARG C 91 19.90 -1.83 1.76
C ARG C 91 20.59 -2.85 2.64
N LYS C 92 19.90 -3.97 2.86
CA LYS C 92 20.54 -5.15 3.44
C LYS C 92 21.12 -6.05 2.34
N GLY C 93 21.67 -7.18 2.75
CA GLY C 93 22.25 -8.12 1.83
C GLY C 93 23.69 -7.72 1.62
N ILE C 94 24.20 -7.96 0.41
CA ILE C 94 25.59 -7.69 0.08
C ILE C 94 25.72 -6.70 -1.08
N ALA C 95 25.15 -7.08 -2.22
CA ALA C 95 25.37 -6.36 -3.46
C ALA C 95 24.84 -4.92 -3.47
N PHE C 96 23.68 -4.70 -2.86
CA PHE C 96 23.07 -3.37 -2.91
C PHE C 96 23.15 -2.63 -1.58
N ALA C 97 23.99 -3.13 -0.70
CA ALA C 97 24.20 -2.53 0.60
C ALA C 97 25.33 -1.52 0.53
N ASP C 98 25.19 -0.40 1.23
CA ASP C 98 26.27 0.56 1.28
C ASP C 98 27.45 -0.08 2.01
N SER C 99 28.63 0.45 1.77
CA SER C 99 29.82 0.05 2.49
C SER C 99 29.50 0.34 3.94
N GLY C 100 30.04 -0.45 4.85
CA GLY C 100 29.61 -0.38 6.24
C GLY C 100 29.83 -1.72 6.89
N ALA C 101 29.53 -1.83 8.18
CA ALA C 101 29.89 -3.05 8.89
C ALA C 101 29.07 -4.21 8.40
N HIS C 102 27.78 -3.98 8.18
CA HIS C 102 26.88 -5.05 7.74
C HIS C 102 27.34 -5.59 6.39
N TRP C 103 27.87 -4.73 5.53
CA TRP C 103 28.32 -5.21 4.23
C TRP C 103 29.66 -5.93 4.35
N GLN C 104 30.59 -5.41 5.14
CA GLN C 104 31.89 -6.06 5.29
C GLN C 104 31.75 -7.45 5.85
N LEU C 105 30.95 -7.57 6.91
CA LEU C 105 30.77 -8.84 7.59
C LEU C 105 30.18 -9.87 6.67
N HIS C 106 29.06 -9.54 6.05
CA HIS C 106 28.35 -10.51 5.23
C HIS C 106 29.16 -10.89 3.99
N ARG C 107 29.92 -9.95 3.44
CA ARG C 107 30.73 -10.27 2.28
C ARG C 107 31.85 -11.23 2.66
N ARG C 108 32.47 -10.98 3.79
CA ARG C 108 33.54 -11.82 4.29
C ARG C 108 33.06 -13.26 4.55
N LEU C 109 31.89 -13.40 5.16
CA LEU C 109 31.38 -14.69 5.59
C LEU C 109 31.02 -15.48 4.34
N ALA C 110 30.55 -14.79 3.32
CA ALA C 110 30.14 -15.50 2.13
C ALA C 110 31.38 -16.00 1.42
N MET C 111 32.43 -15.19 1.40
CA MET C 111 33.71 -15.60 0.82
C MET C 111 34.25 -16.76 1.59
N ALA C 112 34.10 -16.66 2.91
CA ALA C 112 34.56 -17.72 3.80
C ALA C 112 33.90 -19.05 3.46
N THR C 113 32.59 -19.03 3.30
CA THR C 113 31.81 -20.23 2.99
C THR C 113 32.41 -21.03 1.85
N PHE C 114 32.95 -20.35 0.86
CA PHE C 114 33.48 -21.03 -0.33
C PHE C 114 34.68 -21.94 -0.05
N ALA C 115 35.41 -21.69 1.03
CA ALA C 115 36.56 -22.51 1.40
C ALA C 115 36.18 -23.90 1.87
N LEU C 116 34.93 -24.04 2.28
CA LEU C 116 34.32 -25.30 2.71
C LEU C 116 34.13 -26.30 1.56
N PHE C 117 34.52 -25.88 0.36
CA PHE C 117 34.31 -26.64 -0.87
C PHE C 117 35.59 -26.99 -1.65
N LYS C 118 36.63 -27.38 -0.90
CA LYS C 118 37.94 -27.70 -1.48
C LYS C 118 38.35 -29.14 -1.09
N GLN C 122 33.44 -32.88 -0.23
CA GLN C 122 32.43 -31.88 -0.61
C GLN C 122 33.03 -30.85 -1.58
N LYS C 123 33.83 -31.33 -2.53
CA LYS C 123 34.44 -30.52 -3.58
C LYS C 123 33.48 -29.84 -4.54
N LEU C 124 33.77 -28.58 -4.86
CA LEU C 124 32.86 -27.79 -5.69
C LEU C 124 32.70 -28.41 -7.07
N GLU C 125 33.79 -28.94 -7.59
CA GLU C 125 33.76 -29.56 -8.90
C GLU C 125 32.74 -30.70 -9.01
N LYS C 126 32.73 -31.57 -7.99
CA LYS C 126 31.86 -32.76 -7.94
C LYS C 126 30.38 -32.42 -7.84
N ILE C 127 30.09 -31.42 -7.01
CA ILE C 127 28.73 -30.86 -6.90
C ILE C 127 28.18 -30.43 -8.27
N ILE C 128 28.98 -29.65 -9.00
CA ILE C 128 28.59 -29.12 -10.31
C ILE C 128 28.39 -30.20 -11.36
N CYS C 129 29.36 -31.13 -11.41
CA CYS C 129 29.35 -32.24 -12.36
C CYS C 129 28.18 -33.20 -12.13
N GLN C 130 27.83 -33.40 -10.86
CA GLN C 130 26.68 -34.23 -10.49
C GLN C 130 25.37 -33.70 -11.10
N GLU C 131 25.20 -32.37 -11.05
CA GLU C 131 24.00 -31.65 -11.52
C GLU C 131 23.93 -31.52 -13.03
N ILE C 132 25.11 -31.39 -13.67
CA ILE C 132 25.22 -31.35 -15.14
C ILE C 132 24.88 -32.71 -15.77
N SER C 133 25.23 -33.79 -15.05
CA SER C 133 24.91 -35.16 -15.47
C SER C 133 23.40 -35.36 -15.59
N THR C 134 22.66 -34.81 -14.63
CA THR C 134 21.20 -34.81 -14.66
C THR C 134 20.67 -34.02 -15.85
N LEU C 135 21.28 -32.86 -16.09
CA LEU C 135 20.84 -31.97 -17.13
C LEU C 135 20.94 -32.70 -18.46
N CYS C 136 22.07 -33.36 -18.66
CA CYS C 136 22.33 -34.09 -19.89
C CYS C 136 21.30 -35.19 -20.12
N ASP C 137 21.03 -35.95 -19.07
CA ASP C 137 20.05 -37.02 -19.13
C ASP C 137 18.68 -36.45 -19.48
N MET C 138 18.40 -35.24 -19.02
CA MET C 138 17.12 -34.60 -19.31
C MET C 138 16.95 -34.15 -20.73
N LEU C 139 18.00 -33.59 -21.31
CA LEU C 139 17.98 -33.13 -22.70
C LEU C 139 17.95 -34.28 -23.69
N ALA C 140 18.63 -35.37 -23.35
CA ALA C 140 18.69 -36.50 -24.23
C ALA C 140 17.32 -37.08 -24.50
N THR C 141 16.36 -36.78 -23.64
CA THR C 141 14.99 -37.23 -23.84
C THR C 141 14.25 -36.37 -24.86
N HIS C 142 14.84 -35.22 -25.22
CA HIS C 142 14.25 -34.36 -26.23
C HIS C 142 14.99 -34.56 -27.53
N ASN C 143 15.79 -35.62 -27.59
CA ASN C 143 16.57 -35.96 -28.77
C ASN C 143 15.78 -35.76 -30.08
N GLY C 144 16.29 -34.89 -30.94
CA GLY C 144 15.72 -34.65 -32.25
C GLY C 144 14.69 -33.53 -32.23
N GLN C 145 14.40 -32.99 -31.06
CA GLN C 145 13.41 -31.92 -30.92
C GLN C 145 14.07 -30.55 -30.89
N SER C 146 13.29 -29.54 -31.24
CA SER C 146 13.71 -28.16 -31.12
C SER C 146 13.07 -27.51 -29.89
N ILE C 147 13.86 -27.25 -28.86
CA ILE C 147 13.33 -26.76 -27.58
C ILE C 147 14.08 -25.58 -26.97
N ASP C 148 13.50 -24.93 -25.97
CA ASP C 148 14.23 -23.94 -25.20
C ASP C 148 14.87 -24.65 -24.02
N ILE C 149 16.19 -24.54 -23.92
CA ILE C 149 16.90 -25.25 -22.86
C ILE C 149 17.07 -24.40 -21.59
N SER C 150 16.41 -23.25 -21.54
CA SER C 150 16.56 -22.36 -20.39
C SER C 150 16.22 -23.11 -19.11
N PHE C 151 15.03 -23.70 -19.04
CA PHE C 151 14.54 -24.23 -17.78
C PHE C 151 15.41 -25.40 -17.29
N PRO C 152 15.79 -26.34 -18.16
CA PRO C 152 16.68 -27.41 -17.67
C PRO C 152 18.01 -26.87 -17.15
N VAL C 153 18.58 -25.89 -17.85
CA VAL C 153 19.80 -25.24 -17.38
C VAL C 153 19.57 -24.49 -16.08
N PHE C 154 18.42 -23.83 -15.99
CA PHE C 154 18.04 -23.14 -14.76
C PHE C 154 18.03 -24.09 -13.55
N VAL C 155 17.34 -25.22 -13.71
CA VAL C 155 17.24 -26.25 -12.67
C VAL C 155 18.60 -26.71 -12.18
N ALA C 156 19.49 -26.96 -13.11
CA ALA C 156 20.84 -27.41 -12.79
C ALA C 156 21.55 -26.44 -11.85
N VAL C 157 21.66 -25.19 -12.28
CA VAL C 157 22.35 -24.16 -11.50
C VAL C 157 21.65 -23.78 -10.19
N THR C 158 20.32 -23.83 -10.17
CA THR C 158 19.56 -23.65 -8.93
C THR C 158 19.97 -24.68 -7.89
N ASN C 159 20.09 -25.93 -8.34
CA ASN C 159 20.51 -27.01 -7.45
C ASN C 159 21.93 -26.83 -6.96
N VAL C 160 22.83 -26.39 -7.82
CA VAL C 160 24.20 -26.14 -7.39
C VAL C 160 24.26 -25.13 -6.24
N ILE C 161 23.58 -24.01 -6.41
CA ILE C 161 23.68 -22.91 -5.44
C ILE C 161 22.92 -23.28 -4.16
N SER C 162 21.84 -24.04 -4.33
CA SER C 162 21.04 -24.55 -3.21
C SER C 162 21.84 -25.50 -2.35
N LEU C 163 22.70 -26.30 -2.97
CA LEU C 163 23.54 -27.19 -2.21
C LEU C 163 24.57 -26.38 -1.45
N ILE C 164 25.01 -25.29 -2.05
CA ILE C 164 25.97 -24.43 -1.40
C ILE C 164 25.33 -23.66 -0.26
N CYS C 165 24.08 -23.24 -0.44
CA CYS C 165 23.39 -22.45 0.59
C CYS C 165 22.82 -23.31 1.72
N PHE C 166 22.27 -24.48 1.37
CA PHE C 166 21.51 -25.32 2.31
C PHE C 166 21.85 -26.81 2.36
N ASN C 167 22.73 -27.27 1.48
CA ASN C 167 22.99 -28.71 1.31
C ASN C 167 21.72 -29.44 0.88
N THR C 168 20.87 -28.78 0.09
CA THR C 168 19.67 -29.40 -0.48
C THR C 168 19.55 -29.16 -1.99
N SER C 169 18.78 -30.00 -2.68
CA SER C 169 18.53 -29.80 -4.11
C SER C 169 17.09 -30.17 -4.47
N TYR C 170 16.64 -29.75 -5.63
CA TYR C 170 15.26 -29.96 -6.06
C TYR C 170 15.29 -31.07 -7.11
N LYS C 171 14.40 -32.02 -6.92
CA LYS C 171 14.20 -33.11 -7.87
C LYS C 171 13.51 -32.54 -9.11
N ASN C 172 13.68 -33.15 -10.28
CA ASN C 172 13.00 -32.66 -11.48
C ASN C 172 11.49 -32.77 -11.30
N GLY C 173 10.78 -31.68 -11.58
CA GLY C 173 9.34 -31.69 -11.50
C GLY C 173 8.82 -30.98 -10.26
N ASP C 174 9.72 -30.67 -9.32
CA ASP C 174 9.30 -29.90 -8.16
C ASP C 174 8.77 -28.55 -8.63
N PRO C 175 7.51 -28.23 -8.29
CA PRO C 175 6.99 -26.94 -8.78
C PRO C 175 7.61 -25.70 -8.14
N GLU C 176 8.41 -25.85 -7.09
CA GLU C 176 9.08 -24.72 -6.48
C GLU C 176 10.09 -24.13 -7.45
N LEU C 177 10.60 -24.96 -8.33
CA LEU C 177 11.48 -24.48 -9.36
C LEU C 177 10.73 -23.50 -10.26
N ASN C 178 9.45 -23.75 -10.49
CA ASN C 178 8.62 -22.85 -11.29
C ASN C 178 8.33 -21.58 -10.50
N VAL C 179 8.18 -21.74 -9.17
CA VAL C 179 7.97 -20.60 -8.29
C VAL C 179 9.16 -19.66 -8.44
N ILE C 180 10.35 -20.23 -8.29
CA ILE C 180 11.59 -19.47 -8.28
C ILE C 180 11.80 -18.83 -9.66
N GLN C 181 11.48 -19.56 -10.71
CA GLN C 181 11.69 -19.06 -12.06
C GLN C 181 10.80 -17.87 -12.34
N ASN C 182 9.55 -17.93 -11.92
CA ASN C 182 8.61 -16.85 -12.21
C ASN C 182 8.91 -15.55 -11.50
N TYR C 183 9.31 -15.62 -10.24
CA TYR C 183 9.56 -14.39 -9.50
C TYR C 183 10.91 -13.82 -9.88
N ASN C 184 11.86 -14.68 -10.24
CA ASN C 184 13.12 -14.18 -10.75
C ASN C 184 12.84 -13.41 -12.02
N GLU C 185 11.98 -13.95 -12.88
CA GLU C 185 11.64 -13.30 -14.15
C GLU C 185 10.96 -11.97 -13.87
N GLY C 186 10.01 -11.98 -12.94
CA GLY C 186 9.26 -10.80 -12.56
C GLY C 186 10.06 -9.69 -11.91
N ILE C 187 10.98 -10.06 -11.02
CA ILE C 187 11.83 -9.07 -10.37
C ILE C 187 12.70 -8.34 -11.39
N ILE C 188 13.40 -9.10 -12.23
CA ILE C 188 14.29 -8.53 -13.23
C ILE C 188 13.53 -7.63 -14.18
N ASP C 189 12.34 -8.08 -14.58
CA ASP C 189 11.56 -7.35 -15.57
C ASP C 189 11.11 -6.00 -15.02
N ASN C 190 10.71 -6.00 -13.75
CA ASN C 190 10.09 -4.85 -13.12
C ASN C 190 11.03 -4.04 -12.25
N LEU C 191 12.26 -4.49 -12.08
CA LEU C 191 13.19 -3.74 -11.25
C LEU C 191 13.64 -2.46 -11.95
N SER C 192 13.77 -2.52 -13.28
CA SER C 192 14.24 -1.39 -14.12
C SER C 192 14.05 -1.68 -15.62
N LYS C 193 13.93 -0.67 -16.47
CA LYS C 193 13.81 -0.86 -17.92
C LYS C 193 15.14 -0.70 -18.66
N ASP C 194 16.26 -0.72 -17.93
CA ASP C 194 17.60 -0.62 -18.51
C ASP C 194 18.58 -0.83 -17.37
N SER C 195 19.85 -0.52 -17.61
CA SER C 195 20.86 -0.65 -16.56
C SER C 195 20.55 0.29 -15.40
N LEU C 196 20.97 -0.06 -14.20
CA LEU C 196 20.65 0.71 -13.00
C LEU C 196 21.36 2.07 -12.94
N VAL C 197 20.57 3.12 -12.71
CA VAL C 197 21.08 4.49 -12.51
C VAL C 197 20.18 5.22 -11.53
N ASP C 198 20.75 5.98 -10.60
CA ASP C 198 19.93 6.67 -9.60
C ASP C 198 19.32 7.93 -10.13
N LEU C 199 19.70 8.30 -11.34
CA LEU C 199 19.08 9.41 -12.02
C LEU C 199 17.62 9.13 -12.36
N VAL C 200 17.38 7.92 -12.84
CA VAL C 200 16.04 7.52 -13.22
C VAL C 200 15.21 7.04 -12.03
N PRO C 201 14.04 7.65 -11.81
CA PRO C 201 13.09 7.10 -10.83
C PRO C 201 12.27 5.95 -11.44
N TRP C 202 12.83 4.76 -11.45
CA TRP C 202 12.29 3.64 -12.23
C TRP C 202 10.81 3.36 -11.98
N LEU C 203 10.38 3.49 -10.73
CA LEU C 203 9.03 3.13 -10.33
C LEU C 203 7.99 4.19 -10.67
N LYS C 204 8.48 5.41 -10.97
CA LYS C 204 7.63 6.60 -11.04
C LYS C 204 7.63 7.19 -12.46
N ILE C 205 8.31 6.53 -13.40
CA ILE C 205 8.48 7.08 -14.75
C ILE C 205 7.30 6.84 -15.72
N PHE C 206 6.64 5.68 -15.62
CA PHE C 206 5.49 5.29 -16.45
C PHE C 206 4.30 4.87 -15.61
N PRO C 207 3.07 5.13 -16.11
CA PRO C 207 1.87 4.65 -15.44
C PRO C 207 1.62 3.21 -15.78
N ASN C 208 2.38 2.30 -15.17
CA ASN C 208 2.42 0.92 -15.61
C ASN C 208 2.48 -0.10 -14.47
N LYS C 209 2.24 0.36 -13.25
CA LYS C 209 2.15 -0.52 -12.09
C LYS C 209 3.46 -1.29 -11.75
N THR C 210 4.60 -0.73 -12.14
CA THR C 210 5.90 -1.32 -11.82
C THR C 210 6.09 -1.55 -10.31
N LEU C 211 5.68 -0.59 -9.48
CA LEU C 211 5.85 -0.70 -8.03
C LEU C 211 5.07 -1.88 -7.46
N GLU C 212 3.83 -2.01 -7.90
CA GLU C 212 2.95 -3.07 -7.44
C GLU C 212 3.49 -4.44 -7.88
N LYS C 213 3.75 -4.58 -9.17
CA LYS C 213 4.23 -5.83 -9.75
C LYS C 213 5.54 -6.25 -9.10
N LEU C 214 6.44 -5.30 -8.88
CA LEU C 214 7.73 -5.59 -8.25
C LEU C 214 7.54 -6.15 -6.84
N LYS C 215 6.76 -5.42 -6.04
CA LYS C 215 6.47 -5.79 -4.65
C LYS C 215 5.81 -7.15 -4.59
N SER C 216 5.00 -7.44 -5.61
CA SER C 216 4.27 -8.70 -5.63
C SER C 216 5.20 -9.92 -5.73
N HIS C 217 6.23 -9.83 -6.57
CA HIS C 217 7.20 -10.91 -6.79
C HIS C 217 8.19 -11.08 -5.63
N VAL C 218 8.62 -9.95 -5.08
CA VAL C 218 9.53 -9.89 -3.95
C VAL C 218 8.90 -10.47 -2.68
N LYS C 219 7.58 -10.38 -2.59
CA LYS C 219 6.88 -10.91 -1.42
C LYS C 219 6.96 -12.42 -1.46
N ILE C 220 6.73 -12.96 -2.65
CA ILE C 220 6.80 -14.40 -2.86
C ILE C 220 8.20 -14.93 -2.53
N ARG C 221 9.21 -14.23 -3.03
CA ARG C 221 10.60 -14.61 -2.80
C ARG C 221 10.89 -14.62 -1.28
N ASN C 222 10.57 -13.52 -0.60
CA ASN C 222 10.79 -13.40 0.85
C ASN C 222 9.97 -14.42 1.63
N ASP C 223 8.79 -14.77 1.13
CA ASP C 223 7.94 -15.77 1.81
C ASP C 223 8.64 -17.13 1.84
N LEU C 224 9.40 -17.42 0.79
CA LEU C 224 10.10 -18.68 0.65
C LEU C 224 11.34 -18.75 1.51
N LEU C 225 12.11 -17.68 1.53
CA LEU C 225 13.29 -17.67 2.35
C LEU C 225 12.92 -17.72 3.82
N ASN C 226 11.75 -17.19 4.16
CA ASN C 226 11.28 -17.26 5.53
C ASN C 226 10.94 -18.68 5.92
N LYS C 227 10.21 -19.34 5.04
CA LYS C 227 9.80 -20.73 5.23
C LYS C 227 11.02 -21.65 5.36
N ILE C 228 12.04 -21.45 4.54
CA ILE C 228 13.25 -22.26 4.58
C ILE C 228 13.99 -22.07 5.90
N LEU C 229 14.05 -20.84 6.43
CA LEU C 229 14.82 -20.58 7.65
C LEU C 229 14.12 -21.27 8.82
N GLU C 230 12.81 -21.20 8.85
CA GLU C 230 12.07 -21.74 9.98
C GLU C 230 12.30 -23.24 9.99
N ASN C 231 12.13 -23.89 8.85
CA ASN C 231 12.43 -25.31 8.81
C ASN C 231 13.87 -25.66 9.15
N TYR C 232 14.78 -24.74 8.82
CA TYR C 232 16.22 -24.99 8.99
C TYR C 232 16.67 -24.80 10.44
N LYS C 233 15.95 -23.98 11.21
CA LYS C 233 16.41 -23.76 12.59
C LYS C 233 16.51 -25.07 13.35
N GLU C 234 15.63 -26.05 13.03
CA GLU C 234 15.66 -27.35 13.71
C GLU C 234 16.80 -28.26 13.27
N LYS C 235 17.37 -27.98 12.12
CA LYS C 235 18.45 -28.78 11.58
C LYS C 235 19.83 -28.24 11.97
N PHE C 236 19.92 -26.95 12.33
CA PHE C 236 21.24 -26.33 12.56
C PHE C 236 21.93 -26.89 13.78
N ARG C 237 23.23 -27.13 13.62
CA ARG C 237 24.08 -27.64 14.67
C ARG C 237 25.50 -27.11 14.53
N SER C 238 26.06 -26.61 15.63
CA SER C 238 27.31 -25.86 15.58
C SER C 238 28.55 -26.70 15.32
N ASP C 239 28.44 -28.01 15.45
CA ASP C 239 29.56 -28.92 15.20
C ASP C 239 29.69 -29.26 13.72
N SER C 240 28.66 -28.94 12.95
CA SER C 240 28.60 -29.21 11.50
C SER C 240 28.25 -27.96 10.67
N ILE C 241 29.31 -27.31 10.17
CA ILE C 241 29.18 -26.12 9.32
C ILE C 241 29.60 -26.44 7.88
N THR C 242 28.63 -26.63 7.00
CA THR C 242 28.88 -27.20 5.68
C THR C 242 28.33 -26.39 4.51
N ASN C 243 27.67 -25.29 4.84
CA ASN C 243 27.02 -24.46 3.85
C ASN C 243 26.95 -23.02 4.32
N MET C 244 26.36 -22.16 3.49
CA MET C 244 26.38 -20.74 3.76
C MET C 244 25.47 -20.36 4.90
N LEU C 245 24.30 -20.98 4.96
CA LEU C 245 23.36 -20.64 6.01
C LEU C 245 23.96 -21.00 7.38
N ASP C 246 24.65 -22.15 7.47
CA ASP C 246 25.33 -22.56 8.71
C ASP C 246 26.38 -21.50 9.08
N THR C 247 27.07 -20.98 8.07
CA THR C 247 28.16 -20.03 8.28
C THR C 247 27.61 -18.75 8.89
N LEU C 248 26.45 -18.30 8.42
CA LEU C 248 25.82 -17.10 8.97
C LEU C 248 25.25 -17.32 10.39
N MET C 249 24.60 -18.47 10.59
CA MET C 249 24.03 -18.87 11.90
C MET C 249 25.09 -19.12 12.96
N GLN C 250 26.21 -19.74 12.58
CA GLN C 250 27.28 -19.88 13.54
C GLN C 250 27.83 -18.50 13.97
N ALA C 251 27.90 -17.55 13.03
CA ALA C 251 28.37 -16.18 13.30
C ALA C 251 27.51 -15.41 14.31
N LYS C 252 26.19 -15.48 14.14
CA LYS C 252 25.27 -14.85 15.08
C LYS C 252 25.42 -15.50 16.46
N MET C 253 25.67 -16.81 16.46
CA MET C 253 25.79 -17.54 17.70
C MET C 253 27.03 -17.17 18.48
N ASN C 254 28.15 -16.96 17.80
CA ASN C 254 29.38 -16.62 18.51
C ASN C 254 29.52 -15.14 18.87
N SER C 255 28.62 -14.32 18.36
CA SER C 255 28.61 -12.91 18.76
C SER C 255 27.78 -12.78 20.07
N ASP C 256 26.66 -13.52 20.17
CA ASP C 256 25.78 -13.40 21.36
C ASP C 256 26.45 -13.91 22.64
N ASN C 257 27.23 -14.98 22.52
CA ASN C 257 27.97 -15.54 23.64
C ASN C 257 29.01 -14.55 24.17
N GLN C 264 30.43 -7.09 18.84
CA GLN C 264 29.03 -6.71 18.93
C GLN C 264 28.46 -6.69 17.47
N ASP C 265 28.55 -7.86 16.84
CA ASP C 265 28.22 -8.04 15.43
C ASP C 265 26.77 -8.52 15.39
N SER C 266 26.17 -8.58 16.58
CA SER C 266 24.84 -9.11 16.81
C SER C 266 23.74 -8.38 16.03
N GLU C 267 23.72 -7.05 16.09
CA GLU C 267 22.65 -6.31 15.42
C GLU C 267 22.73 -6.46 13.90
N LEU C 268 23.91 -6.82 13.40
CA LEU C 268 24.19 -7.00 11.96
C LEU C 268 23.82 -8.36 11.38
N LEU C 269 23.49 -9.30 12.26
CA LEU C 269 23.22 -10.70 11.87
C LEU C 269 21.79 -11.11 12.21
N SER C 270 20.86 -10.16 12.12
CA SER C 270 19.45 -10.45 12.34
C SER C 270 18.95 -11.43 11.31
N ASP C 271 17.74 -11.92 11.50
CA ASP C 271 17.21 -12.87 10.55
C ASP C 271 17.01 -12.23 9.19
N ASN C 272 16.71 -10.92 9.16
CA ASN C 272 16.48 -10.24 7.89
C ASN C 272 17.77 -9.91 7.16
N HIS C 273 18.82 -9.63 7.90
CA HIS C 273 20.12 -9.49 7.26
C HIS C 273 20.49 -10.82 6.59
N ILE C 274 20.38 -11.91 7.37
CA ILE C 274 20.73 -13.25 6.91
C ILE C 274 19.91 -13.68 5.71
N LEU C 275 18.61 -13.47 5.81
CA LEU C 275 17.70 -13.90 4.76
C LEU C 275 17.99 -13.14 3.46
N THR C 276 18.27 -11.84 3.57
CA THR C 276 18.47 -11.03 2.37
C THR C 276 19.81 -11.28 1.69
N THR C 277 20.84 -11.51 2.51
CA THR C 277 22.16 -11.87 1.99
C THR C 277 22.04 -13.17 1.17
N ILE C 278 21.37 -14.18 1.75
CA ILE C 278 21.16 -15.46 1.07
C ILE C 278 20.44 -15.25 -0.25
N GLY C 279 19.40 -14.42 -0.24
CA GLY C 279 18.62 -14.11 -1.42
C GLY C 279 19.46 -13.48 -2.55
N ASP C 280 20.46 -12.65 -2.19
CA ASP C 280 21.39 -12.09 -3.17
C ASP C 280 22.20 -13.22 -3.85
N ILE C 281 22.82 -14.07 -3.03
CA ILE C 281 23.62 -15.22 -3.48
C ILE C 281 22.82 -16.22 -4.33
N PHE C 282 21.60 -16.51 -3.92
CA PHE C 282 20.75 -17.47 -4.62
C PHE C 282 20.33 -16.94 -5.97
N GLY C 283 19.95 -15.67 -6.00
CA GLY C 283 19.51 -15.04 -7.23
C GLY C 283 20.66 -14.92 -8.21
N ALA C 284 21.77 -14.38 -7.73
CA ALA C 284 22.96 -14.17 -8.53
C ALA C 284 23.50 -15.46 -9.07
N GLY C 285 23.63 -16.44 -8.20
CA GLY C 285 24.14 -17.72 -8.61
C GLY C 285 23.32 -18.43 -9.68
N VAL C 286 22.14 -17.93 -10.03
CA VAL C 286 21.26 -18.63 -10.98
C VAL C 286 20.95 -17.84 -12.25
N GLU C 287 20.75 -16.54 -12.13
CA GLU C 287 20.33 -15.73 -13.29
C GLU C 287 21.51 -15.28 -14.14
N THR C 288 22.67 -15.12 -13.53
CA THR C 288 23.82 -14.69 -14.28
C THR C 288 24.33 -15.82 -15.18
N THR C 289 24.66 -16.96 -14.56
CA THR C 289 25.19 -18.12 -15.29
C THR C 289 24.20 -18.64 -16.33
N THR C 290 22.93 -18.80 -15.94
CA THR C 290 21.89 -19.17 -16.89
C THR C 290 21.92 -18.25 -18.11
N SER C 291 22.07 -16.94 -17.85
CA SER C 291 22.00 -15.97 -18.93
C SER C 291 23.24 -16.06 -19.81
N VAL C 292 24.42 -16.19 -19.22
CA VAL C 292 25.64 -16.29 -20.04
C VAL C 292 25.65 -17.55 -20.93
N VAL C 293 25.15 -18.67 -20.41
CA VAL C 293 25.03 -19.92 -21.18
C VAL C 293 24.15 -19.70 -22.40
N LYS C 294 22.99 -19.08 -22.20
CA LYS C 294 22.07 -18.81 -23.31
C LYS C 294 22.77 -17.93 -24.37
N TRP C 295 23.53 -16.92 -23.92
CA TRP C 295 24.26 -16.06 -24.85
C TRP C 295 25.27 -16.87 -25.66
N THR C 296 25.95 -17.80 -25.02
CA THR C 296 27.00 -18.60 -25.66
C THR C 296 26.42 -19.48 -26.76
N LEU C 297 25.29 -20.12 -26.50
CA LEU C 297 24.66 -20.93 -27.54
C LEU C 297 24.28 -20.05 -28.72
N ALA C 298 23.75 -18.88 -28.39
CA ALA C 298 23.29 -17.91 -29.38
C ALA C 298 24.41 -17.47 -30.28
N PHE C 299 25.55 -17.08 -29.71
CA PHE C 299 26.68 -16.69 -30.53
C PHE C 299 27.22 -17.86 -31.38
N LEU C 300 27.18 -19.07 -30.82
CA LEU C 300 27.64 -20.27 -31.52
C LEU C 300 26.71 -20.67 -32.64
N LEU C 301 25.41 -20.46 -32.46
CA LEU C 301 24.47 -20.68 -33.54
C LEU C 301 24.70 -19.72 -34.70
N HIS C 302 25.34 -18.58 -34.40
CA HIS C 302 25.65 -17.59 -35.41
C HIS C 302 27.10 -17.73 -35.94
N ASN C 303 27.84 -18.72 -35.45
CA ASN C 303 29.24 -18.90 -35.85
C ASN C 303 29.61 -20.39 -35.87
N PRO C 304 29.14 -21.09 -36.90
CA PRO C 304 29.33 -22.55 -37.06
C PRO C 304 30.80 -22.94 -37.08
N GLN C 305 31.67 -22.06 -37.56
CA GLN C 305 33.07 -22.41 -37.66
C GLN C 305 33.68 -22.54 -36.27
N VAL C 306 33.37 -21.58 -35.39
CA VAL C 306 33.82 -21.63 -34.01
C VAL C 306 33.27 -22.89 -33.34
N LYS C 307 31.98 -23.15 -33.56
CA LYS C 307 31.29 -24.33 -33.01
C LYS C 307 31.99 -25.61 -33.47
N LYS C 308 32.33 -25.65 -34.76
CA LYS C 308 33.02 -26.80 -35.34
C LYS C 308 34.38 -27.03 -34.72
N LYS C 309 35.11 -25.93 -34.51
CA LYS C 309 36.43 -26.03 -33.93
C LYS C 309 36.36 -26.52 -32.51
N LEU C 310 35.28 -26.17 -31.83
CA LEU C 310 35.10 -26.57 -30.44
C LEU C 310 34.87 -28.05 -30.34
N TYR C 311 33.96 -28.55 -31.18
CA TYR C 311 33.72 -30.00 -31.28
C TYR C 311 35.00 -30.75 -31.59
N GLU C 312 35.79 -30.24 -32.56
CA GLU C 312 37.08 -30.84 -32.91
C GLU C 312 38.03 -30.81 -31.71
N GLU C 313 38.02 -29.72 -30.96
CA GLU C 313 38.94 -29.53 -29.85
C GLU C 313 38.67 -30.51 -28.72
N ILE C 314 37.41 -30.61 -28.32
CA ILE C 314 37.06 -31.48 -27.22
C ILE C 314 37.32 -32.92 -27.61
N ASP C 315 36.96 -33.30 -28.83
CA ASP C 315 37.22 -34.66 -29.31
C ASP C 315 38.72 -35.01 -29.28
N GLN C 316 39.54 -34.05 -29.67
CA GLN C 316 41.00 -34.19 -29.77
C GLN C 316 41.75 -34.11 -28.44
N ASN C 317 41.24 -33.32 -27.49
CA ASN C 317 41.96 -33.04 -26.25
C ASN C 317 41.43 -33.73 -25.00
N VAL C 318 40.24 -34.31 -25.12
CA VAL C 318 39.56 -35.00 -24.01
C VAL C 318 39.12 -36.42 -24.42
N GLY C 319 38.52 -36.52 -25.60
CA GLY C 319 37.98 -37.76 -26.10
C GLY C 319 36.74 -38.17 -25.32
N PHE C 320 36.37 -39.44 -25.46
CA PHE C 320 35.16 -39.99 -24.88
C PHE C 320 35.43 -41.02 -23.79
N SER C 321 36.68 -41.09 -23.36
CA SER C 321 37.06 -42.00 -22.29
C SER C 321 36.57 -41.55 -20.93
N ARG C 322 36.20 -40.28 -20.84
CA ARG C 322 35.78 -39.66 -19.60
C ARG C 322 34.99 -38.38 -19.80
N THR C 323 34.28 -37.93 -18.77
CA THR C 323 33.61 -36.64 -18.84
C THR C 323 34.63 -35.52 -18.57
N PRO C 324 34.32 -34.28 -18.97
CA PRO C 324 35.30 -33.22 -18.68
C PRO C 324 35.40 -32.88 -17.19
N THR C 325 36.59 -32.44 -16.81
CA THR C 325 36.90 -31.99 -15.45
C THR C 325 37.48 -30.59 -15.49
N ILE C 326 37.61 -29.98 -14.33
CA ILE C 326 38.13 -28.63 -14.24
C ILE C 326 39.55 -28.53 -14.80
N SER C 327 40.34 -29.59 -14.67
CA SER C 327 41.69 -29.61 -15.19
C SER C 327 41.72 -29.40 -16.71
N ASP C 328 40.60 -29.70 -17.35
CA ASP C 328 40.51 -29.65 -18.81
C ASP C 328 40.47 -28.22 -19.30
N ARG C 329 40.47 -27.26 -18.38
CA ARG C 329 40.58 -25.87 -18.80
C ARG C 329 41.95 -25.61 -19.40
N ASN C 330 42.97 -26.29 -18.89
CA ASN C 330 44.31 -26.26 -19.44
C ASN C 330 44.41 -26.89 -20.84
N ARG C 331 43.32 -27.48 -21.34
CA ARG C 331 43.38 -28.22 -22.58
C ARG C 331 42.34 -27.72 -23.57
N LEU C 332 41.17 -27.38 -23.07
CA LEU C 332 40.14 -26.86 -23.95
C LEU C 332 40.28 -25.33 -24.00
N LEU C 333 41.36 -24.84 -24.60
CA LEU C 333 41.69 -23.42 -24.51
C LEU C 333 40.69 -22.64 -25.33
N LEU C 334 40.25 -23.22 -26.44
CA LEU C 334 39.36 -22.50 -27.31
C LEU C 334 38.00 -22.29 -26.62
N LEU C 335 37.59 -23.24 -25.78
CA LEU C 335 36.32 -23.05 -25.08
C LEU C 335 36.38 -21.93 -24.06
N GLU C 336 37.48 -21.90 -23.29
CA GLU C 336 37.71 -20.86 -22.30
C GLU C 336 37.83 -19.49 -22.98
N ALA C 337 38.44 -19.45 -24.16
CA ALA C 337 38.56 -18.21 -24.91
C ALA C 337 37.20 -17.78 -25.47
N THR C 338 36.39 -18.75 -25.84
CA THR C 338 35.03 -18.49 -26.33
C THR C 338 34.23 -17.81 -25.24
N ILE C 339 34.36 -18.30 -24.00
CA ILE C 339 33.59 -17.74 -22.91
C ILE C 339 34.05 -16.32 -22.56
N ARG C 340 35.35 -16.08 -22.61
CA ARG C 340 35.90 -14.74 -22.34
C ARG C 340 35.31 -13.75 -23.34
N GLU C 341 35.10 -14.22 -24.57
CA GLU C 341 34.64 -13.35 -25.64
C GLU C 341 33.15 -13.07 -25.48
N VAL C 342 32.41 -14.02 -24.93
CA VAL C 342 31.00 -13.78 -24.70
C VAL C 342 30.80 -12.77 -23.58
N LEU C 343 31.66 -12.82 -22.57
CA LEU C 343 31.61 -11.86 -21.48
C LEU C 343 32.13 -10.49 -21.90
N ARG C 344 32.92 -10.45 -22.96
CA ARG C 344 33.38 -9.16 -23.47
C ARG C 344 32.27 -8.52 -24.27
N LEU C 345 31.75 -9.23 -25.26
CA LEU C 345 30.71 -8.72 -26.15
C LEU C 345 29.40 -8.45 -25.41
N ARG C 346 28.97 -9.39 -24.57
CA ARG C 346 27.70 -9.23 -23.85
C ARG C 346 27.88 -9.43 -22.35
N PRO C 347 28.51 -8.47 -21.67
CA PRO C 347 28.68 -8.58 -20.22
C PRO C 347 27.35 -8.67 -19.47
N VAL C 348 27.35 -9.45 -18.41
CA VAL C 348 26.18 -9.66 -17.57
C VAL C 348 25.71 -8.34 -17.03
N ALA C 349 26.67 -7.48 -16.74
CA ALA C 349 26.38 -6.18 -16.16
C ALA C 349 27.13 -5.11 -16.95
N PRO C 350 26.57 -4.70 -18.10
CA PRO C 350 27.29 -3.79 -19.00
C PRO C 350 27.61 -2.45 -18.37
N MET C 351 27.09 -2.16 -17.19
CA MET C 351 27.50 -0.96 -16.46
C MET C 351 27.72 -1.30 -15.00
N LEU C 352 28.10 -2.54 -14.77
CA LEU C 352 28.34 -3.04 -13.43
C LEU C 352 27.13 -2.72 -12.55
N ILE C 353 27.43 -2.40 -11.29
CA ILE C 353 26.46 -1.85 -10.37
C ILE C 353 26.93 -0.47 -9.93
N PRO C 354 26.01 0.50 -9.83
CA PRO C 354 26.46 1.86 -9.52
C PRO C 354 27.31 1.92 -8.27
N HIS C 355 28.37 2.73 -8.30
CA HIS C 355 29.21 2.96 -7.13
C HIS C 355 28.89 4.32 -6.55
N LYS C 356 29.45 4.62 -5.39
CA LYS C 356 29.22 5.90 -4.75
C LYS C 356 30.47 6.33 -4.02
N ALA C 357 30.83 7.60 -4.17
CA ALA C 357 31.96 8.15 -3.44
C ALA C 357 31.64 8.33 -1.94
N ASN C 358 32.42 7.66 -1.09
CA ASN C 358 32.23 7.71 0.36
C ASN C 358 32.83 8.94 1.01
N VAL C 359 33.83 9.51 0.35
CA VAL C 359 34.48 10.72 0.82
C VAL C 359 34.79 11.65 -0.35
N ASP C 360 35.18 12.90 -0.07
CA ASP C 360 35.62 13.78 -1.13
C ASP C 360 36.91 13.18 -1.70
N SER C 361 36.92 12.97 -3.02
CA SER C 361 38.01 12.26 -3.67
C SER C 361 38.22 12.82 -5.06
N SER C 362 38.91 12.06 -5.91
CA SER C 362 39.20 12.49 -7.28
C SER C 362 39.33 11.29 -8.19
N ILE C 363 39.08 11.51 -9.48
CA ILE C 363 39.33 10.51 -10.51
C ILE C 363 40.06 11.15 -11.64
N GLY C 364 41.27 10.66 -11.94
CA GLY C 364 42.08 11.27 -12.97
C GLY C 364 42.27 12.70 -12.52
N GLU C 365 42.16 13.64 -13.45
CA GLU C 365 42.35 15.05 -13.13
C GLU C 365 41.20 15.69 -12.33
N PHE C 366 40.11 14.99 -12.07
CA PHE C 366 38.86 15.66 -11.69
C PHE C 366 38.48 15.43 -10.24
N ALA C 367 37.88 16.43 -9.60
CA ALA C 367 37.43 16.27 -8.24
C ALA C 367 36.04 15.69 -8.20
N VAL C 368 35.78 14.84 -7.20
CA VAL C 368 34.47 14.21 -7.01
C VAL C 368 34.08 14.28 -5.55
N ASP C 369 32.94 14.90 -5.31
CA ASP C 369 32.45 15.14 -3.97
C ASP C 369 31.79 13.87 -3.43
N LYS C 370 31.78 13.74 -2.11
CA LYS C 370 31.11 12.65 -1.43
C LYS C 370 29.62 12.60 -1.76
N GLY C 371 29.10 11.39 -1.87
CA GLY C 371 27.69 11.16 -2.19
C GLY C 371 27.45 10.96 -3.66
N THR C 372 28.46 11.26 -4.46
CA THR C 372 28.32 11.24 -5.91
C THR C 372 28.24 9.81 -6.39
N GLU C 373 27.27 9.56 -7.26
CA GLU C 373 27.10 8.28 -7.93
C GLU C 373 28.12 8.15 -9.02
N VAL C 374 28.80 7.01 -9.03
CA VAL C 374 29.83 6.76 -10.05
C VAL C 374 29.48 5.47 -10.77
N ILE C 375 29.34 5.57 -12.08
CA ILE C 375 28.96 4.45 -12.92
C ILE C 375 30.09 4.12 -13.88
N ILE C 376 30.47 2.85 -13.93
CA ILE C 376 31.47 2.36 -14.86
C ILE C 376 30.79 1.81 -16.09
N ASN C 377 31.09 2.37 -17.24
CA ASN C 377 30.49 1.88 -18.47
C ASN C 377 31.34 0.75 -19.03
N LEU C 378 31.06 -0.46 -18.55
CA LEU C 378 31.86 -1.63 -18.84
C LEU C 378 31.80 -1.93 -20.35
N TRP C 379 30.65 -1.61 -20.94
CA TRP C 379 30.42 -1.82 -22.36
C TRP C 379 31.42 -1.02 -23.20
N ALA C 380 31.76 0.17 -22.73
CA ALA C 380 32.71 1.04 -23.43
C ALA C 380 34.13 0.49 -23.34
N LEU C 381 34.52 0.04 -22.16
CA LEU C 381 35.80 -0.60 -21.97
C LEU C 381 36.00 -1.79 -22.90
N HIS C 382 34.91 -2.52 -23.15
CA HIS C 382 34.98 -3.75 -23.95
C HIS C 382 34.91 -3.54 -25.47
N HIS C 383 34.56 -2.33 -25.88
CA HIS C 383 34.46 -1.99 -27.29
C HIS C 383 35.40 -0.84 -27.68
N ASN C 384 36.27 -0.43 -26.75
CA ASN C 384 37.30 0.57 -27.09
C ASN C 384 38.12 0.11 -28.30
N GLU C 385 38.02 0.87 -29.39
CA GLU C 385 38.62 0.48 -30.66
C GLU C 385 40.15 0.49 -30.60
N LYS C 386 40.70 1.29 -29.69
CA LYS C 386 42.13 1.40 -29.55
C LYS C 386 42.72 0.29 -28.71
N GLU C 387 41.86 -0.45 -28.01
CA GLU C 387 42.27 -1.56 -27.13
C GLU C 387 41.89 -2.96 -27.62
N TRP C 388 40.99 -3.02 -28.60
CA TRP C 388 40.44 -4.27 -29.17
C TRP C 388 40.46 -4.17 -30.71
N HIS C 389 40.79 -5.26 -31.40
CA HIS C 389 40.66 -5.31 -32.86
C HIS C 389 39.28 -5.77 -33.28
N GLN C 390 38.59 -4.94 -34.07
CA GLN C 390 37.26 -5.24 -34.58
C GLN C 390 36.38 -5.66 -33.40
N PRO C 391 36.14 -4.72 -32.48
CA PRO C 391 35.51 -5.05 -31.20
C PRO C 391 34.08 -5.53 -31.34
N ASP C 392 33.47 -5.26 -32.50
CA ASP C 392 32.06 -5.55 -32.71
C ASP C 392 31.87 -6.97 -33.23
N GLN C 393 32.98 -7.62 -33.59
CA GLN C 393 32.99 -9.00 -34.10
C GLN C 393 33.31 -9.99 -32.98
N PHE C 394 32.58 -11.09 -33.00
CA PHE C 394 32.87 -12.27 -32.21
C PHE C 394 34.09 -13.04 -32.71
N MET C 395 35.18 -12.99 -31.94
CA MET C 395 36.44 -13.67 -32.26
C MET C 395 37.17 -14.22 -31.04
N PRO C 396 36.81 -15.45 -30.63
CA PRO C 396 37.44 -16.03 -29.45
C PRO C 396 38.95 -16.15 -29.60
N GLU C 397 39.42 -16.27 -30.84
CA GLU C 397 40.83 -16.43 -31.11
C GLU C 397 41.69 -15.31 -30.49
N ARG C 398 41.07 -14.16 -30.22
CA ARG C 398 41.76 -13.00 -29.64
C ARG C 398 42.29 -13.21 -28.22
N PHE C 399 41.81 -14.22 -27.53
CA PHE C 399 42.27 -14.56 -26.19
C PHE C 399 43.30 -15.68 -26.18
N LEU C 400 43.84 -15.96 -27.35
CA LEU C 400 44.89 -16.96 -27.52
C LEU C 400 46.14 -16.35 -28.12
N ASN C 401 47.25 -17.01 -27.83
CA ASN C 401 48.57 -16.70 -28.40
C ASN C 401 48.54 -17.23 -29.82
N PRO C 402 49.57 -16.92 -30.62
CA PRO C 402 49.48 -17.31 -32.03
C PRO C 402 49.35 -18.81 -32.19
N ALA C 403 50.07 -19.60 -31.39
CA ALA C 403 49.91 -21.04 -31.43
C ALA C 403 48.46 -21.37 -31.04
N GLY C 404 48.29 -22.14 -29.98
CA GLY C 404 46.98 -22.54 -29.49
C GLY C 404 47.17 -23.15 -28.12
N THR C 405 48.33 -22.86 -27.52
CA THR C 405 48.78 -23.49 -26.28
C THR C 405 48.60 -22.74 -24.95
N GLN C 406 48.18 -21.49 -25.00
CA GLN C 406 47.88 -20.73 -23.80
C GLN C 406 47.01 -19.53 -24.04
N LEU C 407 46.32 -19.15 -22.97
CA LEU C 407 45.45 -17.98 -22.89
C LEU C 407 46.25 -16.67 -22.68
N ILE C 408 45.75 -15.58 -23.24
CA ILE C 408 46.38 -14.27 -23.05
C ILE C 408 45.34 -13.17 -22.72
N SER C 409 45.83 -12.07 -22.15
CA SER C 409 45.00 -10.90 -21.92
C SER C 409 45.48 -9.84 -22.91
N PRO C 410 44.81 -9.73 -24.08
CA PRO C 410 45.28 -8.78 -25.10
C PRO C 410 44.94 -7.33 -24.80
N SER C 411 44.27 -7.12 -23.67
CA SER C 411 43.88 -5.80 -23.24
C SER C 411 43.59 -5.88 -21.76
N VAL C 412 43.99 -4.86 -21.03
CA VAL C 412 43.67 -4.75 -19.61
C VAL C 412 42.28 -4.11 -19.42
N SER C 413 41.71 -3.65 -20.52
CA SER C 413 40.38 -3.03 -20.53
C SER C 413 39.30 -4.09 -20.56
N TYR C 414 39.36 -5.00 -19.60
CA TYR C 414 38.48 -6.16 -19.56
C TYR C 414 38.22 -6.49 -18.09
N LEU C 415 37.00 -6.21 -17.65
CA LEU C 415 36.60 -6.40 -16.27
C LEU C 415 35.16 -6.88 -16.20
N PRO C 416 34.89 -8.06 -16.80
CA PRO C 416 33.53 -8.59 -16.81
C PRO C 416 33.04 -8.82 -15.38
N PHE C 417 33.95 -9.10 -14.45
CA PHE C 417 33.60 -9.30 -13.04
C PHE C 417 33.92 -8.09 -12.15
N GLY C 418 34.27 -6.96 -12.77
CA GLY C 418 34.62 -5.80 -11.99
C GLY C 418 35.94 -5.98 -11.26
N ALA C 419 36.15 -5.21 -10.21
CA ALA C 419 37.42 -5.23 -9.50
C ALA C 419 37.33 -4.47 -8.19
N GLY C 420 38.23 -4.80 -7.27
CA GLY C 420 38.31 -4.12 -5.99
C GLY C 420 37.26 -4.51 -4.97
N PRO C 421 37.10 -3.69 -3.92
CA PRO C 421 36.26 -3.99 -2.75
C PRO C 421 34.85 -4.48 -3.09
N ARG C 422 34.27 -4.03 -4.20
CA ARG C 422 32.90 -4.43 -4.56
C ARG C 422 32.88 -5.44 -5.68
N SER C 423 34.02 -6.13 -5.87
CA SER C 423 34.15 -7.02 -7.01
C SER C 423 33.33 -8.29 -6.77
N CYS C 424 33.16 -9.07 -7.82
CA CYS C 424 32.34 -10.27 -7.77
C CYS C 424 32.98 -11.29 -6.83
N ILE C 425 32.17 -11.87 -5.94
CA ILE C 425 32.66 -12.86 -5.01
C ILE C 425 32.32 -14.29 -5.42
N GLY C 426 31.58 -14.41 -6.53
CA GLY C 426 31.24 -15.71 -7.09
C GLY C 426 31.92 -16.02 -8.41
N GLU C 427 33.04 -15.35 -8.70
CA GLU C 427 33.66 -15.53 -10.01
C GLU C 427 34.14 -16.96 -10.26
N ILE C 428 34.86 -17.51 -9.28
CA ILE C 428 35.41 -18.86 -9.39
C ILE C 428 34.32 -19.86 -9.66
N LEU C 429 33.24 -19.78 -8.89
CA LEU C 429 32.10 -20.66 -9.10
C LEU C 429 31.54 -20.51 -10.51
N ALA C 430 31.44 -19.25 -10.94
CA ALA C 430 30.82 -18.89 -12.19
C ALA C 430 31.63 -19.43 -13.35
N ARG C 431 32.93 -19.20 -13.30
CA ARG C 431 33.81 -19.69 -14.34
C ARG C 431 33.77 -21.23 -14.45
N GLN C 432 33.69 -21.91 -13.31
CA GLN C 432 33.69 -23.36 -13.29
C GLN C 432 32.40 -23.95 -13.81
N GLU C 433 31.27 -23.39 -13.41
CA GLU C 433 30.01 -23.79 -13.98
C GLU C 433 29.97 -23.59 -15.50
N LEU C 434 30.35 -22.39 -15.95
CA LEU C 434 30.31 -22.04 -17.36
C LEU C 434 31.20 -22.95 -18.20
N PHE C 435 32.38 -23.28 -17.68
CA PHE C 435 33.25 -24.18 -18.43
C PHE C 435 32.75 -25.62 -18.50
N LEU C 436 32.36 -26.18 -17.36
CA LEU C 436 31.92 -27.56 -17.31
C LEU C 436 30.61 -27.75 -18.04
N ILE C 437 29.69 -26.79 -17.95
CA ILE C 437 28.43 -26.94 -18.65
C ILE C 437 28.66 -27.01 -20.15
N MET C 438 29.47 -26.11 -20.70
CA MET C 438 29.60 -26.07 -22.15
C MET C 438 30.34 -27.33 -22.61
N ALA C 439 31.37 -27.71 -21.86
CA ALA C 439 32.19 -28.87 -22.19
C ALA C 439 31.31 -30.12 -22.26
N TRP C 440 30.50 -30.36 -21.24
CA TRP C 440 29.63 -31.54 -21.27
C TRP C 440 28.63 -31.52 -22.43
N LEU C 441 28.00 -30.40 -22.74
CA LEU C 441 27.04 -30.37 -23.84
C LEU C 441 27.74 -30.60 -25.17
N LEU C 442 28.91 -29.98 -25.36
CA LEU C 442 29.53 -30.08 -26.66
C LEU C 442 30.12 -31.47 -26.84
N GLN C 443 30.66 -32.05 -25.77
CA GLN C 443 31.12 -33.44 -25.81
C GLN C 443 30.00 -34.32 -26.33
N ARG C 444 28.79 -34.07 -25.85
CA ARG C 444 27.69 -35.01 -25.96
C ARG C 444 26.61 -34.64 -27.01
N PHE C 445 26.44 -33.36 -27.32
CA PHE C 445 25.32 -32.85 -28.14
C PHE C 445 25.66 -32.07 -29.41
N ASP C 446 24.93 -32.37 -30.49
CA ASP C 446 24.89 -31.51 -31.70
C ASP C 446 23.94 -30.35 -31.40
N LEU C 447 24.42 -29.11 -31.53
CA LEU C 447 23.57 -27.93 -31.27
C LEU C 447 23.39 -27.07 -32.51
N GLU C 448 22.17 -27.16 -33.06
CA GLU C 448 21.88 -26.66 -34.39
C GLU C 448 20.64 -25.82 -34.41
N VAL C 449 20.53 -25.01 -35.45
CA VAL C 449 19.37 -24.18 -35.67
C VAL C 449 18.09 -25.00 -35.79
N PRO C 450 16.96 -24.51 -35.24
CA PRO C 450 15.70 -25.25 -35.38
C PRO C 450 15.27 -25.42 -36.83
N ASP C 451 14.31 -26.32 -37.09
CA ASP C 451 13.90 -26.60 -38.47
C ASP C 451 13.23 -25.37 -39.08
N ASP C 452 12.55 -24.57 -38.27
CA ASP C 452 11.93 -23.32 -38.76
C ASP C 452 12.98 -22.37 -39.31
N GLY C 453 14.20 -22.50 -38.79
CA GLY C 453 15.34 -21.79 -39.31
C GLY C 453 15.57 -20.48 -38.60
N GLN C 454 14.80 -20.22 -37.54
CA GLN C 454 14.90 -18.94 -36.84
C GLN C 454 16.11 -18.89 -35.92
N LEU C 455 16.90 -17.82 -36.06
CA LEU C 455 18.01 -17.53 -35.17
C LEU C 455 17.65 -16.55 -34.06
N PRO C 456 18.33 -16.64 -32.90
CA PRO C 456 18.05 -15.68 -31.83
C PRO C 456 18.59 -14.31 -32.17
N SER C 457 17.93 -13.24 -31.73
CA SER C 457 18.48 -11.89 -31.83
C SER C 457 19.64 -11.68 -30.85
N LEU C 458 20.75 -11.13 -31.31
CA LEU C 458 21.88 -10.78 -30.43
C LEU C 458 21.78 -9.34 -29.96
N GLU C 459 20.69 -8.69 -30.31
CA GLU C 459 20.48 -7.29 -29.97
C GLU C 459 20.54 -7.17 -28.45
N GLY C 460 19.77 -8.01 -27.76
CA GLY C 460 19.81 -8.05 -26.30
C GLY C 460 18.79 -7.15 -25.63
N ILE C 461 18.53 -7.44 -24.36
CA ILE C 461 17.61 -6.64 -23.55
C ILE C 461 18.29 -6.24 -22.25
N PRO C 462 18.77 -4.99 -22.17
CA PRO C 462 19.47 -4.56 -20.96
C PRO C 462 18.52 -4.34 -19.81
N LYS C 463 18.73 -5.10 -18.75
CA LYS C 463 18.03 -4.98 -17.50
C LYS C 463 19.11 -4.93 -16.46
N VAL C 464 18.74 -5.19 -15.21
CA VAL C 464 19.73 -5.36 -14.16
C VAL C 464 20.75 -6.42 -14.59
N VAL C 465 20.29 -7.35 -15.42
CA VAL C 465 21.11 -8.35 -16.13
C VAL C 465 20.96 -8.14 -17.63
N PHE C 466 22.02 -8.35 -18.40
CA PHE C 466 21.90 -8.18 -19.84
C PHE C 466 21.29 -9.47 -20.42
N LEU C 467 20.00 -9.43 -20.71
CA LEU C 467 19.27 -10.63 -21.10
C LEU C 467 19.18 -10.83 -22.60
N ILE C 468 19.02 -12.07 -23.02
CA ILE C 468 18.75 -12.38 -24.42
C ILE C 468 17.29 -12.83 -24.54
N ASP C 469 16.67 -12.47 -25.65
CA ASP C 469 15.34 -12.97 -25.97
C ASP C 469 15.39 -14.49 -25.98
N SER C 470 14.37 -15.17 -25.43
CA SER C 470 14.36 -16.62 -25.41
C SER C 470 14.33 -17.18 -26.83
N PHE C 471 14.89 -18.38 -27.03
CA PHE C 471 14.99 -18.95 -28.38
C PHE C 471 15.14 -20.47 -28.34
N LYS C 472 14.99 -21.11 -29.50
CA LYS C 472 15.03 -22.55 -29.57
C LYS C 472 16.26 -23.11 -30.27
N VAL C 473 16.62 -24.32 -29.88
CA VAL C 473 17.74 -25.05 -30.45
C VAL C 473 17.29 -26.45 -30.82
N LYS C 474 17.72 -26.93 -31.98
CA LYS C 474 17.56 -28.33 -32.36
C LYS C 474 18.66 -29.14 -31.70
N ILE C 475 18.26 -30.13 -30.91
CA ILE C 475 19.20 -30.86 -30.09
C ILE C 475 19.23 -32.37 -30.40
N LYS C 476 20.43 -32.91 -30.60
CA LYS C 476 20.61 -34.32 -30.93
C LYS C 476 21.87 -34.86 -30.30
N VAL C 477 21.78 -36.08 -29.76
CA VAL C 477 22.96 -36.76 -29.25
C VAL C 477 23.92 -36.96 -30.44
N ARG C 478 25.18 -36.59 -30.24
CA ARG C 478 26.18 -36.70 -31.28
C ARG C 478 26.39 -38.13 -31.68
N GLN C 479 26.80 -38.33 -32.92
CA GLN C 479 27.08 -39.67 -33.40
C GLN C 479 28.35 -40.13 -32.68
N ALA C 480 29.38 -39.29 -32.71
CA ALA C 480 30.66 -39.64 -32.10
C ALA C 480 30.50 -40.14 -30.66
N TRP C 481 29.53 -39.57 -29.95
CA TRP C 481 29.22 -39.93 -28.57
C TRP C 481 28.61 -41.33 -28.57
N ARG C 482 27.75 -41.57 -29.56
CA ARG C 482 27.00 -42.81 -29.73
C ARG C 482 27.99 -43.93 -30.06
N GLU C 483 29.02 -43.63 -30.85
CA GLU C 483 30.00 -44.63 -31.22
C GLU C 483 30.68 -45.16 -29.96
N ALA C 484 30.83 -44.34 -28.93
CA ALA C 484 31.71 -44.71 -27.84
C ALA C 484 30.82 -45.56 -26.94
N GLN C 485 31.42 -46.57 -26.31
CA GLN C 485 30.69 -47.57 -25.55
C GLN C 485 29.84 -48.35 -26.53
N LEU D 13 -12.29 -42.27 27.85
CA LEU D 13 -11.31 -42.52 28.92
C LEU D 13 -9.95 -41.87 28.65
N LEU D 14 -9.71 -41.52 27.39
CA LEU D 14 -8.47 -40.89 26.98
C LEU D 14 -8.58 -39.36 26.92
N SER D 15 -7.42 -38.69 26.95
CA SER D 15 -7.33 -37.22 26.96
C SER D 15 -6.67 -36.64 25.72
N LEU D 16 -7.38 -35.75 25.04
CA LEU D 16 -6.79 -34.94 23.98
C LEU D 16 -5.61 -34.12 24.50
N PRO D 17 -4.63 -33.86 23.63
CA PRO D 17 -3.60 -32.91 24.08
C PRO D 17 -4.16 -31.47 24.12
N LEU D 18 -3.79 -30.74 25.17
CA LEU D 18 -4.10 -29.33 25.30
C LEU D 18 -2.86 -28.56 24.90
N VAL D 19 -2.98 -27.79 23.82
CA VAL D 19 -1.84 -27.17 23.17
C VAL D 19 -2.02 -25.64 23.16
N GLY D 20 -2.89 -25.16 24.03
CA GLY D 20 -3.12 -23.75 24.15
C GLY D 20 -4.05 -23.45 25.29
N SER D 21 -3.71 -22.43 26.07
CA SER D 21 -4.52 -22.09 27.22
C SER D 21 -4.41 -20.63 27.64
N LEU D 22 -5.57 -19.96 27.75
CA LEU D 22 -5.67 -18.63 28.32
C LEU D 22 -6.75 -18.81 29.38
N PRO D 23 -6.35 -19.27 30.57
CA PRO D 23 -7.24 -19.65 31.67
C PRO D 23 -8.11 -18.53 32.16
N PHE D 24 -7.67 -17.30 31.94
CA PHE D 24 -8.38 -16.13 32.41
C PHE D 24 -8.34 -15.03 31.36
N LEU D 25 -9.45 -14.30 31.25
CA LEU D 25 -9.54 -13.19 30.33
C LEU D 25 -10.24 -12.03 30.98
N PRO D 26 -9.76 -10.80 30.73
CA PRO D 26 -10.29 -9.61 31.37
C PRO D 26 -11.58 -9.21 30.65
N ARG D 27 -12.26 -8.17 31.10
CA ARG D 27 -13.48 -7.68 30.44
C ARG D 27 -13.49 -6.14 30.35
N HIS D 28 -12.79 -5.61 29.34
CA HIS D 28 -12.91 -4.20 28.94
C HIS D 28 -12.33 -3.22 29.93
N GLY D 29 -11.55 -3.74 30.88
CA GLY D 29 -10.84 -2.91 31.83
C GLY D 29 -9.60 -2.32 31.18
N HIS D 30 -8.82 -1.61 31.97
CA HIS D 30 -7.54 -1.07 31.51
C HIS D 30 -6.47 -2.16 31.60
N MET D 31 -5.74 -2.37 30.51
CA MET D 31 -4.83 -3.48 30.47
C MET D 31 -3.83 -3.46 31.64
N HIS D 32 -3.47 -2.29 32.15
CA HIS D 32 -2.47 -2.21 33.21
C HIS D 32 -3.05 -2.60 34.57
N ASN D 33 -4.35 -2.38 34.72
CA ASN D 33 -5.03 -2.72 35.95
C ASN D 33 -5.39 -4.20 35.98
N ASN D 34 -5.56 -4.78 34.80
CA ASN D 34 -5.85 -6.20 34.72
C ASN D 34 -4.58 -7.00 35.04
N PHE D 35 -3.46 -6.58 34.46
CA PHE D 35 -2.17 -7.18 34.76
C PHE D 35 -1.91 -7.11 36.25
N PHE D 36 -2.34 -6.03 36.87
CA PHE D 36 -2.14 -5.85 38.30
C PHE D 36 -2.92 -6.90 39.13
N LYS D 37 -4.17 -7.18 38.74
CA LYS D 37 -5.04 -8.14 39.44
C LYS D 37 -4.44 -9.54 39.38
N LEU D 38 -3.87 -9.89 38.24
CA LEU D 38 -3.31 -11.22 38.09
C LEU D 38 -2.22 -11.48 39.11
N GLN D 39 -1.64 -10.42 39.67
CA GLN D 39 -0.60 -10.57 40.68
C GLN D 39 -1.12 -11.28 41.95
N LYS D 40 -2.41 -11.13 42.24
CA LYS D 40 -3.02 -11.81 43.40
C LYS D 40 -2.96 -13.31 43.25
N LYS D 41 -2.88 -13.79 42.01
CA LYS D 41 -2.87 -15.22 41.74
C LYS D 41 -1.51 -15.72 41.26
N TYR D 42 -0.65 -14.85 40.74
CA TYR D 42 0.60 -15.31 40.11
C TYR D 42 1.84 -14.60 40.64
N GLY D 43 1.65 -13.56 41.44
CA GLY D 43 2.78 -12.81 41.97
C GLY D 43 3.19 -11.60 41.15
N PRO D 44 4.34 -11.01 41.52
CA PRO D 44 4.84 -9.75 40.99
C PRO D 44 5.67 -9.93 39.71
N ILE D 45 5.75 -11.15 39.19
CA ILE D 45 6.45 -11.37 37.94
C ILE D 45 5.89 -12.64 37.28
N TYR D 46 5.48 -12.50 36.03
CA TYR D 46 4.97 -13.64 35.30
C TYR D 46 5.11 -13.45 33.79
N SER D 47 4.66 -14.42 33.00
CA SER D 47 4.92 -14.40 31.57
C SER D 47 3.78 -14.95 30.74
N VAL D 48 3.82 -14.62 29.46
CA VAL D 48 2.91 -15.13 28.45
C VAL D 48 3.72 -15.58 27.25
N ARG D 49 3.27 -16.67 26.63
CA ARG D 49 3.93 -17.24 25.47
C ARG D 49 3.01 -17.29 24.26
N MET D 50 3.47 -16.83 23.12
CA MET D 50 2.69 -16.95 21.91
C MET D 50 3.65 -17.29 20.79
N GLY D 51 3.59 -18.53 20.30
CA GLY D 51 4.62 -19.03 19.41
C GLY D 51 5.97 -18.98 20.09
N THR D 52 6.93 -18.38 19.39
CA THR D 52 8.28 -18.26 19.90
C THR D 52 8.44 -17.01 20.78
N LYS D 53 7.51 -16.04 20.64
CA LYS D 53 7.57 -14.81 21.43
C LYS D 53 7.16 -15.06 22.88
N THR D 54 7.98 -14.57 23.80
CA THR D 54 7.64 -14.56 25.22
C THR D 54 7.64 -13.12 25.73
N THR D 55 6.66 -12.81 26.58
CA THR D 55 6.57 -11.52 27.25
C THR D 55 6.48 -11.69 28.76
N VAL D 56 7.32 -10.95 29.47
CA VAL D 56 7.31 -10.89 30.93
C VAL D 56 6.74 -9.56 31.46
N ILE D 57 5.83 -9.63 32.44
CA ILE D 57 5.30 -8.45 33.12
C ILE D 57 5.81 -8.39 34.55
N VAL D 58 6.27 -7.22 34.97
CA VAL D 58 6.92 -7.05 36.28
C VAL D 58 6.14 -6.02 37.09
N GLY D 59 5.80 -6.37 38.32
CA GLY D 59 4.86 -5.60 39.13
C GLY D 59 5.35 -5.30 40.53
N HIS D 60 6.66 -5.31 40.72
CA HIS D 60 7.24 -4.99 42.00
C HIS D 60 8.55 -4.20 41.82
N HIS D 61 8.79 -3.22 42.67
CA HIS D 61 9.88 -2.25 42.46
C HIS D 61 11.28 -2.86 42.60
N GLN D 62 11.41 -3.82 43.51
CA GLN D 62 12.64 -4.58 43.70
C GLN D 62 13.03 -5.26 42.36
N LEU D 63 12.07 -5.91 41.69
CA LEU D 63 12.35 -6.59 40.42
C LEU D 63 12.58 -5.60 39.25
N ALA D 64 11.71 -4.59 39.15
CA ALA D 64 11.84 -3.52 38.15
C ALA D 64 13.19 -2.85 38.21
N LYS D 65 13.65 -2.46 39.40
CA LYS D 65 14.95 -1.82 39.51
C LYS D 65 16.07 -2.73 39.06
N GLU D 66 15.90 -4.04 39.21
CA GLU D 66 16.91 -5.00 38.76
C GLU D 66 16.92 -4.99 37.21
N VAL D 67 15.73 -4.93 36.63
CA VAL D 67 15.57 -4.88 35.16
C VAL D 67 16.10 -3.56 34.57
N LEU D 68 15.87 -2.45 35.26
CA LEU D 68 16.18 -1.13 34.74
C LEU D 68 17.57 -0.63 35.15
N ILE D 69 17.99 -0.97 36.35
CA ILE D 69 19.23 -0.42 36.91
C ILE D 69 20.29 -1.49 36.99
N LYS D 70 20.09 -2.46 37.90
CA LYS D 70 21.15 -3.44 38.19
C LYS D 70 21.54 -4.24 36.96
N LYS D 71 20.57 -4.75 36.21
CA LYS D 71 20.86 -5.38 34.92
C LYS D 71 20.23 -4.57 33.79
N GLY D 72 20.31 -3.25 33.94
CA GLY D 72 19.69 -2.32 33.02
C GLY D 72 20.15 -2.42 31.60
N LYS D 73 21.46 -2.64 31.48
CA LYS D 73 22.15 -2.79 30.21
C LYS D 73 21.64 -4.03 29.45
N ASP D 74 21.42 -5.12 30.19
CA ASP D 74 20.96 -6.40 29.64
C ASP D 74 19.58 -6.30 29.00
N PHE D 75 18.77 -5.41 29.56
CA PHE D 75 17.39 -5.21 29.17
C PHE D 75 17.12 -3.87 28.44
N SER D 76 18.16 -3.22 27.93
CA SER D 76 18.02 -1.90 27.34
C SER D 76 17.47 -1.96 25.90
N GLY D 77 17.12 -3.14 25.43
CA GLY D 77 16.61 -3.31 24.09
C GLY D 77 15.16 -2.85 23.97
N ARG D 78 14.68 -2.78 22.73
CA ARG D 78 13.28 -2.44 22.44
C ARG D 78 12.70 -3.48 21.50
N PRO D 79 11.50 -3.97 21.78
CA PRO D 79 10.88 -4.92 20.86
C PRO D 79 10.48 -4.31 19.52
N GLN D 80 10.61 -5.07 18.45
CA GLN D 80 10.11 -4.68 17.15
C GLN D 80 8.57 -4.79 17.19
N MET D 81 7.88 -3.75 16.75
CA MET D 81 6.43 -3.72 16.68
C MET D 81 6.02 -3.00 15.43
N ALA D 82 5.13 -3.63 14.67
CA ALA D 82 4.68 -3.09 13.40
C ALA D 82 4.20 -1.66 13.53
N THR D 83 3.42 -1.38 14.56
CA THR D 83 2.88 -0.04 14.72
C THR D 83 3.99 1.01 14.96
N LEU D 84 4.98 0.67 15.78
CA LEU D 84 6.10 1.56 16.08
C LEU D 84 7.10 1.69 14.93
N ASP D 85 7.22 0.66 14.10
CA ASP D 85 8.08 0.73 12.91
C ASP D 85 7.62 1.88 12.01
N ILE D 86 6.32 2.06 11.88
CA ILE D 86 5.77 3.14 11.06
C ILE D 86 6.14 4.53 11.63
N LEU D 87 5.86 4.74 12.90
CA LEU D 87 6.09 5.99 13.57
C LEU D 87 7.58 6.36 13.62
N SER D 88 8.42 5.36 13.84
CA SER D 88 9.86 5.59 14.07
C SER D 88 10.67 5.44 12.78
N ASN D 89 9.97 5.32 11.65
CA ASN D 89 10.62 5.15 10.34
C ASN D 89 11.61 3.96 10.35
N ASN D 90 11.14 2.81 10.84
CA ASN D 90 11.92 1.57 10.95
C ASN D 90 13.01 1.62 12.02
N ARG D 91 12.56 1.91 13.24
CA ARG D 91 13.39 1.77 14.45
C ARG D 91 14.55 2.79 14.50
N LYS D 92 14.31 3.96 13.92
CA LYS D 92 15.21 5.08 14.07
C LYS D 92 14.77 5.94 15.26
N GLY D 93 15.45 7.06 15.44
CA GLY D 93 15.17 7.95 16.55
C GLY D 93 15.79 7.43 17.82
N ILE D 94 15.12 7.69 18.95
CA ILE D 94 15.58 7.28 20.28
C ILE D 94 14.62 6.34 20.99
N ALA D 95 13.43 6.86 21.30
CA ALA D 95 12.47 6.18 22.18
C ALA D 95 12.22 4.71 21.80
N PHE D 96 11.97 4.46 20.52
CA PHE D 96 11.60 3.14 20.04
C PHE D 96 12.73 2.48 19.26
N ALA D 97 13.94 2.97 19.44
CA ALA D 97 15.08 2.40 18.75
C ALA D 97 15.69 1.30 19.60
N ASP D 98 16.13 0.22 18.96
CA ASP D 98 16.80 -0.86 19.66
C ASP D 98 18.12 -0.37 20.21
N SER D 99 18.69 -1.11 21.14
CA SER D 99 19.88 -0.70 21.85
C SER D 99 21.10 -0.91 20.96
N GLY D 100 21.53 0.13 20.24
CA GLY D 100 22.62 -0.02 19.29
C GLY D 100 23.50 1.21 19.19
N ALA D 101 24.24 1.35 18.10
CA ALA D 101 25.12 2.51 17.93
C ALA D 101 24.32 3.79 17.72
N HIS D 102 23.30 3.70 16.87
CA HIS D 102 22.45 4.83 16.56
C HIS D 102 21.78 5.36 17.84
N TRP D 103 21.18 4.46 18.62
CA TRP D 103 20.47 4.86 19.83
C TRP D 103 21.48 5.52 20.76
N GLN D 104 22.65 4.92 20.88
CA GLN D 104 23.66 5.39 21.84
C GLN D 104 24.15 6.75 21.49
N LEU D 105 24.33 6.98 20.19
CA LEU D 105 24.82 8.27 19.69
C LEU D 105 23.79 9.37 19.84
N HIS D 106 22.57 9.12 19.39
CA HIS D 106 21.54 10.15 19.41
C HIS D 106 21.06 10.49 20.82
N ARG D 107 20.93 9.51 21.69
CA ARG D 107 20.58 9.80 23.06
C ARG D 107 21.64 10.68 23.71
N ARG D 108 22.89 10.40 23.41
CA ARG D 108 23.97 11.15 24.01
C ARG D 108 23.96 12.63 23.56
N LEU D 109 23.84 12.85 22.25
CA LEU D 109 23.82 14.18 21.66
C LEU D 109 22.62 14.96 22.15
N ALA D 110 21.49 14.29 22.24
CA ALA D 110 20.29 14.97 22.72
C ALA D 110 20.50 15.38 24.15
N MET D 111 21.17 14.55 24.94
CA MET D 111 21.39 14.96 26.32
C MET D 111 22.33 16.14 26.38
N ALA D 112 23.31 16.14 25.49
CA ALA D 112 24.35 17.16 25.45
C ALA D 112 23.73 18.51 25.16
N THR D 113 22.79 18.54 24.22
CA THR D 113 22.13 19.79 23.86
C THR D 113 21.57 20.53 25.06
N PHE D 114 21.10 19.81 26.06
CA PHE D 114 20.50 20.44 27.23
C PHE D 114 21.49 21.28 28.04
N ALA D 115 22.78 21.00 27.86
CA ALA D 115 23.84 21.73 28.54
C ALA D 115 24.01 23.15 27.99
N LEU D 116 23.53 23.38 26.77
CA LEU D 116 23.59 24.69 26.12
C LEU D 116 22.54 25.68 26.64
N PHE D 117 21.86 25.26 27.69
CA PHE D 117 20.71 25.94 28.28
C PHE D 117 20.86 26.06 29.78
N LYS D 118 22.11 26.00 30.26
CA LYS D 118 22.38 25.91 31.69
C LYS D 118 22.76 27.22 32.38
N ASP D 119 23.12 28.25 31.62
CA ASP D 119 23.55 29.50 32.27
C ASP D 119 23.49 30.72 31.37
N GLY D 120 22.69 31.69 31.79
CA GLY D 120 22.58 32.95 31.06
C GLY D 120 21.16 33.38 30.84
N ASP D 121 21.00 34.01 29.69
CA ASP D 121 19.75 34.49 29.14
C ASP D 121 19.10 33.36 28.38
N GLN D 122 19.95 32.43 27.92
CA GLN D 122 19.47 31.23 27.26
C GLN D 122 19.25 30.12 28.29
N LYS D 123 18.98 30.53 29.52
CA LYS D 123 18.61 29.66 30.65
C LYS D 123 17.30 28.96 30.46
N LEU D 124 17.25 27.66 30.71
CA LEU D 124 16.00 26.93 30.51
C LEU D 124 14.77 27.63 31.15
N GLU D 125 14.88 28.00 32.42
CA GLU D 125 13.76 28.61 33.15
C GLU D 125 13.28 29.89 32.44
N LYS D 126 14.22 30.71 31.97
CA LYS D 126 13.87 31.94 31.27
C LYS D 126 13.11 31.67 29.96
N ILE D 127 13.54 30.64 29.24
CA ILE D 127 12.84 30.23 28.01
C ILE D 127 11.43 29.76 28.35
N ILE D 128 11.31 29.03 29.45
CA ILE D 128 10.02 28.51 29.86
C ILE D 128 9.13 29.68 30.28
N CYS D 129 9.63 30.46 31.23
CA CYS D 129 8.86 31.56 31.82
C CYS D 129 8.38 32.59 30.81
N GLN D 130 9.17 32.85 29.77
CA GLN D 130 8.78 33.75 28.69
C GLN D 130 7.46 33.27 28.03
N GLU D 131 7.39 31.97 27.75
CA GLU D 131 6.21 31.33 27.13
C GLU D 131 5.00 31.16 28.05
N ILE D 132 5.24 31.00 29.35
CA ILE D 132 4.15 30.86 30.31
C ILE D 132 3.42 32.18 30.43
N SER D 133 4.20 33.26 30.38
CA SER D 133 3.66 34.62 30.38
C SER D 133 2.69 34.78 29.21
N THR D 134 3.13 34.37 28.02
CA THR D 134 2.24 34.40 26.84
C THR D 134 0.98 33.52 27.03
N LEU D 135 1.15 32.33 27.61
CA LEU D 135 0.00 31.46 27.91
C LEU D 135 -0.99 32.17 28.82
N CYS D 136 -0.46 32.76 29.89
CA CYS D 136 -1.28 33.40 30.90
C CYS D 136 -2.10 34.54 30.32
N ASP D 137 -1.46 35.34 29.47
CA ASP D 137 -2.11 36.45 28.78
C ASP D 137 -3.23 35.94 27.86
N MET D 138 -3.03 34.76 27.27
CA MET D 138 -4.04 34.17 26.40
C MET D 138 -5.25 33.66 27.16
N LEU D 139 -5.03 33.15 28.36
CA LEU D 139 -6.14 32.67 29.16
C LEU D 139 -6.90 33.84 29.74
N ALA D 140 -6.20 34.95 29.90
CA ALA D 140 -6.83 36.14 30.43
C ALA D 140 -7.90 36.66 29.49
N THR D 141 -7.71 36.44 28.19
CA THR D 141 -8.71 36.87 27.22
C THR D 141 -9.98 36.04 27.27
N HIS D 142 -9.96 34.99 28.09
CA HIS D 142 -11.14 34.17 28.30
C HIS D 142 -11.71 34.37 29.70
N ASN D 143 -11.38 35.47 30.36
CA ASN D 143 -11.88 35.75 31.72
C ASN D 143 -13.38 35.51 31.92
N GLY D 144 -13.72 34.73 32.93
CA GLY D 144 -15.11 34.45 33.23
C GLY D 144 -15.72 33.33 32.40
N GLN D 145 -15.01 32.88 31.39
CA GLN D 145 -15.53 31.85 30.50
C GLN D 145 -15.18 30.44 30.99
N SER D 146 -15.92 29.47 30.49
CA SER D 146 -15.65 28.07 30.77
C SER D 146 -15.16 27.45 29.48
N ILE D 147 -13.91 26.99 29.48
CA ILE D 147 -13.22 26.58 28.27
C ILE D 147 -12.36 25.34 28.48
N ASP D 148 -12.09 24.61 27.40
CA ASP D 148 -11.08 23.56 27.39
C ASP D 148 -9.70 24.25 27.38
N ILE D 149 -8.82 23.92 28.32
CA ILE D 149 -7.54 24.60 28.47
C ILE D 149 -6.43 23.93 27.59
N SER D 150 -6.77 22.82 26.95
CA SER D 150 -5.76 22.01 26.25
C SER D 150 -4.92 22.81 25.24
N PHE D 151 -5.59 23.47 24.28
CA PHE D 151 -4.87 24.05 23.15
C PHE D 151 -3.87 25.15 23.56
N PRO D 152 -4.27 26.08 24.44
CA PRO D 152 -3.30 27.09 24.88
C PRO D 152 -2.04 26.47 25.52
N VAL D 153 -2.28 25.55 26.43
CA VAL D 153 -1.20 24.83 27.08
C VAL D 153 -0.29 24.12 26.08
N PHE D 154 -0.91 23.49 25.09
CA PHE D 154 -0.20 22.79 24.02
C PHE D 154 0.74 23.79 23.33
N VAL D 155 0.19 24.95 22.98
CA VAL D 155 0.95 26.02 22.31
C VAL D 155 2.15 26.49 23.11
N ALA D 156 2.01 26.62 24.42
CA ALA D 156 3.11 27.11 25.24
C ALA D 156 4.30 26.14 25.23
N VAL D 157 4.07 24.87 25.55
CA VAL D 157 5.14 23.88 25.64
C VAL D 157 5.71 23.54 24.25
N THR D 158 4.87 23.60 23.22
CA THR D 158 5.34 23.45 21.84
C THR D 158 6.41 24.46 21.53
N ASN D 159 6.19 25.68 21.99
CA ASN D 159 7.11 26.74 21.73
C ASN D 159 8.44 26.47 22.45
N VAL D 160 8.35 26.05 23.71
CA VAL D 160 9.51 25.69 24.51
C VAL D 160 10.37 24.65 23.82
N ILE D 161 9.75 23.60 23.29
CA ILE D 161 10.54 22.51 22.76
C ILE D 161 11.08 22.97 21.41
N SER D 162 10.31 23.84 20.75
CA SER D 162 10.71 24.44 19.47
C SER D 162 11.95 25.32 19.63
N LEU D 163 12.01 26.06 20.71
CA LEU D 163 13.17 26.91 20.96
C LEU D 163 14.40 26.08 21.20
N ILE D 164 14.25 25.01 21.95
CA ILE D 164 15.34 24.06 22.20
C ILE D 164 15.81 23.34 20.94
N CYS D 165 14.87 23.02 20.04
CA CYS D 165 15.19 22.28 18.81
C CYS D 165 15.75 23.14 17.67
N PHE D 166 15.15 24.30 17.44
CA PHE D 166 15.47 25.15 16.30
C PHE D 166 15.74 26.63 16.63
N ASN D 167 15.61 27.00 17.90
CA ASN D 167 15.59 28.40 18.30
C ASN D 167 14.50 29.13 17.51
N THR D 168 13.30 28.57 17.51
CA THR D 168 12.13 29.24 16.94
C THR D 168 10.88 28.95 17.75
N SER D 169 9.84 29.73 17.53
CA SER D 169 8.59 29.61 18.25
C SER D 169 7.50 30.07 17.30
N TYR D 170 6.26 29.65 17.53
CA TYR D 170 5.16 30.02 16.66
C TYR D 170 4.37 31.08 17.36
N LYS D 171 3.94 32.09 16.61
CA LYS D 171 3.03 33.05 17.20
C LYS D 171 1.67 32.38 17.31
N ASN D 172 0.89 32.77 18.30
CA ASN D 172 -0.50 32.37 18.38
C ASN D 172 -1.24 32.60 17.07
N GLY D 173 -2.08 31.64 16.68
CA GLY D 173 -2.92 31.79 15.50
C GLY D 173 -2.30 31.15 14.26
N ASP D 174 -1.00 30.89 14.30
CA ASP D 174 -0.34 30.19 13.20
C ASP D 174 -1.08 28.87 13.02
N PRO D 175 -1.54 28.57 11.80
CA PRO D 175 -2.32 27.34 11.61
C PRO D 175 -1.50 26.05 11.75
N GLU D 176 -0.18 26.15 11.63
CA GLU D 176 0.69 24.97 11.72
C GLU D 176 0.63 24.33 13.11
N LEU D 177 0.19 25.11 14.10
CA LEU D 177 0.02 24.58 15.44
C LEU D 177 -1.14 23.62 15.39
N ASN D 178 -2.21 24.03 14.72
CA ASN D 178 -3.37 23.16 14.65
C ASN D 178 -3.05 21.92 13.81
N VAL D 179 -2.07 22.04 12.92
CA VAL D 179 -1.63 20.93 12.09
C VAL D 179 -0.92 19.93 12.98
N ILE D 180 -0.06 20.46 13.84
CA ILE D 180 0.69 19.63 14.74
C ILE D 180 -0.23 18.96 15.75
N GLN D 181 -1.16 19.70 16.33
CA GLN D 181 -2.06 19.10 17.31
C GLN D 181 -2.86 17.99 16.64
N ASN D 182 -3.26 18.18 15.39
CA ASN D 182 -4.12 17.20 14.73
C ASN D 182 -3.42 15.84 14.47
N TYR D 183 -2.18 15.86 14.00
CA TYR D 183 -1.46 14.62 13.71
C TYR D 183 -0.94 14.03 15.01
N ASN D 184 -0.72 14.86 16.02
CA ASN D 184 -0.37 14.32 17.33
C ASN D 184 -1.56 13.53 17.85
N GLU D 185 -2.77 14.06 17.70
CA GLU D 185 -3.95 13.39 18.22
C GLU D 185 -4.24 12.09 17.47
N GLY D 186 -4.01 12.11 16.16
CA GLY D 186 -4.33 10.97 15.32
C GLY D 186 -3.27 9.89 15.38
N ILE D 187 -2.02 10.29 15.61
CA ILE D 187 -0.97 9.30 15.85
C ILE D 187 -1.25 8.59 17.15
N ILE D 188 -1.51 9.35 18.20
CA ILE D 188 -1.78 8.78 19.51
C ILE D 188 -3.00 7.92 19.49
N ASP D 189 -4.00 8.31 18.71
CA ASP D 189 -5.26 7.56 18.70
C ASP D 189 -5.17 6.23 17.96
N ASN D 190 -4.33 6.18 16.94
CA ASN D 190 -4.27 5.01 16.06
C ASN D 190 -3.06 4.11 16.31
N LEU D 191 -2.13 4.56 17.14
CA LEU D 191 -0.92 3.81 17.47
C LEU D 191 -1.26 2.54 18.26
N SER D 192 -2.33 2.60 19.05
CA SER D 192 -2.79 1.45 19.83
C SER D 192 -4.13 1.75 20.50
N LYS D 193 -4.74 0.73 21.10
CA LYS D 193 -6.01 0.89 21.78
C LYS D 193 -5.83 0.69 23.29
N ASP D 194 -4.57 0.60 23.70
CA ASP D 194 -4.20 0.55 25.12
C ASP D 194 -2.70 0.83 25.24
N SER D 195 -2.16 0.60 26.42
CA SER D 195 -0.72 0.74 26.60
C SER D 195 0.02 -0.23 25.65
N LEU D 196 1.20 0.14 25.14
CA LEU D 196 1.94 -0.69 24.18
C LEU D 196 2.34 -2.05 24.75
N VAL D 197 2.11 -3.11 23.98
CA VAL D 197 2.54 -4.47 24.32
C VAL D 197 2.74 -5.21 23.01
N ASP D 198 3.89 -5.84 22.79
CA ASP D 198 4.12 -6.56 21.54
C ASP D 198 3.35 -7.86 21.41
N LEU D 199 2.77 -8.32 22.51
CA LEU D 199 1.83 -9.41 22.43
C LEU D 199 0.68 -9.13 21.46
N VAL D 200 0.31 -7.87 21.32
CA VAL D 200 -0.91 -7.52 20.59
C VAL D 200 -0.61 -6.95 19.18
N PRO D 201 -1.10 -7.65 18.14
CA PRO D 201 -0.99 -7.12 16.77
C PRO D 201 -1.94 -5.95 16.52
N TRP D 202 -1.56 -4.78 17.05
CA TRP D 202 -2.43 -3.61 17.06
C TRP D 202 -3.07 -3.21 15.73
N LEU D 203 -2.36 -3.40 14.63
CA LEU D 203 -2.87 -2.98 13.34
C LEU D 203 -3.80 -4.02 12.71
N LYS D 204 -3.90 -5.20 13.34
CA LYS D 204 -4.55 -6.34 12.72
C LYS D 204 -5.72 -6.96 13.50
N ILE D 205 -6.04 -6.43 14.68
CA ILE D 205 -7.06 -7.09 15.53
C ILE D 205 -8.48 -6.76 15.13
N PHE D 206 -8.68 -5.57 14.54
CA PHE D 206 -10.01 -5.14 14.11
C PHE D 206 -10.03 -4.68 12.65
N PRO D 207 -11.18 -4.82 11.96
CA PRO D 207 -11.42 -4.26 10.62
C PRO D 207 -11.76 -2.78 10.75
N ASN D 208 -10.88 -1.97 11.35
CA ASN D 208 -11.05 -0.50 11.44
C ASN D 208 -10.09 0.42 10.70
N LYS D 209 -9.35 -0.15 9.76
CA LYS D 209 -8.32 0.57 9.03
C LYS D 209 -7.36 1.45 9.85
N THR D 210 -6.91 0.92 10.97
CA THR D 210 -5.97 1.58 11.88
C THR D 210 -4.72 2.01 11.09
N LEU D 211 -4.13 1.04 10.42
CA LEU D 211 -2.91 1.19 9.63
C LEU D 211 -3.01 2.33 8.65
N GLU D 212 -4.10 2.36 7.90
CA GLU D 212 -4.31 3.38 6.88
C GLU D 212 -4.28 4.75 7.59
N LYS D 213 -5.05 4.90 8.67
CA LYS D 213 -5.14 6.19 9.37
C LYS D 213 -3.82 6.58 10.02
N LEU D 214 -3.15 5.62 10.67
CA LEU D 214 -1.88 5.91 11.33
C LEU D 214 -0.87 6.46 10.33
N LYS D 215 -0.76 5.80 9.18
CA LYS D 215 0.21 6.19 8.16
C LYS D 215 -0.05 7.58 7.67
N SER D 216 -1.33 7.93 7.54
CA SER D 216 -1.69 9.23 7.00
C SER D 216 -1.23 10.39 7.91
N HIS D 217 -1.33 10.20 9.21
CA HIS D 217 -0.91 11.23 10.16
C HIS D 217 0.61 11.29 10.19
N VAL D 218 1.26 10.15 10.06
CA VAL D 218 2.72 10.15 10.09
C VAL D 218 3.35 10.80 8.85
N LYS D 219 2.66 10.73 7.70
CA LYS D 219 3.13 11.35 6.44
C LYS D 219 3.13 12.83 6.63
N ILE D 220 2.04 13.34 7.19
CA ILE D 220 1.94 14.75 7.44
C ILE D 220 3.03 15.23 8.38
N ARG D 221 3.21 14.55 9.50
CA ARG D 221 4.27 14.92 10.43
C ARG D 221 5.66 14.85 9.77
N ASN D 222 5.90 13.79 9.00
CA ASN D 222 7.15 13.57 8.30
C ASN D 222 7.40 14.66 7.23
N ASP D 223 6.33 15.13 6.57
CA ASP D 223 6.47 16.19 5.57
C ASP D 223 6.95 17.48 6.21
N LEU D 224 6.35 17.80 7.36
CA LEU D 224 6.63 19.06 8.04
C LEU D 224 8.07 19.11 8.50
N LEU D 225 8.50 18.04 9.13
CA LEU D 225 9.86 17.96 9.62
C LEU D 225 10.89 18.00 8.51
N ASN D 226 10.57 17.37 7.38
CA ASN D 226 11.43 17.42 6.19
C ASN D 226 11.53 18.81 5.65
N LYS D 227 10.38 19.46 5.54
CA LYS D 227 10.29 20.82 5.03
C LYS D 227 11.16 21.75 5.88
N ILE D 228 11.20 21.49 7.18
CA ILE D 228 12.00 22.25 8.11
C ILE D 228 13.48 22.01 7.91
N LEU D 229 13.88 20.75 7.74
CA LEU D 229 15.29 20.40 7.58
C LEU D 229 15.86 21.03 6.33
N GLU D 230 15.04 21.13 5.28
CA GLU D 230 15.50 21.75 4.06
C GLU D 230 15.71 23.23 4.30
N ASN D 231 14.79 23.86 5.01
CA ASN D 231 14.94 25.28 5.28
C ASN D 231 16.09 25.59 6.24
N TYR D 232 16.51 24.64 7.05
CA TYR D 232 17.48 24.95 8.10
C TYR D 232 18.93 24.70 7.62
N LYS D 233 19.09 23.98 6.51
CA LYS D 233 20.40 23.76 5.93
C LYS D 233 21.01 25.07 5.50
N GLU D 234 20.14 26.01 5.13
CA GLU D 234 20.59 27.30 4.69
C GLU D 234 20.88 28.22 5.88
N LYS D 235 20.53 27.78 7.07
CA LYS D 235 20.72 28.59 8.27
C LYS D 235 21.84 28.06 9.16
N PHE D 236 22.20 26.80 8.97
CA PHE D 236 23.17 26.17 9.84
C PHE D 236 24.55 26.80 9.70
N ARG D 237 25.29 26.86 10.79
CA ARG D 237 26.66 27.35 10.77
C ARG D 237 27.44 26.71 11.92
N SER D 238 28.68 26.36 11.60
CA SER D 238 29.49 25.56 12.48
C SER D 238 29.99 26.28 13.72
N ASP D 239 29.89 27.60 13.73
CA ASP D 239 30.40 28.40 14.83
C ASP D 239 29.31 28.85 15.83
N SER D 240 28.08 28.40 15.60
CA SER D 240 26.94 28.80 16.42
C SER D 240 26.02 27.63 16.70
N ILE D 241 26.39 26.87 17.73
CA ILE D 241 25.64 25.70 18.16
C ILE D 241 24.78 26.06 19.37
N THR D 242 23.51 26.33 19.08
CA THR D 242 22.61 26.91 20.06
C THR D 242 21.41 26.01 20.36
N ASN D 243 21.24 24.95 19.57
CA ASN D 243 20.09 24.05 19.73
C ASN D 243 20.44 22.61 19.42
N MET D 244 19.42 21.77 19.34
CA MET D 244 19.61 20.35 19.12
C MET D 244 19.86 19.98 17.67
N LEU D 245 19.15 20.67 16.79
CA LEU D 245 19.35 20.45 15.37
C LEU D 245 20.79 20.81 14.98
N ASP D 246 21.35 21.87 15.56
CA ASP D 246 22.77 22.21 15.33
C ASP D 246 23.66 21.09 15.82
N THR D 247 23.39 20.63 17.05
CA THR D 247 24.14 19.56 17.67
C THR D 247 24.26 18.32 16.80
N LEU D 248 23.14 17.92 16.19
CA LEU D 248 23.15 16.74 15.32
C LEU D 248 23.93 16.99 14.02
N MET D 249 23.68 18.12 13.36
CA MET D 249 24.38 18.49 12.12
C MET D 249 25.89 18.72 12.31
N GLN D 250 26.29 19.36 13.39
CA GLN D 250 27.71 19.52 13.67
C GLN D 250 28.37 18.16 13.80
N ALA D 251 27.66 17.20 14.42
CA ALA D 251 28.19 15.85 14.69
C ALA D 251 28.39 15.09 13.38
N LYS D 252 27.45 15.23 12.47
CA LYS D 252 27.62 14.61 11.16
C LYS D 252 28.77 15.27 10.43
N MET D 253 28.81 16.60 10.50
CA MET D 253 29.85 17.40 9.85
C MET D 253 31.24 17.07 10.38
N ASN D 254 31.29 16.64 11.64
CA ASN D 254 32.51 16.15 12.30
C ASN D 254 32.80 14.67 12.06
N SER D 255 32.44 14.23 10.87
CA SER D 255 32.89 12.96 10.35
C SER D 255 33.52 13.36 9.01
N ASP D 256 34.77 13.85 9.18
CA ASP D 256 35.72 14.39 8.19
C ASP D 256 37.12 14.08 8.72
N ASP D 265 31.24 6.48 10.92
CA ASP D 265 30.32 6.89 11.98
C ASP D 265 29.16 7.74 11.48
N SER D 266 29.30 8.26 10.25
CA SER D 266 28.31 9.15 9.63
C SER D 266 27.12 8.39 9.03
N GLU D 267 27.18 7.05 9.08
CA GLU D 267 26.04 6.20 8.74
C GLU D 267 24.80 6.53 9.57
N LEU D 268 25.06 6.86 10.83
CA LEU D 268 24.04 7.04 11.84
C LEU D 268 23.42 8.42 11.95
N LEU D 269 23.90 9.34 11.12
CA LEU D 269 23.45 10.71 11.18
C LEU D 269 22.90 11.06 9.81
N SER D 270 22.22 10.09 9.19
CA SER D 270 21.51 10.34 7.95
C SER D 270 20.42 11.37 8.19
N ASP D 271 19.74 11.81 7.16
CA ASP D 271 18.69 12.79 7.38
C ASP D 271 17.53 12.18 8.15
N ASN D 272 17.11 10.98 7.75
CA ASN D 272 16.03 10.27 8.44
C ASN D 272 16.39 9.91 9.89
N HIS D 273 17.65 9.62 10.15
CA HIS D 273 18.04 9.41 11.53
C HIS D 273 17.82 10.70 12.30
N ILE D 274 18.42 11.79 11.80
CA ILE D 274 18.28 13.10 12.45
C ILE D 274 16.84 13.51 12.59
N LEU D 275 16.09 13.34 11.52
CA LEU D 275 14.69 13.71 11.48
C LEU D 275 13.84 12.97 12.52
N THR D 276 14.00 11.65 12.60
CA THR D 276 13.19 10.78 13.47
C THR D 276 13.44 11.05 14.94
N THR D 277 14.70 11.37 15.24
CA THR D 277 15.13 11.75 16.59
C THR D 277 14.48 13.08 17.03
N ILE D 278 14.53 14.07 16.14
CA ILE D 278 13.85 15.32 16.40
C ILE D 278 12.36 15.12 16.64
N GLY D 279 11.76 14.24 15.85
CA GLY D 279 10.33 14.00 15.91
C GLY D 279 9.92 13.41 17.25
N ASP D 280 10.83 12.61 17.82
CA ASP D 280 10.64 11.98 19.13
C ASP D 280 10.61 13.03 20.25
N ILE D 281 11.60 13.92 20.23
CA ILE D 281 11.79 14.96 21.23
C ILE D 281 10.64 15.97 21.18
N PHE D 282 10.22 16.32 19.97
CA PHE D 282 9.12 17.23 19.74
C PHE D 282 7.80 16.67 20.25
N GLY D 283 7.56 15.39 19.96
CA GLY D 283 6.33 14.75 20.34
C GLY D 283 6.26 14.58 21.84
N ALA D 284 7.38 14.17 22.43
CA ALA D 284 7.44 13.86 23.86
C ALA D 284 7.41 15.14 24.68
N GLY D 285 7.99 16.19 24.13
CA GLY D 285 8.13 17.39 24.90
C GLY D 285 6.77 18.07 25.02
N VAL D 286 5.78 17.63 24.26
CA VAL D 286 4.52 18.34 24.19
C VAL D 286 3.35 17.56 24.75
N GLU D 287 3.20 16.30 24.33
CA GLU D 287 2.01 15.54 24.69
C GLU D 287 2.04 15.04 26.13
N THR D 288 3.23 14.84 26.67
CA THR D 288 3.37 14.28 28.01
C THR D 288 2.97 15.37 29.01
N THR D 289 3.75 16.46 29.00
CA THR D 289 3.59 17.60 29.93
C THR D 289 2.23 18.30 29.81
N THR D 290 1.73 18.41 28.58
CA THR D 290 0.36 18.89 28.37
C THR D 290 -0.59 17.96 29.09
N SER D 291 -0.34 16.66 29.01
CA SER D 291 -1.25 15.69 29.61
C SER D 291 -1.18 15.71 31.13
N VAL D 292 -0.01 15.95 31.69
CA VAL D 292 0.11 16.00 33.15
C VAL D 292 -0.58 17.23 33.76
N VAL D 293 -0.43 18.39 33.11
CA VAL D 293 -1.10 19.62 33.54
C VAL D 293 -2.60 19.39 33.57
N LYS D 294 -3.15 18.89 32.47
CA LYS D 294 -4.58 18.60 32.36
C LYS D 294 -5.06 17.69 33.52
N TRP D 295 -4.24 16.69 33.88
CA TRP D 295 -4.56 15.80 34.99
C TRP D 295 -4.60 16.56 36.33
N THR D 296 -3.60 17.42 36.55
CA THR D 296 -3.46 18.17 37.79
C THR D 296 -4.66 19.12 38.01
N LEU D 297 -5.07 19.86 36.98
CA LEU D 297 -6.25 20.71 37.15
C LEU D 297 -7.47 19.86 37.48
N ALA D 298 -7.55 18.69 36.85
CA ALA D 298 -8.68 17.78 37.06
C ALA D 298 -8.76 17.28 38.49
N PHE D 299 -7.65 16.85 39.08
CA PHE D 299 -7.65 16.42 40.47
C PHE D 299 -8.00 17.57 41.44
N LEU D 300 -7.39 18.73 41.23
CA LEU D 300 -7.63 19.92 42.07
C LEU D 300 -9.06 20.43 41.99
N LEU D 301 -9.75 20.12 40.90
CA LEU D 301 -11.16 20.44 40.79
C LEU D 301 -12.02 19.50 41.61
N HIS D 302 -11.44 18.36 41.98
CA HIS D 302 -12.08 17.36 42.80
C HIS D 302 -11.62 17.45 44.27
N ASN D 303 -10.71 18.38 44.56
CA ASN D 303 -10.10 18.46 45.88
C ASN D 303 -9.85 19.92 46.23
N PRO D 304 -10.92 20.68 46.46
CA PRO D 304 -10.84 22.11 46.77
C PRO D 304 -9.98 22.40 47.99
N GLN D 305 -9.91 21.47 48.95
CA GLN D 305 -9.12 21.69 50.16
C GLN D 305 -7.67 21.89 49.76
N VAL D 306 -7.17 20.98 48.92
CA VAL D 306 -5.79 21.04 48.44
C VAL D 306 -5.53 22.29 47.60
N LYS D 307 -6.48 22.61 46.72
CA LYS D 307 -6.37 23.79 45.87
C LYS D 307 -6.19 25.02 46.77
N LYS D 308 -7.02 25.09 47.81
CA LYS D 308 -7.03 26.20 48.74
C LYS D 308 -5.67 26.35 49.43
N LYS D 309 -5.17 25.27 50.00
CA LYS D 309 -3.90 25.31 50.69
C LYS D 309 -2.78 25.69 49.72
N LEU D 310 -2.96 25.42 48.42
CA LEU D 310 -1.94 25.78 47.44
C LEU D 310 -1.94 27.28 47.16
N TYR D 311 -3.14 27.84 47.09
CA TYR D 311 -3.28 29.28 46.95
C TYR D 311 -2.69 29.97 48.18
N GLU D 312 -2.95 29.44 49.36
CA GLU D 312 -2.39 30.02 50.58
C GLU D 312 -0.87 29.95 50.58
N GLU D 313 -0.33 28.78 50.26
CA GLU D 313 1.11 28.56 50.27
C GLU D 313 1.85 29.54 49.38
N ILE D 314 1.31 29.76 48.19
CA ILE D 314 2.00 30.56 47.18
C ILE D 314 1.89 32.05 47.51
N ASP D 315 0.76 32.44 48.10
CA ASP D 315 0.54 33.82 48.48
C ASP D 315 1.55 34.20 49.59
N GLN D 316 1.81 33.27 50.50
CA GLN D 316 2.73 33.48 51.63
C GLN D 316 4.21 33.44 51.29
N ASN D 317 4.60 32.75 50.22
CA ASN D 317 6.02 32.51 49.96
C ASN D 317 6.53 33.25 48.72
N VAL D 318 5.59 33.53 47.82
CA VAL D 318 5.85 34.28 46.60
C VAL D 318 5.19 35.64 46.69
N GLY D 319 3.90 35.65 47.03
CA GLY D 319 3.15 36.88 47.03
C GLY D 319 2.93 37.35 45.61
N PHE D 320 2.75 38.65 45.43
CA PHE D 320 2.35 39.18 44.14
C PHE D 320 3.35 40.18 43.59
N SER D 321 4.50 40.32 44.28
CA SER D 321 5.54 41.26 43.87
C SER D 321 6.39 40.77 42.70
N ARG D 322 6.46 39.46 42.49
CA ARG D 322 7.20 38.89 41.38
C ARG D 322 6.52 37.63 40.89
N THR D 323 6.94 37.13 39.73
CA THR D 323 6.40 35.86 39.25
C THR D 323 7.21 34.72 39.87
N PRO D 324 6.66 33.49 39.90
CA PRO D 324 7.41 32.37 40.51
C PRO D 324 8.65 31.97 39.69
N THR D 325 9.66 31.48 40.40
CA THR D 325 10.98 31.11 39.87
C THR D 325 11.31 29.70 40.34
N ILE D 326 12.23 29.03 39.66
CA ILE D 326 12.62 27.68 40.07
C ILE D 326 13.29 27.63 41.45
N SER D 327 13.86 28.72 41.93
CA SER D 327 14.40 28.74 43.28
C SER D 327 13.29 28.57 44.34
N ASP D 328 12.04 28.77 43.91
CA ASP D 328 10.85 28.66 44.77
C ASP D 328 10.41 27.23 45.00
N ARG D 329 11.18 26.29 44.47
CA ARG D 329 10.94 24.87 44.69
C ARG D 329 11.41 24.43 46.06
N ASN D 330 12.10 25.31 46.78
CA ASN D 330 12.43 25.14 48.19
C ASN D 330 11.34 25.54 49.17
N ARG D 331 10.42 26.38 48.73
CA ARG D 331 9.42 26.98 49.60
C ARG D 331 8.01 26.48 49.31
N LEU D 332 7.72 26.32 48.01
CA LEU D 332 6.41 25.86 47.56
C LEU D 332 6.31 24.31 47.59
N LEU D 333 6.42 23.75 48.78
CA LEU D 333 6.49 22.30 48.95
C LEU D 333 5.18 21.58 48.64
N LEU D 334 4.05 22.12 49.09
CA LEU D 334 2.78 21.43 48.86
C LEU D 334 2.53 21.31 47.35
N LEU D 335 3.10 22.23 46.56
CA LEU D 335 2.93 22.21 45.10
C LEU D 335 3.80 21.11 44.49
N GLU D 336 5.05 21.01 44.92
CA GLU D 336 5.96 19.97 44.46
C GLU D 336 5.42 18.60 44.84
N ALA D 337 4.82 18.55 46.02
CA ALA D 337 4.23 17.33 46.54
C ALA D 337 2.96 16.97 45.79
N THR D 338 2.22 17.98 45.33
CA THR D 338 1.01 17.74 44.55
C THR D 338 1.38 17.14 43.17
N ILE D 339 2.43 17.65 42.54
CA ILE D 339 2.87 17.11 41.28
C ILE D 339 3.28 15.64 41.40
N ARG D 340 3.98 15.29 42.47
CA ARG D 340 4.42 13.91 42.69
C ARG D 340 3.22 12.97 42.82
N GLU D 341 2.19 13.46 43.49
CA GLU D 341 1.03 12.64 43.72
C GLU D 341 0.26 12.45 42.41
N VAL D 342 0.35 13.40 41.50
CA VAL D 342 -0.26 13.22 40.18
C VAL D 342 0.47 12.16 39.35
N LEU D 343 1.80 12.20 39.38
CA LEU D 343 2.61 11.26 38.60
C LEU D 343 2.56 9.85 39.16
N ARG D 344 2.13 9.74 40.41
CA ARG D 344 1.97 8.43 41.06
C ARG D 344 0.63 7.89 40.63
N LEU D 345 -0.40 8.69 40.82
CA LEU D 345 -1.76 8.24 40.62
C LEU D 345 -2.11 8.00 39.15
N ARG D 346 -1.57 8.83 38.25
CA ARG D 346 -1.84 8.72 36.83
C ARG D 346 -0.52 8.89 36.06
N PRO D 347 0.38 7.93 36.15
CA PRO D 347 1.62 8.10 35.37
C PRO D 347 1.35 8.25 33.87
N VAL D 348 2.18 9.04 33.19
CA VAL D 348 2.08 9.26 31.75
C VAL D 348 2.22 7.97 30.96
N ALA D 349 3.09 7.11 31.46
CA ALA D 349 3.31 5.83 30.84
C ALA D 349 3.16 4.77 31.92
N PRO D 350 1.91 4.32 32.17
CA PRO D 350 1.66 3.33 33.23
C PRO D 350 2.38 1.99 33.04
N MET D 351 2.92 1.72 31.85
CA MET D 351 3.71 0.51 31.65
C MET D 351 5.04 0.86 30.96
N LEU D 352 5.49 2.08 31.20
CA LEU D 352 6.68 2.63 30.56
C LEU D 352 6.62 2.37 29.07
N ILE D 353 7.77 2.03 28.51
CA ILE D 353 7.82 1.50 27.16
C ILE D 353 8.41 0.08 27.24
N PRO D 354 7.94 -0.83 26.39
CA PRO D 354 8.45 -2.20 26.54
C PRO D 354 9.95 -2.32 26.37
N HIS D 355 10.57 -3.13 27.22
CA HIS D 355 11.99 -3.47 27.17
C HIS D 355 12.19 -4.85 26.57
N LYS D 356 13.44 -5.16 26.27
CA LYS D 356 13.82 -6.42 25.66
C LYS D 356 15.18 -6.95 26.13
N ALA D 357 15.22 -8.22 26.53
CA ALA D 357 16.50 -8.87 26.87
C ALA D 357 17.43 -8.96 25.65
N ASN D 358 18.59 -8.32 25.75
CA ASN D 358 19.58 -8.35 24.67
C ASN D 358 20.44 -9.58 24.72
N VAL D 359 20.38 -10.25 25.87
CA VAL D 359 21.14 -11.46 26.12
C VAL D 359 20.41 -12.35 27.12
N ASP D 360 20.78 -13.65 27.16
CA ASP D 360 20.28 -14.52 28.21
C ASP D 360 20.63 -13.88 29.55
N SER D 361 19.64 -13.80 30.45
CA SER D 361 19.86 -13.09 31.70
C SER D 361 18.93 -13.59 32.79
N SER D 362 18.75 -12.76 33.81
CA SER D 362 17.97 -13.11 34.97
C SER D 362 17.38 -11.87 35.61
N ILE D 363 16.23 -12.05 36.23
CA ILE D 363 15.53 -11.03 37.00
C ILE D 363 15.41 -11.78 38.29
N GLY D 364 16.25 -11.36 39.22
CA GLY D 364 16.33 -11.94 40.54
C GLY D 364 16.58 -13.43 40.32
N GLU D 365 15.89 -14.32 41.03
CA GLU D 365 16.03 -15.76 40.82
C GLU D 365 15.36 -16.42 39.60
N PHE D 366 14.65 -15.67 38.77
CA PHE D 366 14.14 -16.24 37.52
C PHE D 366 14.99 -15.98 36.28
N ALA D 367 15.06 -16.96 35.36
CA ALA D 367 15.90 -16.82 34.16
C ALA D 367 15.11 -16.26 33.00
N VAL D 368 15.69 -15.33 32.26
CA VAL D 368 15.03 -14.74 31.10
C VAL D 368 15.88 -14.87 29.85
N ASP D 369 15.35 -15.53 28.83
CA ASP D 369 16.05 -15.75 27.56
C ASP D 369 16.09 -14.51 26.66
N LYS D 370 17.21 -14.34 25.96
CA LYS D 370 17.38 -13.26 24.99
C LYS D 370 16.20 -13.19 24.02
N GLY D 371 15.79 -11.94 23.75
CA GLY D 371 14.73 -11.60 22.81
C GLY D 371 13.36 -11.50 23.47
N THR D 372 13.33 -11.84 24.74
CA THR D 372 12.12 -11.76 25.56
C THR D 372 11.71 -10.32 25.82
N GLU D 373 10.44 -10.02 25.58
CA GLU D 373 9.89 -8.70 25.88
C GLU D 373 9.67 -8.56 27.39
N VAL D 374 10.13 -7.47 28.01
CA VAL D 374 9.93 -7.26 29.45
C VAL D 374 9.19 -5.96 29.67
N ILE D 375 8.10 -6.05 30.41
CA ILE D 375 7.24 -4.90 30.68
C ILE D 375 7.08 -4.59 32.16
N ILE D 376 7.41 -3.36 32.52
CA ILE D 376 7.28 -2.91 33.89
C ILE D 376 5.91 -2.31 34.09
N ASN D 377 5.08 -2.96 34.90
CA ASN D 377 3.76 -2.41 35.20
C ASN D 377 3.93 -1.33 36.25
N LEU D 378 4.01 -0.10 35.79
CA LEU D 378 4.25 1.00 36.69
C LEU D 378 2.99 1.25 37.54
N TRP D 379 1.82 1.07 36.94
CA TRP D 379 0.55 1.22 37.66
C TRP D 379 0.53 0.42 38.96
N ALA D 380 0.99 -0.82 38.85
CA ALA D 380 1.07 -1.77 39.96
C ALA D 380 2.01 -1.26 41.04
N LEU D 381 3.12 -0.71 40.59
CA LEU D 381 4.13 -0.19 41.47
C LEU D 381 3.60 0.96 42.33
N HIS D 382 2.78 1.79 41.70
CA HIS D 382 2.26 3.01 42.31
C HIS D 382 1.00 2.82 43.17
N HIS D 383 0.34 1.66 43.05
CA HIS D 383 -0.88 1.39 43.80
C HIS D 383 -0.81 0.17 44.72
N ASN D 384 0.39 -0.38 44.88
CA ASN D 384 0.65 -1.45 45.85
C ASN D 384 0.27 -0.98 47.25
N GLU D 385 -0.70 -1.64 47.87
CA GLU D 385 -1.26 -1.21 49.17
C GLU D 385 -0.27 -1.39 50.29
N LYS D 386 0.64 -2.33 50.11
CA LYS D 386 1.66 -2.56 51.12
C LYS D 386 2.70 -1.46 51.02
N GLU D 387 2.72 -0.72 49.92
CA GLU D 387 3.75 0.29 49.75
C GLU D 387 3.22 1.72 49.87
N TRP D 388 1.90 1.88 49.69
CA TRP D 388 1.25 3.19 49.70
C TRP D 388 0.02 3.11 50.58
N HIS D 389 -0.16 4.07 51.47
CA HIS D 389 -1.37 4.19 52.28
C HIS D 389 -2.52 4.76 51.46
N GLN D 390 -3.57 3.96 51.26
CA GLN D 390 -4.77 4.35 50.55
C GLN D 390 -4.43 4.84 49.15
N PRO D 391 -3.82 3.97 48.35
CA PRO D 391 -3.27 4.33 47.04
C PRO D 391 -4.25 4.90 46.02
N ASP D 392 -5.56 4.67 46.18
CA ASP D 392 -6.54 5.22 45.24
C ASP D 392 -6.85 6.69 45.50
N GLN D 393 -6.56 7.13 46.73
CA GLN D 393 -6.86 8.50 47.17
C GLN D 393 -5.74 9.47 46.80
N PHE D 394 -6.17 10.68 46.47
CA PHE D 394 -5.30 11.80 46.18
C PHE D 394 -4.87 12.56 47.46
N MET D 395 -3.62 12.35 47.88
CA MET D 395 -3.08 12.88 49.13
C MET D 395 -1.65 13.44 49.00
N PRO D 396 -1.50 14.65 48.44
CA PRO D 396 -0.15 15.23 48.34
C PRO D 396 0.61 15.27 49.65
N GLU D 397 -0.15 15.25 50.74
CA GLU D 397 0.37 15.27 52.10
C GLU D 397 1.31 14.10 52.41
N ARG D 398 1.13 13.00 51.68
CA ARG D 398 1.91 11.79 51.92
C ARG D 398 3.40 11.99 51.64
N PHE D 399 3.73 12.97 50.77
CA PHE D 399 5.13 13.30 50.44
C PHE D 399 5.74 14.38 51.33
N LEU D 400 5.00 14.74 52.37
CA LEU D 400 5.45 15.72 53.36
C LEU D 400 5.51 15.14 54.76
N ASN D 401 6.45 15.61 55.58
CA ASN D 401 6.45 15.28 57.01
C ASN D 401 5.21 15.92 57.67
N PRO D 402 4.84 15.48 58.88
CA PRO D 402 3.64 16.02 59.53
C PRO D 402 3.67 17.55 59.67
N ALA D 403 4.88 18.10 59.78
CA ALA D 403 5.06 19.53 59.95
C ALA D 403 4.93 20.32 58.65
N GLY D 404 5.05 19.62 57.52
CA GLY D 404 4.97 20.25 56.22
C GLY D 404 6.21 21.03 55.82
N THR D 405 7.31 20.81 56.53
CA THR D 405 8.51 21.62 56.36
C THR D 405 9.51 21.03 55.37
N GLN D 406 9.39 19.74 55.07
CA GLN D 406 10.27 19.13 54.07
C GLN D 406 9.65 17.95 53.36
N LEU D 407 10.13 17.70 52.14
CA LEU D 407 9.70 16.55 51.37
C LEU D 407 10.38 15.26 51.84
N ILE D 408 9.65 14.17 51.74
CA ILE D 408 10.14 12.85 52.10
C ILE D 408 9.78 11.88 51.02
N SER D 409 10.39 10.70 51.09
CA SER D 409 10.11 9.61 50.17
C SER D 409 9.46 8.47 50.92
N PRO D 410 8.12 8.50 51.09
CA PRO D 410 7.57 7.46 51.97
C PRO D 410 7.79 6.05 51.38
N SER D 411 7.94 6.00 50.05
CA SER D 411 8.16 4.74 49.34
C SER D 411 9.11 4.98 48.17
N VAL D 412 9.94 3.97 47.89
CA VAL D 412 10.86 3.86 46.75
C VAL D 412 10.15 3.31 45.50
N SER D 413 8.89 2.93 45.65
CA SER D 413 8.11 2.27 44.59
C SER D 413 7.38 3.27 43.74
N TYR D 414 8.23 4.10 43.11
CA TYR D 414 7.82 5.29 42.38
C TYR D 414 8.87 5.56 41.28
N LEU D 415 8.48 5.35 40.01
CA LEU D 415 9.39 5.49 38.86
C LEU D 415 8.67 6.07 37.63
N PRO D 416 8.02 7.23 37.78
CA PRO D 416 7.28 7.87 36.70
C PRO D 416 8.12 8.19 35.46
N PHE D 417 9.42 8.38 35.65
CA PHE D 417 10.34 8.65 34.54
C PHE D 417 11.19 7.44 34.18
N GLY D 418 10.85 6.29 34.74
CA GLY D 418 11.65 5.10 34.54
C GLY D 418 12.99 5.21 35.24
N ALA D 419 13.98 4.51 34.71
CA ALA D 419 15.32 4.50 35.31
C ALA D 419 16.31 3.79 34.40
N GLY D 420 17.59 4.14 34.54
CA GLY D 420 18.61 3.38 33.83
C GLY D 420 18.86 3.82 32.41
N PRO D 421 19.62 3.01 31.66
CA PRO D 421 20.00 3.26 30.28
C PRO D 421 18.89 3.84 29.41
N ARG D 422 17.62 3.44 29.62
CA ARG D 422 16.52 3.98 28.81
C ARG D 422 15.68 4.98 29.55
N SER D 423 16.22 5.54 30.63
CA SER D 423 15.47 6.52 31.44
C SER D 423 15.11 7.79 30.65
N CYS D 424 14.08 8.49 31.10
CA CYS D 424 13.68 9.74 30.49
C CYS D 424 14.87 10.71 30.49
N ILE D 425 15.09 11.40 29.36
CA ILE D 425 16.16 12.40 29.25
C ILE D 425 15.66 13.83 29.28
N GLY D 426 14.34 13.96 29.46
CA GLY D 426 13.67 15.23 29.51
C GLY D 426 13.15 15.55 30.90
N GLU D 427 13.50 14.72 31.87
CA GLU D 427 12.95 14.86 33.22
C GLU D 427 13.10 16.25 33.79
N ILE D 428 14.32 16.79 33.73
CA ILE D 428 14.60 18.09 34.34
C ILE D 428 13.77 19.16 33.64
N LEU D 429 13.74 19.12 32.32
CA LEU D 429 12.90 20.04 31.56
C LEU D 429 11.45 19.94 32.02
N ALA D 430 10.99 18.70 32.19
CA ALA D 430 9.59 18.39 32.42
C ALA D 430 9.17 18.78 33.82
N ARG D 431 10.01 18.50 34.80
CA ARG D 431 9.69 18.92 36.17
C ARG D 431 9.55 20.42 36.30
N GLN D 432 10.45 21.14 35.64
CA GLN D 432 10.46 22.60 35.66
C GLN D 432 9.27 23.22 34.95
N GLU D 433 8.90 22.69 33.79
CA GLU D 433 7.71 23.17 33.09
C GLU D 433 6.47 23.00 33.97
N LEU D 434 6.34 21.84 34.59
CA LEU D 434 5.16 21.52 35.41
C LEU D 434 5.07 22.44 36.62
N PHE D 435 6.21 22.71 37.24
CA PHE D 435 6.20 23.49 38.46
C PHE D 435 5.84 24.95 38.17
N LEU D 436 6.53 25.51 37.18
CA LEU D 436 6.32 26.90 36.79
C LEU D 436 4.94 27.18 36.21
N ILE D 437 4.44 26.28 35.37
CA ILE D 437 3.08 26.46 34.83
C ILE D 437 2.06 26.51 35.98
N MET D 438 2.13 25.53 36.87
CA MET D 438 1.16 25.43 37.96
C MET D 438 1.30 26.58 38.93
N ALA D 439 2.53 27.05 39.13
CA ALA D 439 2.73 28.13 40.09
C ALA D 439 2.23 29.45 39.50
N TRP D 440 2.59 29.72 38.25
CA TRP D 440 2.09 30.91 37.55
C TRP D 440 0.56 30.93 37.47
N LEU D 441 -0.04 29.80 37.19
CA LEU D 441 -1.48 29.73 37.02
C LEU D 441 -2.23 29.95 38.33
N LEU D 442 -1.64 29.47 39.41
CA LEU D 442 -2.30 29.53 40.70
C LEU D 442 -2.07 30.89 41.35
N GLN D 443 -0.98 31.53 40.97
CA GLN D 443 -0.74 32.92 41.36
C GLN D 443 -1.83 33.81 40.79
N ARG D 444 -2.26 33.52 39.56
CA ARG D 444 -2.97 34.46 38.74
C ARG D 444 -4.46 34.11 38.57
N PHE D 445 -4.81 32.83 38.68
CA PHE D 445 -6.16 32.39 38.31
C PHE D 445 -6.89 31.59 39.36
N ASP D 446 -8.18 31.85 39.43
CA ASP D 446 -9.09 31.00 40.17
C ASP D 446 -9.48 29.93 39.17
N LEU D 447 -9.66 28.70 39.63
CA LEU D 447 -9.90 27.56 38.74
C LEU D 447 -11.03 26.74 39.29
N GLU D 448 -12.22 27.01 38.79
CA GLU D 448 -13.44 26.48 39.38
C GLU D 448 -14.21 25.61 38.39
N VAL D 449 -15.07 24.76 38.91
CA VAL D 449 -16.03 23.99 38.13
C VAL D 449 -16.92 24.89 37.25
N PRO D 450 -17.16 24.50 35.98
CA PRO D 450 -18.08 25.32 35.16
C PRO D 450 -19.51 25.33 35.71
N ASP D 451 -20.31 26.30 35.32
CA ASP D 451 -21.64 26.47 35.92
C ASP D 451 -22.57 25.29 35.63
N ASP D 452 -22.26 24.51 34.58
CA ASP D 452 -23.03 23.30 34.29
C ASP D 452 -22.81 22.24 35.39
N GLY D 453 -21.78 22.44 36.21
CA GLY D 453 -21.56 21.61 37.38
C GLY D 453 -20.82 20.31 37.14
N GLN D 454 -20.41 20.06 35.89
CA GLN D 454 -19.79 18.80 35.53
C GLN D 454 -18.31 18.77 35.86
N LEU D 455 -17.92 17.73 36.59
CA LEU D 455 -16.53 17.45 36.98
C LEU D 455 -15.87 16.62 35.88
N PRO D 456 -14.54 16.72 35.75
CA PRO D 456 -13.87 15.85 34.79
C PRO D 456 -13.77 14.42 35.28
N SER D 457 -14.00 13.46 34.39
CA SER D 457 -13.80 12.05 34.71
C SER D 457 -12.33 11.87 35.02
N LEU D 458 -12.00 11.00 35.96
CA LEU D 458 -10.60 10.71 36.22
C LEU D 458 -10.27 9.28 35.82
N GLU D 459 -11.22 8.60 35.18
CA GLU D 459 -11.00 7.22 34.79
C GLU D 459 -9.85 7.17 33.80
N GLY D 460 -9.84 8.12 32.87
CA GLY D 460 -8.72 8.25 31.95
C GLY D 460 -8.87 7.33 30.75
N ILE D 461 -7.92 7.46 29.83
CA ILE D 461 -7.96 6.75 28.54
C ILE D 461 -6.57 6.32 28.12
N PRO D 462 -6.25 5.03 28.32
CA PRO D 462 -4.90 4.51 28.12
C PRO D 462 -4.54 4.31 26.65
N LYS D 463 -3.46 4.96 26.27
CA LYS D 463 -2.85 4.88 24.95
C LYS D 463 -1.39 4.77 25.20
N VAL D 464 -0.60 5.12 24.20
CA VAL D 464 0.84 5.16 24.40
C VAL D 464 1.13 6.14 25.53
N VAL D 465 0.21 7.07 25.73
CA VAL D 465 0.22 8.03 26.83
C VAL D 465 -1.11 7.96 27.55
N PHE D 466 -1.07 8.10 28.87
CA PHE D 466 -2.29 8.05 29.64
C PHE D 466 -3.04 9.40 29.63
N LEU D 467 -4.12 9.43 28.85
CA LEU D 467 -4.85 10.65 28.56
C LEU D 467 -6.08 10.79 29.44
N ILE D 468 -6.43 12.02 29.79
CA ILE D 468 -7.71 12.27 30.45
C ILE D 468 -8.72 12.70 29.41
N ASP D 469 -9.98 12.36 29.62
CA ASP D 469 -11.04 12.83 28.74
C ASP D 469 -11.06 14.34 28.82
N SER D 470 -11.30 14.99 27.69
CA SER D 470 -11.38 16.45 27.65
C SER D 470 -12.49 17.01 28.49
N PHE D 471 -12.26 18.20 29.03
CA PHE D 471 -13.18 18.86 29.96
C PHE D 471 -13.00 20.38 30.02
N LYS D 472 -13.99 21.07 30.60
CA LYS D 472 -13.93 22.51 30.68
C LYS D 472 -13.66 23.01 32.07
N VAL D 473 -13.11 24.21 32.15
CA VAL D 473 -12.86 24.87 33.42
C VAL D 473 -13.31 26.31 33.35
N LYS D 474 -14.01 26.76 34.39
CA LYS D 474 -14.34 28.17 34.50
C LYS D 474 -13.09 28.87 35.00
N ILE D 475 -12.64 29.87 34.26
CA ILE D 475 -11.39 30.55 34.59
C ILE D 475 -11.63 32.04 34.80
N LYS D 476 -11.16 32.58 35.91
CA LYS D 476 -11.25 34.02 36.16
C LYS D 476 -9.92 34.46 36.74
N VAL D 477 -9.51 35.70 36.44
CA VAL D 477 -8.37 36.29 37.13
C VAL D 477 -8.71 36.59 38.58
N ARG D 478 -7.78 36.30 39.47
CA ARG D 478 -8.06 36.39 40.90
C ARG D 478 -8.27 37.84 41.31
N GLN D 479 -9.03 38.02 42.39
CA GLN D 479 -9.22 39.35 42.96
C GLN D 479 -7.87 39.88 43.42
N ALA D 480 -7.10 39.01 44.07
CA ALA D 480 -5.81 39.38 44.64
C ALA D 480 -4.80 39.79 43.57
N TRP D 481 -4.75 39.10 42.44
CA TRP D 481 -3.79 39.46 41.40
C TRP D 481 -4.04 40.86 40.84
N ARG D 482 -5.30 41.25 40.81
CA ARG D 482 -5.70 42.52 40.21
C ARG D 482 -5.32 43.63 41.19
N GLU D 483 -5.80 43.49 42.43
CA GLU D 483 -5.54 44.47 43.46
C GLU D 483 -4.04 44.70 43.68
N ALA D 484 -3.20 43.75 43.28
CA ALA D 484 -1.77 43.99 43.39
C ALA D 484 -1.19 44.66 42.14
N GLN D 485 -1.99 45.49 41.47
CA GLN D 485 -1.52 46.25 40.31
C GLN D 485 -1.97 47.74 40.32
#